data_2RSQ
#
_entry.id   2RSQ
#
loop_
_entity.id
_entity.type
_entity.pdbx_description
1 polymer 'Copper chaperone for superoxide dismutase'
2 non-polymer 'COPPER (I) ION'
#
_entity_poly.entity_id   1
_entity_poly.type   'polypeptide(L)'
_entity_poly.pdbx_seq_one_letter_code
;GSFTMASDSGNQGTLCTLEFAVQMTCQSCVDAVRKSLQGVAGVQDVEVHLEDQMVLVHTTLPSQEVQALLEGTGRQAVLK
GMGSGQLQN
;
_entity_poly.pdbx_strand_id   A
#
# COMPACT_ATOMS: atom_id res chain seq x y z
N GLY A 13 8.12 -13.35 9.59
CA GLY A 13 6.93 -12.73 9.05
C GLY A 13 6.45 -13.54 7.84
N THR A 14 5.15 -13.80 7.72
CA THR A 14 4.56 -14.58 6.63
C THR A 14 3.63 -13.74 5.75
N LEU A 15 3.49 -14.18 4.52
CA LEU A 15 2.77 -13.48 3.46
C LEU A 15 1.27 -13.41 3.79
N CYS A 16 0.72 -12.20 3.67
CA CYS A 16 -0.68 -11.83 3.89
C CYS A 16 -1.02 -10.60 3.03
N THR A 17 -2.30 -10.40 2.74
CA THR A 17 -2.78 -9.18 2.08
C THR A 17 -3.19 -8.13 3.12
N LEU A 18 -2.52 -6.98 3.12
CA LEU A 18 -2.90 -5.79 3.89
C LEU A 18 -3.78 -4.87 3.03
N GLU A 19 -4.96 -4.48 3.53
CA GLU A 19 -5.95 -3.65 2.82
C GLU A 19 -6.04 -2.24 3.42
N PHE A 20 -5.27 -1.29 2.90
CA PHE A 20 -5.14 0.08 3.45
C PHE A 20 -6.01 1.10 2.72
N ALA A 21 -6.54 2.07 3.46
CA ALA A 21 -7.18 3.29 2.96
C ALA A 21 -6.18 4.47 2.89
N VAL A 22 -6.15 5.23 1.79
CA VAL A 22 -5.15 6.29 1.54
C VAL A 22 -5.73 7.56 0.91
N GLN A 23 -4.94 8.64 0.96
CA GLN A 23 -5.26 9.96 0.41
C GLN A 23 -4.68 10.13 -1.02
N MET A 24 -5.50 9.84 -2.05
CA MET A 24 -5.26 10.24 -3.45
C MET A 24 -6.58 10.39 -4.25
N THR A 25 -6.52 11.12 -5.39
CA THR A 25 -7.67 11.52 -6.23
C THR A 25 -7.45 11.45 -7.75
N CYS A 26 -6.21 11.43 -8.25
CA CYS A 26 -5.90 11.37 -9.68
C CYS A 26 -4.85 10.29 -10.04
N GLN A 27 -4.87 9.84 -11.30
CA GLN A 27 -4.18 8.65 -11.80
C GLN A 27 -2.64 8.65 -11.62
N SER A 28 -2.00 9.83 -11.57
CA SER A 28 -0.54 9.93 -11.38
C SER A 28 -0.07 9.53 -9.97
N CYS A 29 -0.91 9.71 -8.95
CA CYS A 29 -0.55 9.45 -7.56
C CYS A 29 -0.66 7.94 -7.24
N VAL A 30 -1.70 7.28 -7.74
CA VAL A 30 -1.91 5.80 -7.80
C VAL A 30 -0.64 5.12 -8.29
N ASP A 31 -0.14 5.55 -9.45
CA ASP A 31 1.08 5.05 -10.06
C ASP A 31 2.34 5.38 -9.26
N ALA A 32 2.35 6.52 -8.56
CA ALA A 32 3.44 6.87 -7.67
C ALA A 32 3.48 5.99 -6.42
N VAL A 33 2.32 5.63 -5.84
CA VAL A 33 2.29 4.65 -4.76
C VAL A 33 2.71 3.27 -5.27
N ARG A 34 2.19 2.82 -6.42
CA ARG A 34 2.54 1.52 -7.03
C ARG A 34 4.05 1.41 -7.26
N LYS A 35 4.72 2.49 -7.69
CA LYS A 35 6.17 2.47 -7.99
C LYS A 35 7.08 2.75 -6.79
N SER A 36 6.58 3.37 -5.73
CA SER A 36 7.22 3.31 -4.41
C SER A 36 7.12 1.90 -3.78
N LEU A 37 6.00 1.18 -4.01
CA LEU A 37 5.77 -0.20 -3.58
C LEU A 37 6.56 -1.25 -4.37
N GLN A 38 6.70 -1.05 -5.68
CA GLN A 38 7.34 -2.01 -6.59
C GLN A 38 8.82 -2.18 -6.28
N GLY A 39 9.25 -3.44 -6.24
CA GLY A 39 10.62 -3.87 -5.96
C GLY A 39 11.05 -3.84 -4.50
N VAL A 40 10.15 -3.61 -3.52
CA VAL A 40 10.47 -3.58 -2.09
C VAL A 40 10.66 -4.99 -1.56
N ALA A 41 11.70 -5.14 -0.75
CA ALA A 41 12.07 -6.39 -0.09
C ALA A 41 11.00 -6.81 0.93
N GLY A 42 10.36 -7.96 0.70
CA GLY A 42 9.24 -8.49 1.49
C GLY A 42 7.87 -8.26 0.86
N VAL A 43 7.76 -7.62 -0.32
CA VAL A 43 6.53 -7.50 -1.10
C VAL A 43 6.52 -8.53 -2.23
N GLN A 44 5.50 -9.39 -2.27
CA GLN A 44 5.22 -10.26 -3.41
C GLN A 44 4.59 -9.47 -4.56
N ASP A 45 3.49 -8.79 -4.26
CA ASP A 45 2.56 -8.19 -5.22
C ASP A 45 1.74 -7.06 -4.56
N VAL A 46 1.05 -6.29 -5.39
CA VAL A 46 0.18 -5.18 -5.00
C VAL A 46 -1.04 -5.08 -5.92
N GLU A 47 -2.11 -4.42 -5.47
CA GLU A 47 -3.27 -4.08 -6.29
C GLU A 47 -3.87 -2.77 -5.75
N VAL A 48 -3.91 -1.72 -6.57
CA VAL A 48 -4.22 -0.34 -6.12
C VAL A 48 -5.50 0.16 -6.76
N HIS A 49 -6.41 0.59 -5.90
CA HIS A 49 -7.81 0.86 -6.18
C HIS A 49 -8.11 2.33 -5.91
N LEU A 50 -7.86 3.20 -6.90
CA LEU A 50 -8.19 4.61 -6.82
C LEU A 50 -9.71 4.83 -6.60
N GLU A 51 -10.51 3.91 -7.13
CA GLU A 51 -11.98 3.91 -7.04
C GLU A 51 -12.51 3.66 -5.62
N ASP A 52 -11.79 2.93 -4.76
CA ASP A 52 -12.07 2.82 -3.31
C ASP A 52 -11.13 3.69 -2.45
N GLN A 53 -10.17 4.37 -3.09
CA GLN A 53 -8.96 4.95 -2.50
C GLN A 53 -8.23 3.94 -1.60
N MET A 54 -8.15 2.69 -2.04
CA MET A 54 -7.59 1.56 -1.29
C MET A 54 -6.30 1.04 -1.93
N VAL A 55 -5.44 0.43 -1.12
CA VAL A 55 -4.18 -0.19 -1.55
C VAL A 55 -4.11 -1.59 -0.94
N LEU A 56 -4.00 -2.62 -1.79
CA LEU A 56 -3.68 -3.98 -1.38
C LEU A 56 -2.18 -4.22 -1.52
N VAL A 57 -1.58 -4.78 -0.48
CA VAL A 57 -0.15 -5.07 -0.41
C VAL A 57 0.03 -6.50 0.10
N HIS A 58 0.42 -7.39 -0.80
CA HIS A 58 0.74 -8.79 -0.53
C HIS A 58 2.18 -8.88 0.01
N THR A 59 2.36 -8.98 1.34
CA THR A 59 3.67 -8.76 1.97
C THR A 59 3.88 -9.52 3.29
N THR A 60 5.14 -9.82 3.62
CA THR A 60 5.57 -10.38 4.92
C THR A 60 5.94 -9.31 5.97
N LEU A 61 5.92 -8.03 5.59
CA LEU A 61 6.24 -6.88 6.46
C LEU A 61 5.15 -6.64 7.53
N PRO A 62 5.47 -6.00 8.68
CA PRO A 62 4.48 -5.61 9.68
C PRO A 62 3.69 -4.42 9.13
N SER A 63 2.37 -4.33 9.36
CA SER A 63 1.56 -3.24 8.81
C SER A 63 1.96 -1.85 9.35
N GLN A 64 2.57 -1.79 10.55
CA GLN A 64 3.24 -0.59 11.05
C GLN A 64 4.33 -0.09 10.09
N GLU A 65 5.09 -1.00 9.47
CA GLU A 65 6.15 -0.68 8.53
C GLU A 65 5.56 -0.23 7.18
N VAL A 66 4.55 -0.94 6.68
CA VAL A 66 3.89 -0.62 5.41
C VAL A 66 3.16 0.72 5.50
N GLN A 67 2.51 1.06 6.62
CA GLN A 67 1.99 2.40 6.87
C GLN A 67 3.09 3.46 6.72
N ALA A 68 4.27 3.29 7.30
CA ALA A 68 5.33 4.29 7.21
C ALA A 68 6.00 4.30 5.82
N LEU A 69 5.92 3.20 5.09
CA LEU A 69 6.32 3.09 3.68
C LEU A 69 5.35 3.81 2.73
N LEU A 70 4.04 3.60 2.92
CA LEU A 70 2.95 4.29 2.22
C LEU A 70 2.98 5.80 2.51
N GLU A 71 3.21 6.19 3.76
CA GLU A 71 3.46 7.57 4.19
C GLU A 71 4.64 8.24 3.45
N GLY A 72 5.62 7.45 3.02
CA GLY A 72 6.75 7.87 2.17
C GLY A 72 6.38 8.25 0.72
N THR A 73 5.09 8.15 0.35
CA THR A 73 4.53 8.54 -0.97
C THR A 73 3.81 9.91 -0.93
N GLY A 74 3.96 10.67 0.17
CA GLY A 74 3.58 12.09 0.28
C GLY A 74 2.18 12.36 0.83
N ARG A 75 1.56 11.33 1.41
CA ARG A 75 0.14 11.22 1.75
C ARG A 75 -0.09 10.37 2.98
N GLN A 76 -1.26 10.52 3.59
CA GLN A 76 -1.69 9.69 4.72
C GLN A 76 -2.25 8.33 4.26
N ALA A 77 -2.12 7.37 5.18
CA ALA A 77 -2.41 5.94 5.06
C ALA A 77 -2.97 5.43 6.41
N VAL A 78 -4.10 4.72 6.35
CA VAL A 78 -4.82 4.11 7.49
C VAL A 78 -5.23 2.71 7.10
N LEU A 79 -4.86 1.72 7.90
CA LEU A 79 -5.25 0.33 7.66
C LEU A 79 -6.72 0.06 8.01
N LYS A 80 -7.33 -0.83 7.22
CA LYS A 80 -8.70 -1.31 7.43
C LYS A 80 -8.75 -2.75 7.97
N GLY A 81 -7.83 -3.60 7.49
CA GLY A 81 -7.55 -4.93 8.03
C GLY A 81 -6.78 -5.79 7.03
N MET A 82 -6.87 -7.11 7.20
CA MET A 82 -6.19 -8.11 6.39
C MET A 82 -7.19 -8.91 5.53
N GLY A 83 -6.76 -9.35 4.36
CA GLY A 83 -7.64 -9.99 3.36
C GLY A 83 -8.08 -11.40 3.73
N GLY A 13 8.09 -12.70 9.90
CA GLY A 13 7.18 -12.31 8.83
C GLY A 13 6.78 -13.50 7.96
N THR A 14 5.49 -13.62 7.69
CA THR A 14 4.89 -14.57 6.74
C THR A 14 3.79 -13.91 5.92
N LEU A 15 3.51 -14.45 4.74
CA LEU A 15 2.80 -13.74 3.67
C LEU A 15 1.30 -13.60 3.96
N CYS A 16 0.85 -12.36 3.89
CA CYS A 16 -0.49 -11.87 4.20
C CYS A 16 -0.86 -10.69 3.28
N THR A 17 -2.15 -10.43 3.08
CA THR A 17 -2.63 -9.26 2.32
C THR A 17 -3.04 -8.16 3.29
N LEU A 18 -2.41 -6.99 3.21
CA LEU A 18 -2.81 -5.79 3.95
C LEU A 18 -3.67 -4.89 3.04
N GLU A 19 -4.88 -4.52 3.48
CA GLU A 19 -5.84 -3.70 2.74
C GLU A 19 -5.99 -2.30 3.38
N PHE A 20 -5.17 -1.34 2.93
CA PHE A 20 -5.05 0.00 3.52
C PHE A 20 -5.90 1.05 2.80
N ALA A 21 -6.41 2.01 3.57
CA ALA A 21 -6.92 3.28 3.04
C ALA A 21 -5.78 4.32 2.91
N VAL A 22 -5.78 5.14 1.85
CA VAL A 22 -4.74 6.16 1.57
C VAL A 22 -5.31 7.41 0.91
N GLN A 23 -4.61 8.55 1.03
CA GLN A 23 -5.04 9.80 0.38
C GLN A 23 -4.37 9.99 -0.99
N MET A 24 -5.05 9.52 -2.04
CA MET A 24 -4.84 9.85 -3.47
C MET A 24 -6.17 9.68 -4.23
N THR A 25 -6.44 10.45 -5.29
CA THR A 25 -7.74 10.37 -6.02
C THR A 25 -7.70 10.77 -7.51
N CYS A 26 -6.51 11.00 -8.07
CA CYS A 26 -6.28 11.22 -9.51
C CYS A 26 -5.06 10.43 -10.10
N GLN A 27 -5.03 10.26 -11.42
CA GLN A 27 -4.30 9.21 -12.18
C GLN A 27 -2.77 9.21 -12.06
N SER A 28 -2.09 10.36 -12.00
CA SER A 28 -0.62 10.40 -11.87
C SER A 28 -0.11 10.02 -10.47
N CYS A 29 -0.97 10.08 -9.45
CA CYS A 29 -0.64 9.70 -8.09
C CYS A 29 -0.76 8.16 -7.88
N VAL A 30 -1.68 7.52 -8.59
CA VAL A 30 -1.86 6.06 -8.66
C VAL A 30 -0.57 5.38 -9.08
N ASP A 31 0.00 5.83 -10.21
CA ASP A 31 1.31 5.41 -10.70
C ASP A 31 2.40 5.70 -9.66
N ALA A 32 2.34 6.85 -8.97
CA ALA A 32 3.38 7.21 -8.01
C ALA A 32 3.38 6.31 -6.77
N VAL A 33 2.19 5.96 -6.26
CA VAL A 33 2.07 5.13 -5.08
C VAL A 33 2.37 3.67 -5.45
N ARG A 34 1.89 3.18 -6.60
CA ARG A 34 2.22 1.85 -7.17
C ARG A 34 3.73 1.68 -7.36
N LYS A 35 4.45 2.72 -7.79
CA LYS A 35 5.89 2.62 -8.08
C LYS A 35 6.82 2.92 -6.90
N SER A 36 6.33 3.57 -5.85
CA SER A 36 6.94 3.47 -4.50
C SER A 36 6.70 2.09 -3.87
N LEU A 37 5.55 1.45 -4.12
CA LEU A 37 5.20 0.09 -3.67
C LEU A 37 5.98 -1.03 -4.40
N GLN A 38 6.24 -0.86 -5.69
CA GLN A 38 6.93 -1.84 -6.52
C GLN A 38 8.40 -1.99 -6.12
N GLY A 39 8.78 -3.24 -5.89
CA GLY A 39 10.11 -3.63 -5.42
C GLY A 39 10.38 -3.39 -3.93
N VAL A 40 9.36 -3.30 -3.07
CA VAL A 40 9.50 -3.26 -1.61
C VAL A 40 10.08 -4.57 -1.10
N ALA A 41 11.04 -4.46 -0.20
CA ALA A 41 11.65 -5.59 0.50
C ALA A 41 10.60 -6.30 1.37
N GLY A 42 10.24 -7.55 1.02
CA GLY A 42 9.20 -8.35 1.67
C GLY A 42 7.86 -8.37 0.94
N VAL A 43 7.74 -7.81 -0.28
CA VAL A 43 6.51 -7.90 -1.10
C VAL A 43 6.56 -9.07 -2.09
N GLN A 44 5.40 -9.68 -2.36
CA GLN A 44 5.14 -10.60 -3.48
C GLN A 44 4.32 -9.94 -4.60
N ASP A 45 3.23 -9.25 -4.24
CA ASP A 45 2.25 -8.68 -5.16
C ASP A 45 1.65 -7.40 -4.56
N VAL A 46 1.11 -6.54 -5.41
CA VAL A 46 0.33 -5.34 -5.06
C VAL A 46 -0.82 -5.10 -6.04
N GLU A 47 -1.86 -4.40 -5.59
CA GLU A 47 -2.89 -3.79 -6.42
C GLU A 47 -3.35 -2.46 -5.81
N VAL A 48 -3.62 -1.46 -6.64
CA VAL A 48 -4.24 -0.19 -6.22
C VAL A 48 -5.66 -0.09 -6.71
N HIS A 49 -6.54 0.37 -5.81
CA HIS A 49 -7.90 0.74 -6.11
C HIS A 49 -8.11 2.22 -5.82
N LEU A 50 -7.77 3.08 -6.78
CA LEU A 50 -8.06 4.51 -6.76
C LEU A 50 -9.57 4.75 -6.63
N GLU A 51 -10.38 3.87 -7.22
CA GLU A 51 -11.84 3.82 -7.12
C GLU A 51 -12.35 3.73 -5.67
N ASP A 52 -11.59 3.10 -4.77
CA ASP A 52 -11.87 3.02 -3.34
C ASP A 52 -10.94 3.94 -2.50
N GLN A 53 -9.91 4.53 -3.11
CA GLN A 53 -8.69 5.03 -2.45
C GLN A 53 -8.03 3.99 -1.53
N MET A 54 -8.05 2.72 -1.95
CA MET A 54 -7.55 1.57 -1.21
C MET A 54 -6.32 0.94 -1.89
N VAL A 55 -5.50 0.26 -1.10
CA VAL A 55 -4.30 -0.44 -1.55
C VAL A 55 -4.24 -1.86 -0.99
N LEU A 56 -3.93 -2.83 -1.84
CA LEU A 56 -3.62 -4.21 -1.48
C LEU A 56 -2.12 -4.45 -1.60
N VAL A 57 -1.53 -4.98 -0.54
CA VAL A 57 -0.10 -5.25 -0.45
C VAL A 57 0.08 -6.66 0.12
N HIS A 58 0.46 -7.59 -0.75
CA HIS A 58 0.71 -9.01 -0.43
C HIS A 58 2.17 -9.14 0.08
N THR A 59 2.38 -9.19 1.40
CA THR A 59 3.70 -8.98 2.03
C THR A 59 3.90 -9.72 3.36
N THR A 60 5.15 -10.01 3.71
CA THR A 60 5.57 -10.56 5.02
C THR A 60 5.79 -9.48 6.09
N LEU A 61 5.71 -8.20 5.74
CA LEU A 61 5.95 -7.07 6.65
C LEU A 61 4.79 -6.86 7.64
N PRO A 62 5.04 -6.33 8.86
CA PRO A 62 3.99 -5.84 9.75
C PRO A 62 3.45 -4.52 9.16
N SER A 63 2.15 -4.27 9.26
CA SER A 63 1.55 -3.00 8.80
C SER A 63 2.15 -1.76 9.48
N GLN A 64 2.82 -1.92 10.62
CA GLN A 64 3.62 -0.86 11.26
C GLN A 64 4.74 -0.31 10.35
N GLU A 65 5.36 -1.15 9.51
CA GLU A 65 6.30 -0.67 8.48
C GLU A 65 5.56 -0.22 7.23
N VAL A 66 4.60 -1.01 6.75
CA VAL A 66 3.93 -0.74 5.48
C VAL A 66 3.18 0.59 5.54
N GLN A 67 2.56 0.95 6.67
CA GLN A 67 2.00 2.28 6.89
C GLN A 67 3.05 3.38 6.74
N ALA A 68 4.26 3.18 7.26
CA ALA A 68 5.33 4.17 7.18
C ALA A 68 5.97 4.21 5.77
N LEU A 69 5.94 3.09 5.05
CA LEU A 69 6.39 2.93 3.66
C LEU A 69 5.42 3.62 2.69
N LEU A 70 4.11 3.43 2.90
CA LEU A 70 3.00 4.14 2.26
C LEU A 70 3.05 5.65 2.56
N GLU A 71 3.26 6.05 3.81
CA GLU A 71 3.48 7.45 4.22
C GLU A 71 4.70 8.11 3.53
N GLY A 72 5.68 7.30 3.09
CA GLY A 72 6.80 7.72 2.24
C GLY A 72 6.40 8.21 0.83
N THR A 73 5.15 7.99 0.41
CA THR A 73 4.57 8.55 -0.82
C THR A 73 4.03 9.97 -0.64
N GLY A 74 4.21 10.58 0.55
CA GLY A 74 3.83 11.97 0.85
C GLY A 74 2.35 12.18 1.18
N ARG A 75 1.68 11.13 1.67
CA ARG A 75 0.23 10.99 1.83
C ARG A 75 -0.10 10.32 3.16
N GLN A 76 -1.34 10.49 3.63
CA GLN A 76 -1.89 9.65 4.69
C GLN A 76 -2.11 8.21 4.21
N ALA A 77 -1.98 7.31 5.18
CA ALA A 77 -2.13 5.86 5.09
C ALA A 77 -2.63 5.31 6.43
N VAL A 78 -3.77 4.61 6.39
CA VAL A 78 -4.48 4.07 7.57
C VAL A 78 -5.01 2.68 7.22
N LEU A 79 -4.64 1.68 8.03
CA LEU A 79 -5.08 0.31 7.79
C LEU A 79 -6.53 0.08 8.20
N LYS A 80 -7.22 -0.71 7.37
CA LYS A 80 -8.62 -1.10 7.55
C LYS A 80 -8.79 -2.58 7.92
N GLY A 81 -7.90 -3.44 7.44
CA GLY A 81 -7.71 -4.82 7.90
C GLY A 81 -6.94 -5.65 6.87
N MET A 82 -7.00 -6.97 7.02
CA MET A 82 -6.32 -7.93 6.17
C MET A 82 -7.26 -8.58 5.15
N GLY A 83 -6.71 -8.91 4.00
CA GLY A 83 -7.41 -9.39 2.80
C GLY A 83 -7.74 -10.88 2.78
N GLY A 13 8.70 -11.31 8.67
CA GLY A 13 7.55 -12.09 9.11
C GLY A 13 7.07 -13.14 8.08
N THR A 14 5.76 -13.15 7.83
CA THR A 14 5.09 -14.05 6.88
C THR A 14 4.05 -13.34 6.01
N LEU A 15 3.90 -13.82 4.77
CA LEU A 15 3.16 -13.16 3.70
C LEU A 15 1.66 -13.11 4.00
N CYS A 16 1.10 -11.91 3.86
CA CYS A 16 -0.27 -11.55 4.20
C CYS A 16 -0.77 -10.42 3.27
N THR A 17 -2.05 -10.45 2.89
CA THR A 17 -2.76 -9.32 2.24
C THR A 17 -3.15 -8.26 3.28
N LEU A 18 -2.60 -7.05 3.15
CA LEU A 18 -3.01 -5.88 3.94
C LEU A 18 -3.84 -4.93 3.05
N GLU A 19 -4.99 -4.49 3.56
CA GLU A 19 -5.92 -3.57 2.89
C GLU A 19 -5.82 -2.15 3.48
N PHE A 20 -5.20 -1.22 2.76
CA PHE A 20 -5.00 0.16 3.24
C PHE A 20 -5.93 1.17 2.56
N ALA A 21 -6.44 2.11 3.33
CA ALA A 21 -7.08 3.34 2.87
C ALA A 21 -6.04 4.48 2.87
N VAL A 22 -5.82 5.10 1.71
CA VAL A 22 -4.77 6.12 1.47
C VAL A 22 -5.33 7.28 0.67
N GLN A 23 -4.90 8.51 0.96
CA GLN A 23 -5.48 9.70 0.33
C GLN A 23 -4.87 9.95 -1.06
N MET A 24 -5.52 9.43 -2.12
CA MET A 24 -5.22 9.75 -3.54
C MET A 24 -6.48 9.70 -4.42
N THR A 25 -6.54 10.55 -5.47
CA THR A 25 -7.70 10.67 -6.37
C THR A 25 -7.40 11.10 -7.83
N CYS A 26 -6.14 11.38 -8.21
CA CYS A 26 -5.71 11.55 -9.61
C CYS A 26 -4.59 10.58 -10.05
N GLN A 27 -4.42 10.40 -11.38
CA GLN A 27 -3.68 9.28 -12.00
C GLN A 27 -2.17 9.24 -11.67
N SER A 28 -1.58 10.37 -11.31
CA SER A 28 -0.16 10.52 -10.94
C SER A 28 0.16 10.08 -9.51
N CYS A 29 -0.83 9.97 -8.64
CA CYS A 29 -0.67 9.42 -7.30
C CYS A 29 -0.68 7.86 -7.35
N VAL A 30 -1.62 7.29 -8.10
CA VAL A 30 -1.77 5.84 -8.38
C VAL A 30 -0.43 5.21 -8.74
N ASP A 31 0.24 5.75 -9.75
CA ASP A 31 1.56 5.29 -10.20
C ASP A 31 2.63 5.45 -9.13
N ALA A 32 2.54 6.53 -8.34
CA ALA A 32 3.56 6.84 -7.33
C ALA A 32 3.46 5.90 -6.13
N VAL A 33 2.24 5.66 -5.61
CA VAL A 33 2.04 4.72 -4.52
C VAL A 33 2.31 3.29 -4.98
N ARG A 34 1.97 2.90 -6.23
CA ARG A 34 2.35 1.60 -6.82
C ARG A 34 3.87 1.42 -6.83
N LYS A 35 4.62 2.46 -7.19
CA LYS A 35 6.09 2.41 -7.34
C LYS A 35 6.85 2.43 -6.02
N SER A 36 6.21 2.91 -4.95
CA SER A 36 6.67 2.67 -3.57
C SER A 36 6.39 1.25 -3.04
N LEU A 37 5.83 0.35 -3.87
CA LEU A 37 5.64 -1.08 -3.58
C LEU A 37 6.42 -1.96 -4.59
N GLN A 38 6.49 -1.52 -5.86
CA GLN A 38 7.13 -2.26 -6.95
C GLN A 38 8.62 -2.49 -6.68
N GLY A 39 9.01 -3.76 -6.76
CA GLY A 39 10.36 -4.26 -6.50
C GLY A 39 10.84 -4.19 -5.04
N VAL A 40 9.97 -3.87 -4.07
CA VAL A 40 10.35 -3.68 -2.67
C VAL A 40 10.53 -5.03 -1.99
N ALA A 41 11.67 -5.19 -1.32
CA ALA A 41 12.02 -6.39 -0.56
C ALA A 41 10.99 -6.65 0.55
N GLY A 42 10.32 -7.80 0.48
CA GLY A 42 9.21 -8.20 1.36
C GLY A 42 7.82 -8.03 0.76
N VAL A 43 7.70 -7.50 -0.47
CA VAL A 43 6.43 -7.41 -1.23
C VAL A 43 6.42 -8.46 -2.35
N GLN A 44 5.32 -9.23 -2.45
CA GLN A 44 5.13 -10.27 -3.47
C GLN A 44 4.12 -9.86 -4.56
N ASP A 45 2.99 -9.27 -4.19
CA ASP A 45 1.93 -8.82 -5.10
C ASP A 45 1.27 -7.54 -4.55
N VAL A 46 0.60 -6.79 -5.42
CA VAL A 46 -0.18 -5.58 -5.12
C VAL A 46 -1.42 -5.43 -6.01
N GLU A 47 -2.42 -4.66 -5.57
CA GLU A 47 -3.52 -4.18 -6.41
C GLU A 47 -4.01 -2.81 -5.90
N VAL A 48 -3.97 -1.77 -6.75
CA VAL A 48 -4.48 -0.42 -6.40
C VAL A 48 -5.89 -0.20 -6.94
N HIS A 49 -6.74 0.39 -6.09
CA HIS A 49 -8.07 0.88 -6.44
C HIS A 49 -8.17 2.39 -6.14
N LEU A 50 -7.94 3.23 -7.15
CA LEU A 50 -8.04 4.69 -7.05
C LEU A 50 -9.48 5.14 -6.77
N GLU A 51 -10.45 4.42 -7.34
CA GLU A 51 -11.88 4.62 -7.13
C GLU A 51 -12.36 4.30 -5.71
N ASP A 52 -11.72 3.38 -5.00
CA ASP A 52 -11.94 3.12 -3.59
C ASP A 52 -11.02 3.97 -2.67
N GLN A 53 -10.02 4.66 -3.25
CA GLN A 53 -8.85 5.22 -2.55
C GLN A 53 -8.16 4.18 -1.66
N MET A 54 -8.07 2.94 -2.16
CA MET A 54 -7.64 1.75 -1.43
C MET A 54 -6.47 1.04 -2.13
N VAL A 55 -5.63 0.35 -1.36
CA VAL A 55 -4.48 -0.41 -1.86
C VAL A 55 -4.36 -1.76 -1.15
N LEU A 56 -4.25 -2.83 -1.93
CA LEU A 56 -3.89 -4.17 -1.51
C LEU A 56 -2.38 -4.34 -1.61
N VAL A 57 -1.77 -4.85 -0.54
CA VAL A 57 -0.33 -5.09 -0.45
C VAL A 57 -0.12 -6.49 0.12
N HIS A 58 0.33 -7.42 -0.71
CA HIS A 58 0.64 -8.80 -0.32
C HIS A 58 2.11 -8.85 0.14
N THR A 59 2.36 -8.81 1.45
CA THR A 59 3.70 -8.53 2.02
C THR A 59 3.97 -9.25 3.36
N THR A 60 5.25 -9.53 3.63
CA THR A 60 5.73 -10.15 4.89
C THR A 60 5.96 -9.15 6.02
N LEU A 61 6.04 -7.86 5.70
CA LEU A 61 6.35 -6.76 6.64
C LEU A 61 5.20 -6.52 7.64
N PRO A 62 5.46 -5.96 8.85
CA PRO A 62 4.42 -5.63 9.81
C PRO A 62 3.61 -4.44 9.30
N SER A 63 2.30 -4.40 9.55
CA SER A 63 1.44 -3.36 8.95
C SER A 63 1.84 -1.93 9.36
N GLN A 64 2.50 -1.77 10.51
CA GLN A 64 3.09 -0.49 10.96
C GLN A 64 4.28 -0.04 10.08
N GLU A 65 5.06 -0.99 9.54
CA GLU A 65 6.18 -0.70 8.63
C GLU A 65 5.66 -0.27 7.26
N VAL A 66 4.62 -0.96 6.76
CA VAL A 66 3.97 -0.66 5.49
C VAL A 66 3.21 0.66 5.55
N GLN A 67 2.52 0.95 6.67
CA GLN A 67 1.83 2.23 6.87
C GLN A 67 2.78 3.41 6.69
N ALA A 68 3.97 3.34 7.28
CA ALA A 68 4.95 4.42 7.18
C ALA A 68 5.68 4.41 5.82
N LEU A 69 5.79 3.24 5.16
CA LEU A 69 6.27 3.14 3.78
C LEU A 69 5.31 3.83 2.79
N LEU A 70 4.00 3.59 2.95
CA LEU A 70 2.90 4.22 2.22
C LEU A 70 2.82 5.72 2.53
N GLU A 71 3.00 6.12 3.79
CA GLU A 71 3.06 7.53 4.20
C GLU A 71 4.24 8.29 3.57
N GLY A 72 5.38 7.62 3.36
CA GLY A 72 6.55 8.16 2.64
C GLY A 72 6.33 8.41 1.14
N THR A 73 5.15 8.08 0.59
CA THR A 73 4.72 8.50 -0.75
C THR A 73 4.19 9.94 -0.76
N GLY A 74 4.04 10.59 0.41
CA GLY A 74 3.66 11.99 0.56
C GLY A 74 2.18 12.24 0.87
N ARG A 75 1.50 11.28 1.50
CA ARG A 75 0.07 11.31 1.88
C ARG A 75 -0.19 10.53 3.17
N GLN A 76 -1.40 10.61 3.68
CA GLN A 76 -1.88 9.77 4.79
C GLN A 76 -2.26 8.35 4.32
N ALA A 77 -2.19 7.44 5.27
CA ALA A 77 -2.39 6.00 5.16
C ALA A 77 -2.91 5.39 6.49
N VAL A 78 -3.94 4.55 6.39
CA VAL A 78 -4.57 3.82 7.51
C VAL A 78 -4.90 2.40 7.05
N LEU A 79 -4.53 1.39 7.84
CA LEU A 79 -4.87 -0.01 7.56
C LEU A 79 -6.31 -0.30 7.99
N LYS A 80 -7.04 -0.96 7.10
CA LYS A 80 -8.45 -1.31 7.25
C LYS A 80 -8.67 -2.76 7.67
N GLY A 81 -7.70 -3.64 7.40
CA GLY A 81 -7.60 -4.99 7.93
C GLY A 81 -6.85 -5.93 6.99
N MET A 82 -6.89 -7.22 7.33
CA MET A 82 -6.15 -8.27 6.65
C MET A 82 -7.07 -9.10 5.75
N GLY A 83 -6.76 -9.12 4.45
CA GLY A 83 -7.59 -9.73 3.41
C GLY A 83 -7.55 -11.27 3.40
N GLY A 13 7.74 -10.89 8.90
CA GLY A 13 6.72 -11.90 9.20
C GLY A 13 6.53 -12.94 8.10
N THR A 14 5.27 -13.14 7.71
CA THR A 14 4.81 -14.11 6.71
C THR A 14 3.80 -13.49 5.75
N LEU A 15 3.75 -14.01 4.52
CA LEU A 15 3.02 -13.40 3.40
C LEU A 15 1.51 -13.38 3.68
N CYS A 16 0.96 -12.17 3.57
CA CYS A 16 -0.42 -11.79 3.85
C CYS A 16 -0.82 -10.57 2.99
N THR A 17 -2.12 -10.39 2.72
CA THR A 17 -2.66 -9.16 2.12
C THR A 17 -2.99 -8.13 3.18
N LEU A 18 -2.42 -6.93 3.08
CA LEU A 18 -2.79 -5.74 3.84
C LEU A 18 -3.63 -4.81 2.95
N GLU A 19 -4.73 -4.30 3.49
CA GLU A 19 -5.69 -3.45 2.77
C GLU A 19 -5.77 -2.05 3.40
N PHE A 20 -5.00 -1.11 2.86
CA PHE A 20 -4.88 0.25 3.39
C PHE A 20 -5.72 1.26 2.61
N ALA A 21 -6.47 2.07 3.36
CA ALA A 21 -7.10 3.27 2.84
C ALA A 21 -6.08 4.43 2.69
N VAL A 22 -6.20 5.24 1.64
CA VAL A 22 -5.23 6.30 1.27
C VAL A 22 -5.91 7.56 0.73
N GLN A 23 -5.19 8.67 0.55
CA GLN A 23 -5.74 9.91 -0.02
C GLN A 23 -5.21 10.16 -1.45
N MET A 24 -5.92 9.66 -2.47
CA MET A 24 -5.64 9.95 -3.88
C MET A 24 -6.87 9.71 -4.78
N THR A 25 -7.03 10.47 -5.87
CA THR A 25 -8.13 10.35 -6.84
C THR A 25 -7.82 10.76 -8.29
N CYS A 26 -6.56 11.08 -8.62
CA CYS A 26 -6.05 11.15 -9.99
C CYS A 26 -4.74 10.34 -10.21
N GLN A 27 -4.53 9.87 -11.44
CA GLN A 27 -3.70 8.70 -11.78
C GLN A 27 -2.20 8.83 -11.43
N SER A 28 -1.64 10.05 -11.43
CA SER A 28 -0.23 10.27 -11.09
C SER A 28 0.13 9.78 -9.68
N CYS A 29 -0.80 9.90 -8.72
CA CYS A 29 -0.65 9.48 -7.34
C CYS A 29 -0.73 7.94 -7.20
N VAL A 30 -1.61 7.29 -7.98
CA VAL A 30 -1.85 5.84 -8.07
C VAL A 30 -0.56 5.14 -8.49
N ASP A 31 0.05 5.59 -9.59
CA ASP A 31 1.37 5.12 -10.03
C ASP A 31 2.46 5.41 -8.99
N ALA A 32 2.36 6.55 -8.28
CA ALA A 32 3.40 6.98 -7.33
C ALA A 32 3.38 6.16 -6.03
N VAL A 33 2.20 5.82 -5.51
CA VAL A 33 2.05 5.01 -4.32
C VAL A 33 2.40 3.55 -4.63
N ARG A 34 2.04 3.05 -5.83
CA ARG A 34 2.49 1.74 -6.33
C ARG A 34 4.02 1.65 -6.41
N LYS A 35 4.71 2.76 -6.69
CA LYS A 35 6.17 2.79 -6.90
C LYS A 35 7.01 2.89 -5.62
N SER A 36 6.42 3.33 -4.51
CA SER A 36 6.98 3.03 -3.17
C SER A 36 6.99 1.52 -2.89
N LEU A 37 5.92 0.81 -3.27
CA LEU A 37 5.73 -0.64 -3.05
C LEU A 37 6.56 -1.51 -4.03
N GLN A 38 6.69 -1.06 -5.28
CA GLN A 38 7.40 -1.80 -6.32
C GLN A 38 8.89 -1.90 -6.01
N GLY A 39 9.36 -3.14 -5.97
CA GLY A 39 10.72 -3.55 -5.65
C GLY A 39 11.05 -3.77 -4.17
N VAL A 40 10.09 -3.66 -3.24
CA VAL A 40 10.33 -3.83 -1.81
C VAL A 40 10.67 -5.28 -1.51
N ALA A 41 11.79 -5.47 -0.82
CA ALA A 41 12.22 -6.77 -0.32
C ALA A 41 11.22 -7.30 0.73
N GLY A 42 10.45 -8.33 0.36
CA GLY A 42 9.32 -8.88 1.11
C GLY A 42 7.92 -8.52 0.57
N VAL A 43 7.81 -7.93 -0.63
CA VAL A 43 6.54 -7.90 -1.39
C VAL A 43 6.47 -9.08 -2.37
N GLN A 44 5.27 -9.64 -2.60
CA GLN A 44 4.95 -10.52 -3.73
C GLN A 44 4.24 -9.75 -4.85
N ASP A 45 3.18 -8.99 -4.49
CA ASP A 45 2.22 -8.38 -5.42
C ASP A 45 1.51 -7.17 -4.78
N VAL A 46 0.80 -6.40 -5.61
CA VAL A 46 -0.05 -5.25 -5.26
C VAL A 46 -1.29 -5.15 -6.17
N GLU A 47 -2.35 -4.51 -5.69
CA GLU A 47 -3.51 -4.08 -6.50
C GLU A 47 -4.10 -2.78 -5.92
N VAL A 48 -4.14 -1.69 -6.69
CA VAL A 48 -4.69 -0.42 -6.24
C VAL A 48 -6.12 -0.22 -6.74
N HIS A 49 -7.00 0.30 -5.89
CA HIS A 49 -8.35 0.68 -6.24
C HIS A 49 -8.55 2.18 -5.98
N LEU A 50 -8.42 2.96 -7.04
CA LEU A 50 -8.58 4.41 -7.06
C LEU A 50 -10.04 4.83 -6.82
N GLU A 51 -10.97 4.02 -7.29
CA GLU A 51 -12.43 4.17 -7.10
C GLU A 51 -12.91 3.87 -5.66
N ASP A 52 -12.03 3.33 -4.81
CA ASP A 52 -12.23 3.11 -3.40
C ASP A 52 -11.23 3.89 -2.53
N GLN A 53 -10.27 4.59 -3.14
CA GLN A 53 -9.05 5.14 -2.53
C GLN A 53 -8.38 4.15 -1.56
N MET A 54 -8.14 2.95 -2.06
CA MET A 54 -7.71 1.77 -1.31
C MET A 54 -6.53 1.07 -2.02
N VAL A 55 -5.69 0.35 -1.25
CA VAL A 55 -4.49 -0.33 -1.75
C VAL A 55 -4.33 -1.72 -1.12
N LEU A 56 -4.25 -2.76 -1.95
CA LEU A 56 -3.82 -4.11 -1.56
C LEU A 56 -2.31 -4.23 -1.69
N VAL A 57 -1.68 -4.79 -0.65
CA VAL A 57 -0.24 -5.04 -0.57
C VAL A 57 -0.03 -6.47 -0.07
N HIS A 58 0.43 -7.36 -0.95
CA HIS A 58 0.67 -8.77 -0.66
C HIS A 58 2.14 -8.92 -0.17
N THR A 59 2.37 -9.00 1.15
CA THR A 59 3.70 -8.81 1.75
C THR A 59 3.93 -9.57 3.07
N THR A 60 5.20 -9.88 3.36
CA THR A 60 5.67 -10.44 4.65
C THR A 60 5.92 -9.39 5.73
N LEU A 61 5.97 -8.10 5.37
CA LEU A 61 6.31 -7.01 6.29
C LEU A 61 5.23 -6.82 7.38
N PRO A 62 5.58 -6.32 8.59
CA PRO A 62 4.61 -5.99 9.61
C PRO A 62 3.84 -4.74 9.16
N SER A 63 2.53 -4.64 9.44
CA SER A 63 1.72 -3.54 8.89
C SER A 63 2.19 -2.14 9.35
N GLN A 64 2.90 -2.06 10.49
CA GLN A 64 3.58 -0.83 10.95
C GLN A 64 4.65 -0.34 9.93
N GLU A 65 5.40 -1.27 9.34
CA GLU A 65 6.49 -0.98 8.40
C GLU A 65 5.92 -0.47 7.07
N VAL A 66 4.85 -1.13 6.59
CA VAL A 66 4.14 -0.77 5.37
C VAL A 66 3.38 0.53 5.53
N GLN A 67 2.77 0.79 6.68
CA GLN A 67 2.13 2.08 6.99
C GLN A 67 3.11 3.22 6.79
N ALA A 68 4.33 3.13 7.32
CA ALA A 68 5.30 4.21 7.19
C ALA A 68 5.91 4.27 5.77
N LEU A 69 5.93 3.14 5.04
CA LEU A 69 6.32 3.08 3.63
C LEU A 69 5.30 3.72 2.68
N LEU A 70 4.02 3.54 2.97
CA LEU A 70 2.89 4.19 2.32
C LEU A 70 2.84 5.68 2.68
N GLU A 71 3.02 6.04 3.95
CA GLU A 71 3.15 7.42 4.41
C GLU A 71 4.34 8.16 3.77
N GLY A 72 5.42 7.42 3.47
CA GLY A 72 6.59 7.89 2.70
C GLY A 72 6.31 8.27 1.24
N THR A 73 5.10 8.00 0.71
CA THR A 73 4.65 8.46 -0.63
C THR A 73 4.27 9.95 -0.63
N GLY A 74 4.30 10.60 0.55
CA GLY A 74 4.09 12.05 0.71
C GLY A 74 2.64 12.46 0.99
N ARG A 75 1.79 11.47 1.31
CA ARG A 75 0.36 11.55 1.62
C ARG A 75 -0.01 10.54 2.70
N GLN A 76 -1.25 10.60 3.18
CA GLN A 76 -1.75 9.71 4.22
C GLN A 76 -2.20 8.32 3.74
N ALA A 77 -2.05 7.39 4.67
CA ALA A 77 -2.40 5.97 4.63
C ALA A 77 -2.89 5.52 6.02
N VAL A 78 -4.00 4.77 6.06
CA VAL A 78 -4.66 4.25 7.28
C VAL A 78 -5.12 2.82 7.01
N LEU A 79 -4.73 1.88 7.86
CA LEU A 79 -5.04 0.47 7.65
C LEU A 79 -6.49 0.12 8.03
N LYS A 80 -7.10 -0.68 7.16
CA LYS A 80 -8.48 -1.16 7.32
C LYS A 80 -8.57 -2.61 7.77
N GLY A 81 -7.62 -3.45 7.34
CA GLY A 81 -7.31 -4.73 7.96
C GLY A 81 -6.46 -5.65 7.07
N MET A 82 -6.39 -6.90 7.49
CA MET A 82 -5.55 -7.96 6.91
C MET A 82 -6.43 -8.90 6.06
N GLY A 83 -6.67 -8.52 4.81
CA GLY A 83 -7.30 -9.36 3.80
C GLY A 83 -8.78 -9.72 4.01
N GLY A 13 8.73 -11.95 8.02
CA GLY A 13 7.63 -12.83 8.43
C GLY A 13 7.08 -13.66 7.27
N THR A 14 5.76 -13.80 7.20
CA THR A 14 5.06 -14.66 6.23
C THR A 14 3.92 -13.91 5.50
N LEU A 15 3.73 -14.29 4.24
CA LEU A 15 2.96 -13.52 3.24
C LEU A 15 1.47 -13.48 3.60
N CYS A 16 0.89 -12.29 3.51
CA CYS A 16 -0.53 -12.00 3.65
C CYS A 16 -0.93 -10.74 2.86
N THR A 17 -2.21 -10.60 2.57
CA THR A 17 -2.81 -9.35 2.09
C THR A 17 -3.06 -8.38 3.23
N LEU A 18 -2.67 -7.11 3.04
CA LEU A 18 -3.07 -5.98 3.86
C LEU A 18 -3.92 -4.98 3.06
N GLU A 19 -4.93 -4.45 3.74
CA GLU A 19 -6.04 -3.67 3.15
C GLU A 19 -6.08 -2.23 3.67
N PHE A 20 -5.28 -1.37 3.05
CA PHE A 20 -5.09 0.01 3.48
C PHE A 20 -5.95 1.00 2.65
N ALA A 21 -6.16 2.19 3.22
CA ALA A 21 -6.82 3.34 2.60
C ALA A 21 -5.90 4.58 2.56
N VAL A 22 -5.77 5.26 1.42
CA VAL A 22 -4.77 6.32 1.18
C VAL A 22 -5.36 7.59 0.54
N GLN A 23 -4.72 8.74 0.75
CA GLN A 23 -5.25 10.04 0.30
C GLN A 23 -4.69 10.41 -1.10
N MET A 24 -5.42 10.08 -2.18
CA MET A 24 -5.12 10.46 -3.58
C MET A 24 -6.38 10.66 -4.45
N THR A 25 -6.24 11.34 -5.60
CA THR A 25 -7.38 11.81 -6.43
C THR A 25 -7.21 11.72 -7.97
N CYS A 26 -6.00 11.55 -8.53
CA CYS A 26 -5.82 11.33 -9.98
C CYS A 26 -4.75 10.26 -10.36
N GLN A 27 -4.77 9.84 -11.64
CA GLN A 27 -4.29 8.52 -12.10
C GLN A 27 -2.77 8.28 -12.08
N SER A 28 -1.95 9.33 -12.11
CA SER A 28 -0.49 9.18 -11.94
C SER A 28 -0.09 8.94 -10.48
N CYS A 29 -0.83 9.46 -9.50
CA CYS A 29 -0.50 9.34 -8.09
C CYS A 29 -0.73 7.89 -7.57
N VAL A 30 -1.71 7.20 -8.14
CA VAL A 30 -1.95 5.75 -8.06
C VAL A 30 -0.66 4.99 -8.35
N ASP A 31 0.00 5.27 -9.47
CA ASP A 31 1.30 4.69 -9.81
C ASP A 31 2.43 5.19 -8.91
N ALA A 32 2.34 6.39 -8.36
CA ALA A 32 3.34 6.88 -7.40
C ALA A 32 3.29 6.09 -6.07
N VAL A 33 2.07 5.78 -5.59
CA VAL A 33 1.85 5.01 -4.39
C VAL A 33 2.12 3.52 -4.64
N ARG A 34 1.83 2.99 -5.84
CA ARG A 34 2.27 1.64 -6.26
C ARG A 34 3.80 1.53 -6.29
N LYS A 35 4.50 2.59 -6.69
CA LYS A 35 5.97 2.57 -6.88
C LYS A 35 6.77 2.70 -5.58
N SER A 36 6.17 3.23 -4.50
CA SER A 36 6.71 3.07 -3.14
C SER A 36 6.57 1.64 -2.57
N LEU A 37 5.86 0.74 -3.28
CA LEU A 37 5.71 -0.70 -2.96
C LEU A 37 6.50 -1.60 -3.94
N GLN A 38 6.80 -1.09 -5.13
CA GLN A 38 7.59 -1.79 -6.15
C GLN A 38 9.08 -1.76 -5.82
N GLY A 39 9.72 -2.92 -5.94
CA GLY A 39 11.12 -3.12 -5.57
C GLY A 39 11.39 -3.06 -4.06
N VAL A 40 10.39 -3.34 -3.20
CA VAL A 40 10.53 -3.46 -1.74
C VAL A 40 10.69 -4.92 -1.34
N ALA A 41 11.81 -5.27 -0.71
CA ALA A 41 12.05 -6.62 -0.19
C ALA A 41 11.06 -6.97 0.93
N GLY A 42 10.31 -8.06 0.72
CA GLY A 42 9.19 -8.50 1.54
C GLY A 42 7.81 -8.20 0.92
N VAL A 43 7.73 -7.53 -0.23
CA VAL A 43 6.50 -7.35 -1.02
C VAL A 43 6.55 -8.25 -2.25
N GLN A 44 5.47 -9.01 -2.48
CA GLN A 44 5.31 -9.93 -3.61
C GLN A 44 4.48 -9.33 -4.73
N ASP A 45 3.31 -8.81 -4.39
CA ASP A 45 2.33 -8.21 -5.32
C ASP A 45 1.57 -7.10 -4.62
N VAL A 46 0.89 -6.29 -5.43
CA VAL A 46 0.06 -5.16 -5.00
C VAL A 46 -1.17 -5.03 -5.90
N GLU A 47 -2.23 -4.40 -5.41
CA GLU A 47 -3.40 -4.01 -6.21
C GLU A 47 -3.97 -2.69 -5.67
N VAL A 48 -4.20 -1.69 -6.54
CA VAL A 48 -4.57 -0.32 -6.15
C VAL A 48 -5.83 0.11 -6.88
N HIS A 49 -6.80 0.56 -6.08
CA HIS A 49 -8.15 0.91 -6.47
C HIS A 49 -8.45 2.35 -6.09
N LEU A 50 -8.21 3.30 -6.99
CA LEU A 50 -8.63 4.71 -6.84
C LEU A 50 -10.15 4.82 -6.60
N GLU A 51 -10.91 3.95 -7.24
CA GLU A 51 -12.37 3.86 -7.07
C GLU A 51 -12.81 3.34 -5.67
N ASP A 52 -11.89 2.96 -4.79
CA ASP A 52 -12.08 2.83 -3.33
C ASP A 52 -11.11 3.71 -2.50
N GLN A 53 -10.18 4.40 -3.17
CA GLN A 53 -8.91 4.91 -2.64
C GLN A 53 -8.12 3.86 -1.81
N MET A 54 -8.25 2.58 -2.19
CA MET A 54 -7.66 1.44 -1.48
C MET A 54 -6.34 0.99 -2.10
N VAL A 55 -5.44 0.54 -1.23
CA VAL A 55 -4.13 0.00 -1.51
C VAL A 55 -4.01 -1.39 -0.87
N LEU A 56 -3.93 -2.42 -1.72
CA LEU A 56 -3.66 -3.79 -1.33
C LEU A 56 -2.17 -4.11 -1.49
N VAL A 57 -1.63 -4.77 -0.47
CA VAL A 57 -0.22 -5.09 -0.39
C VAL A 57 -0.09 -6.54 0.06
N HIS A 58 0.31 -7.41 -0.86
CA HIS A 58 0.62 -8.82 -0.60
C HIS A 58 2.08 -8.91 -0.10
N THR A 59 2.28 -9.01 1.21
CA THR A 59 3.59 -8.80 1.86
C THR A 59 3.82 -9.64 3.13
N THR A 60 5.10 -9.96 3.38
CA THR A 60 5.60 -10.61 4.60
C THR A 60 5.93 -9.60 5.72
N LEU A 61 5.91 -8.29 5.43
CA LEU A 61 6.22 -7.19 6.35
C LEU A 61 5.09 -6.95 7.36
N PRO A 62 5.36 -6.34 8.53
CA PRO A 62 4.33 -5.99 9.52
C PRO A 62 3.59 -4.73 9.06
N SER A 63 2.28 -4.61 9.31
CA SER A 63 1.49 -3.46 8.83
C SER A 63 2.03 -2.11 9.33
N GLN A 64 2.66 -2.09 10.50
CA GLN A 64 3.38 -0.96 11.08
C GLN A 64 4.51 -0.42 10.17
N GLU A 65 5.17 -1.31 9.43
CA GLU A 65 6.26 -1.01 8.48
C GLU A 65 5.72 -0.56 7.12
N VAL A 66 4.67 -1.22 6.63
CA VAL A 66 3.98 -0.90 5.37
C VAL A 66 3.27 0.44 5.47
N GLN A 67 2.69 0.79 6.62
CA GLN A 67 2.05 2.10 6.82
C GLN A 67 3.05 3.24 6.58
N ALA A 68 4.30 3.12 7.03
CA ALA A 68 5.30 4.17 6.83
C ALA A 68 5.86 4.13 5.39
N LEU A 69 5.87 2.96 4.75
CA LEU A 69 6.22 2.80 3.33
C LEU A 69 5.17 3.44 2.40
N LEU A 70 3.91 3.34 2.77
CA LEU A 70 2.76 3.99 2.15
C LEU A 70 2.74 5.50 2.45
N GLU A 71 2.99 5.92 3.69
CA GLU A 71 3.06 7.33 4.09
C GLU A 71 4.20 8.09 3.41
N GLY A 72 5.33 7.42 3.12
CA GLY A 72 6.48 7.97 2.37
C GLY A 72 6.17 8.51 0.98
N THR A 73 5.01 8.17 0.42
CA THR A 73 4.46 8.69 -0.84
C THR A 73 4.07 10.18 -0.74
N GLY A 74 4.14 10.78 0.46
CA GLY A 74 3.83 12.17 0.76
C GLY A 74 2.35 12.40 1.12
N ARG A 75 1.65 11.32 1.48
CA ARG A 75 0.20 11.22 1.64
C ARG A 75 -0.11 10.48 2.94
N GLN A 76 -1.35 10.56 3.39
CA GLN A 76 -1.86 9.71 4.48
C GLN A 76 -2.18 8.30 3.99
N ALA A 77 -2.09 7.39 4.95
CA ALA A 77 -2.25 5.94 4.83
C ALA A 77 -2.83 5.40 6.15
N VAL A 78 -4.07 4.94 6.11
CA VAL A 78 -4.86 4.42 7.23
C VAL A 78 -5.20 2.97 6.94
N LEU A 79 -4.90 2.07 7.86
CA LEU A 79 -5.26 0.68 7.74
C LEU A 79 -6.72 0.41 8.11
N LYS A 80 -7.35 -0.44 7.31
CA LYS A 80 -8.74 -0.92 7.48
C LYS A 80 -8.82 -2.34 8.06
N GLY A 81 -7.90 -3.22 7.65
CA GLY A 81 -7.61 -4.51 8.25
C GLY A 81 -6.68 -5.37 7.39
N MET A 82 -6.50 -6.64 7.78
CA MET A 82 -5.86 -7.67 6.98
C MET A 82 -6.90 -8.31 6.04
N GLY A 83 -6.41 -8.90 4.96
CA GLY A 83 -7.28 -9.38 3.87
C GLY A 83 -7.91 -10.75 4.06
N GLY A 13 8.96 -11.67 8.46
CA GLY A 13 7.78 -12.48 8.80
C GLY A 13 7.27 -13.35 7.66
N THR A 14 5.94 -13.40 7.51
CA THR A 14 5.21 -14.31 6.62
C THR A 14 4.07 -13.59 5.90
N LEU A 15 3.70 -14.09 4.72
CA LEU A 15 2.91 -13.32 3.77
C LEU A 15 1.44 -13.18 4.18
N CYS A 16 0.94 -11.95 4.05
CA CYS A 16 -0.40 -11.51 4.37
C CYS A 16 -0.82 -10.40 3.39
N THR A 17 -2.13 -10.21 3.20
CA THR A 17 -2.70 -9.11 2.39
C THR A 17 -3.19 -8.01 3.31
N LEU A 18 -2.65 -6.81 3.16
CA LEU A 18 -3.03 -5.62 3.92
C LEU A 18 -3.90 -4.70 3.03
N GLU A 19 -5.11 -4.37 3.50
CA GLU A 19 -6.09 -3.51 2.81
C GLU A 19 -6.12 -2.09 3.42
N PHE A 20 -5.30 -1.18 2.89
CA PHE A 20 -5.14 0.17 3.44
C PHE A 20 -6.01 1.19 2.70
N ALA A 21 -6.56 2.13 3.45
CA ALA A 21 -7.15 3.37 2.93
C ALA A 21 -6.09 4.47 2.78
N VAL A 22 -6.19 5.28 1.73
CA VAL A 22 -5.26 6.37 1.41
C VAL A 22 -6.03 7.59 0.88
N GLN A 23 -5.39 8.77 0.84
CA GLN A 23 -5.97 9.98 0.24
C GLN A 23 -5.26 10.30 -1.08
N MET A 24 -5.84 9.86 -2.21
CA MET A 24 -5.42 10.25 -3.56
C MET A 24 -6.59 10.21 -4.55
N THR A 25 -6.64 11.12 -5.53
CA THR A 25 -7.76 11.23 -6.49
C THR A 25 -7.37 11.18 -7.98
N CYS A 26 -6.12 11.48 -8.36
CA CYS A 26 -5.68 11.54 -9.75
C CYS A 26 -4.67 10.43 -10.13
N GLN A 27 -4.51 10.24 -11.44
CA GLN A 27 -3.71 9.17 -12.05
C GLN A 27 -2.20 9.26 -11.77
N SER A 28 -1.68 10.41 -11.31
CA SER A 28 -0.27 10.60 -10.93
C SER A 28 0.07 10.20 -9.49
N CYS A 29 -0.93 10.00 -8.63
CA CYS A 29 -0.72 9.45 -7.30
C CYS A 29 -0.61 7.90 -7.38
N VAL A 30 -1.58 7.27 -8.06
CA VAL A 30 -1.74 5.81 -8.27
C VAL A 30 -0.40 5.15 -8.64
N ASP A 31 0.27 5.66 -9.68
CA ASP A 31 1.57 5.20 -10.15
C ASP A 31 2.66 5.33 -9.09
N ALA A 32 2.63 6.43 -8.33
CA ALA A 32 3.62 6.71 -7.30
C ALA A 32 3.42 5.83 -6.05
N VAL A 33 2.18 5.63 -5.59
CA VAL A 33 1.92 4.76 -4.45
C VAL A 33 2.14 3.29 -4.81
N ARG A 34 2.00 2.89 -6.08
CA ARG A 34 2.46 1.58 -6.59
C ARG A 34 3.98 1.46 -6.50
N LYS A 35 4.73 2.50 -6.91
CA LYS A 35 6.20 2.43 -7.05
C LYS A 35 6.99 2.48 -5.74
N SER A 36 6.39 3.01 -4.67
CA SER A 36 6.89 2.86 -3.30
C SER A 36 6.94 1.39 -2.83
N LEU A 37 6.06 0.53 -3.38
CA LEU A 37 5.94 -0.89 -3.05
C LEU A 37 6.79 -1.79 -3.98
N GLN A 38 6.91 -1.39 -5.24
CA GLN A 38 7.48 -2.18 -6.32
C GLN A 38 9.00 -2.34 -6.12
N GLY A 39 9.46 -3.59 -6.16
CA GLY A 39 10.85 -3.97 -5.93
C GLY A 39 11.32 -3.99 -4.46
N VAL A 40 10.40 -3.86 -3.49
CA VAL A 40 10.72 -3.88 -2.05
C VAL A 40 10.88 -5.32 -1.57
N ALA A 41 11.96 -5.56 -0.83
CA ALA A 41 12.22 -6.84 -0.18
C ALA A 41 11.07 -7.22 0.79
N GLY A 42 10.38 -8.34 0.49
CA GLY A 42 9.23 -8.85 1.22
C GLY A 42 7.86 -8.63 0.55
N VAL A 43 7.80 -8.04 -0.64
CA VAL A 43 6.58 -7.94 -1.47
C VAL A 43 6.46 -9.12 -2.44
N GLN A 44 5.26 -9.66 -2.65
CA GLN A 44 4.95 -10.63 -3.71
C GLN A 44 4.09 -10.06 -4.83
N ASP A 45 3.04 -9.30 -4.48
CA ASP A 45 2.07 -8.69 -5.40
C ASP A 45 1.51 -7.41 -4.77
N VAL A 46 0.89 -6.55 -5.58
CA VAL A 46 0.22 -5.31 -5.21
C VAL A 46 -1.00 -5.07 -6.10
N GLU A 47 -2.01 -4.35 -5.62
CA GLU A 47 -3.09 -3.80 -6.46
C GLU A 47 -3.68 -2.53 -5.82
N VAL A 48 -3.81 -1.44 -6.58
CA VAL A 48 -4.39 -0.18 -6.10
C VAL A 48 -5.78 0.06 -6.71
N HIS A 49 -6.76 0.29 -5.85
CA HIS A 49 -8.12 0.63 -6.21
C HIS A 49 -8.40 2.10 -5.90
N LEU A 50 -8.09 2.99 -6.84
CA LEU A 50 -8.50 4.39 -6.79
C LEU A 50 -10.02 4.52 -6.63
N GLU A 51 -10.77 3.63 -7.27
CA GLU A 51 -12.23 3.54 -7.14
C GLU A 51 -12.75 3.14 -5.74
N ASP A 52 -11.87 2.86 -4.76
CA ASP A 52 -12.16 2.88 -3.32
C ASP A 52 -11.24 3.82 -2.50
N GLN A 53 -10.27 4.49 -3.14
CA GLN A 53 -9.05 5.06 -2.53
C GLN A 53 -8.33 4.05 -1.61
N MET A 54 -8.22 2.80 -2.06
CA MET A 54 -7.67 1.68 -1.30
C MET A 54 -6.44 1.07 -1.98
N VAL A 55 -5.52 0.49 -1.19
CA VAL A 55 -4.30 -0.17 -1.67
C VAL A 55 -4.17 -1.56 -1.04
N LEU A 56 -3.94 -2.57 -1.88
CA LEU A 56 -3.61 -3.95 -1.51
C LEU A 56 -2.12 -4.18 -1.66
N VAL A 57 -1.52 -4.77 -0.62
CA VAL A 57 -0.10 -5.08 -0.54
C VAL A 57 0.01 -6.51 -0.03
N HIS A 58 0.48 -7.41 -0.90
CA HIS A 58 0.64 -8.84 -0.60
C HIS A 58 2.09 -9.06 -0.15
N THR A 59 2.34 -9.11 1.18
CA THR A 59 3.70 -8.93 1.72
C THR A 59 3.97 -9.63 3.07
N THR A 60 5.23 -9.92 3.37
CA THR A 60 5.73 -10.41 4.68
C THR A 60 6.03 -9.30 5.70
N LEU A 61 5.95 -8.04 5.27
CA LEU A 61 6.22 -6.87 6.13
C LEU A 61 5.07 -6.63 7.13
N PRO A 62 5.34 -6.13 8.36
CA PRO A 62 4.29 -5.77 9.31
C PRO A 62 3.54 -4.52 8.79
N SER A 63 2.23 -4.39 9.03
CA SER A 63 1.52 -3.18 8.57
C SER A 63 2.03 -1.87 9.20
N GLN A 64 2.72 -1.94 10.34
CA GLN A 64 3.52 -0.85 10.89
C GLN A 64 4.57 -0.33 9.88
N GLU A 65 5.23 -1.24 9.17
CA GLU A 65 6.29 -0.96 8.19
C GLU A 65 5.69 -0.44 6.87
N VAL A 66 4.59 -1.06 6.41
CA VAL A 66 3.90 -0.69 5.18
C VAL A 66 3.18 0.65 5.34
N GLN A 67 2.61 0.97 6.50
CA GLN A 67 2.04 2.30 6.75
C GLN A 67 3.09 3.39 6.54
N ALA A 68 4.32 3.24 7.04
CA ALA A 68 5.35 4.26 6.89
C ALA A 68 5.93 4.27 5.47
N LEU A 69 5.84 3.15 4.72
CA LEU A 69 6.15 3.08 3.30
C LEU A 69 5.12 3.80 2.42
N LEU A 70 3.84 3.67 2.77
CA LEU A 70 2.70 4.37 2.17
C LEU A 70 2.69 5.87 2.53
N GLU A 71 3.01 6.22 3.78
CA GLU A 71 3.20 7.59 4.25
C GLU A 71 4.43 8.26 3.59
N GLY A 72 5.48 7.49 3.30
CA GLY A 72 6.64 7.90 2.49
C GLY A 72 6.31 8.25 1.03
N THR A 73 5.05 8.12 0.61
CA THR A 73 4.54 8.61 -0.69
C THR A 73 4.03 10.07 -0.60
N GLY A 74 3.97 10.66 0.60
CA GLY A 74 3.65 12.08 0.81
C GLY A 74 2.20 12.39 1.21
N ARG A 75 1.41 11.38 1.59
CA ARG A 75 -0.04 11.47 1.85
C ARG A 75 -0.48 10.58 3.01
N GLN A 76 -1.75 10.70 3.39
CA GLN A 76 -2.41 9.87 4.42
C GLN A 76 -2.54 8.42 3.97
N ALA A 77 -2.29 7.52 4.92
CA ALA A 77 -2.37 6.06 4.82
C ALA A 77 -2.82 5.46 6.17
N VAL A 78 -4.01 4.85 6.18
CA VAL A 78 -4.66 4.27 7.37
C VAL A 78 -5.11 2.85 7.06
N LEU A 79 -4.72 1.90 7.87
CA LEU A 79 -5.13 0.51 7.71
C LEU A 79 -6.58 0.28 8.16
N LYS A 80 -7.28 -0.47 7.33
CA LYS A 80 -8.70 -0.84 7.52
C LYS A 80 -8.85 -2.30 7.99
N GLY A 81 -7.95 -3.17 7.57
CA GLY A 81 -7.74 -4.52 8.10
C GLY A 81 -7.00 -5.40 7.09
N MET A 82 -7.09 -6.70 7.31
CA MET A 82 -6.35 -7.72 6.58
C MET A 82 -7.28 -8.56 5.69
N GLY A 83 -6.75 -9.06 4.58
CA GLY A 83 -7.38 -10.08 3.75
C GLY A 83 -7.28 -11.48 4.39
N GLY A 13 7.71 -12.25 9.31
CA GLY A 13 6.35 -12.73 9.24
C GLY A 13 6.13 -13.71 8.09
N THR A 14 4.90 -13.74 7.62
CA THR A 14 4.39 -14.60 6.55
C THR A 14 3.48 -13.83 5.61
N LEU A 15 3.41 -14.28 4.35
CA LEU A 15 2.79 -13.52 3.27
C LEU A 15 1.28 -13.38 3.50
N CYS A 16 0.80 -12.16 3.46
CA CYS A 16 -0.59 -11.73 3.69
C CYS A 16 -0.89 -10.43 2.92
N THR A 17 -2.17 -10.19 2.64
CA THR A 17 -2.65 -8.98 1.96
C THR A 17 -3.15 -7.96 2.97
N LEU A 18 -2.43 -6.84 3.10
CA LEU A 18 -2.83 -5.68 3.90
C LEU A 18 -3.70 -4.75 3.03
N GLU A 19 -4.90 -4.40 3.51
CA GLU A 19 -5.83 -3.47 2.82
C GLU A 19 -5.85 -2.09 3.49
N PHE A 20 -5.10 -1.14 2.93
CA PHE A 20 -4.98 0.21 3.48
C PHE A 20 -5.88 1.21 2.78
N ALA A 21 -6.42 2.15 3.57
CA ALA A 21 -7.04 3.38 3.08
C ALA A 21 -6.02 4.53 3.00
N VAL A 22 -6.12 5.36 1.96
CA VAL A 22 -5.18 6.45 1.62
C VAL A 22 -5.94 7.67 1.09
N GLN A 23 -5.26 8.82 0.93
CA GLN A 23 -5.80 9.94 0.15
C GLN A 23 -5.04 10.15 -1.18
N MET A 24 -5.56 9.57 -2.26
CA MET A 24 -5.20 9.88 -3.66
C MET A 24 -6.41 9.65 -4.58
N THR A 25 -6.61 10.45 -5.63
CA THR A 25 -7.77 10.33 -6.54
C THR A 25 -7.54 10.80 -8.01
N CYS A 26 -6.34 11.27 -8.37
CA CYS A 26 -5.91 11.48 -9.77
C CYS A 26 -4.93 10.37 -10.26
N GLN A 27 -4.90 10.14 -11.58
CA GLN A 27 -4.20 8.99 -12.21
C GLN A 27 -2.66 9.01 -12.06
N SER A 28 -2.04 10.14 -11.71
CA SER A 28 -0.59 10.25 -11.46
C SER A 28 -0.15 9.70 -10.09
N CYS A 29 -1.03 9.75 -9.09
CA CYS A 29 -0.74 9.35 -7.73
C CYS A 29 -0.88 7.83 -7.56
N VAL A 30 -1.82 7.21 -8.26
CA VAL A 30 -1.98 5.76 -8.44
C VAL A 30 -0.62 5.12 -8.77
N ASP A 31 0.03 5.62 -9.83
CA ASP A 31 1.34 5.18 -10.29
C ASP A 31 2.43 5.43 -9.24
N ALA A 32 2.39 6.61 -8.62
CA ALA A 32 3.43 7.00 -7.67
C ALA A 32 3.38 6.17 -6.39
N VAL A 33 2.17 5.85 -5.92
CA VAL A 33 1.92 5.05 -4.73
C VAL A 33 2.20 3.58 -5.01
N ARG A 34 1.81 3.05 -6.18
CA ARG A 34 2.23 1.71 -6.66
C ARG A 34 3.75 1.56 -6.62
N LYS A 35 4.50 2.58 -7.04
CA LYS A 35 5.95 2.45 -7.26
C LYS A 35 6.80 2.57 -6.00
N SER A 36 6.28 3.15 -4.92
CA SER A 36 6.88 3.02 -3.58
C SER A 36 6.92 1.57 -3.12
N LEU A 37 5.86 0.80 -3.38
CA LEU A 37 5.70 -0.60 -2.98
C LEU A 37 6.57 -1.55 -3.80
N GLN A 38 6.71 -1.27 -5.10
CA GLN A 38 7.22 -2.21 -6.07
C GLN A 38 8.76 -2.25 -6.04
N GLY A 39 9.31 -3.45 -5.84
CA GLY A 39 10.74 -3.71 -5.59
C GLY A 39 11.17 -3.72 -4.11
N VAL A 40 10.25 -3.63 -3.14
CA VAL A 40 10.55 -3.66 -1.71
C VAL A 40 10.78 -5.09 -1.23
N ALA A 41 11.81 -5.25 -0.41
CA ALA A 41 12.24 -6.52 0.21
C ALA A 41 11.15 -7.11 1.13
N GLY A 42 10.54 -8.23 0.72
CA GLY A 42 9.44 -8.89 1.43
C GLY A 42 8.04 -8.57 0.90
N VAL A 43 7.93 -7.78 -0.18
CA VAL A 43 6.70 -7.65 -0.98
C VAL A 43 6.74 -8.66 -2.13
N GLN A 44 5.62 -9.34 -2.39
CA GLN A 44 5.42 -10.19 -3.57
C GLN A 44 4.62 -9.45 -4.65
N ASP A 45 3.46 -8.90 -4.28
CA ASP A 45 2.45 -8.37 -5.20
C ASP A 45 1.72 -7.17 -4.57
N VAL A 46 1.02 -6.42 -5.42
CA VAL A 46 0.23 -5.23 -5.08
C VAL A 46 -1.07 -5.17 -5.90
N GLU A 47 -2.05 -4.40 -5.44
CA GLU A 47 -3.19 -3.95 -6.27
C GLU A 47 -3.73 -2.62 -5.73
N VAL A 48 -3.91 -1.62 -6.61
CA VAL A 48 -4.45 -0.31 -6.22
C VAL A 48 -5.88 -0.12 -6.71
N HIS A 49 -6.73 0.30 -5.77
CA HIS A 49 -8.12 0.68 -6.03
C HIS A 49 -8.33 2.18 -5.77
N LEU A 50 -8.06 2.98 -6.79
CA LEU A 50 -8.29 4.43 -6.80
C LEU A 50 -9.77 4.76 -6.57
N GLU A 51 -10.67 3.91 -7.08
CA GLU A 51 -12.13 4.03 -6.93
C GLU A 51 -12.65 3.82 -5.49
N ASP A 52 -11.81 3.35 -4.56
CA ASP A 52 -12.08 3.36 -3.10
C ASP A 52 -11.09 4.24 -2.32
N GLN A 53 -10.05 4.75 -2.98
CA GLN A 53 -8.79 5.20 -2.36
C GLN A 53 -8.22 4.15 -1.40
N MET A 54 -8.08 2.93 -1.91
CA MET A 54 -7.58 1.77 -1.17
C MET A 54 -6.37 1.14 -1.88
N VAL A 55 -5.46 0.54 -1.12
CA VAL A 55 -4.26 -0.15 -1.62
C VAL A 55 -4.07 -1.51 -0.96
N LEU A 56 -3.83 -2.54 -1.78
CA LEU A 56 -3.45 -3.89 -1.37
C LEU A 56 -1.94 -4.08 -1.53
N VAL A 57 -1.34 -4.65 -0.49
CA VAL A 57 0.07 -5.00 -0.45
C VAL A 57 0.20 -6.45 0.06
N HIS A 58 0.66 -7.35 -0.80
CA HIS A 58 0.87 -8.76 -0.52
C HIS A 58 2.31 -8.93 0.00
N THR A 59 2.50 -9.01 1.32
CA THR A 59 3.82 -8.88 1.95
C THR A 59 3.95 -9.61 3.28
N THR A 60 5.18 -9.98 3.65
CA THR A 60 5.52 -10.56 4.97
C THR A 60 5.80 -9.50 6.04
N LEU A 61 6.05 -8.24 5.64
CA LEU A 61 6.39 -7.09 6.50
C LEU A 61 5.34 -6.86 7.60
N PRO A 62 5.68 -6.20 8.73
CA PRO A 62 4.69 -5.78 9.71
C PRO A 62 3.88 -4.64 9.11
N SER A 63 2.56 -4.58 9.30
CA SER A 63 1.74 -3.52 8.67
C SER A 63 2.15 -2.12 9.14
N GLN A 64 2.75 -2.04 10.34
CA GLN A 64 3.49 -0.88 10.88
C GLN A 64 4.51 -0.29 9.89
N GLU A 65 5.30 -1.16 9.24
CA GLU A 65 6.37 -0.79 8.33
C GLU A 65 5.81 -0.35 6.98
N VAL A 66 4.78 -1.06 6.48
CA VAL A 66 4.12 -0.78 5.21
C VAL A 66 3.33 0.53 5.31
N GLN A 67 2.70 0.82 6.45
CA GLN A 67 2.03 2.11 6.71
C GLN A 67 2.96 3.28 6.46
N ALA A 68 4.20 3.22 6.97
CA ALA A 68 5.15 4.31 6.83
C ALA A 68 5.81 4.30 5.44
N LEU A 69 5.87 3.15 4.75
CA LEU A 69 6.25 3.04 3.33
C LEU A 69 5.21 3.67 2.39
N LEU A 70 3.93 3.46 2.68
CA LEU A 70 2.79 4.10 2.05
C LEU A 70 2.75 5.60 2.37
N GLU A 71 2.98 6.00 3.62
CA GLU A 71 3.06 7.41 4.01
C GLU A 71 4.24 8.15 3.35
N GLY A 72 5.32 7.43 3.00
CA GLY A 72 6.42 7.91 2.16
C GLY A 72 6.03 8.32 0.73
N THR A 73 4.76 8.17 0.34
CA THR A 73 4.18 8.64 -0.94
C THR A 73 3.57 10.05 -0.84
N GLY A 74 3.84 10.78 0.26
CA GLY A 74 3.55 12.21 0.41
C GLY A 74 2.18 12.54 1.02
N ARG A 75 1.49 11.50 1.52
CA ARG A 75 0.07 11.47 1.90
C ARG A 75 -0.18 10.52 3.07
N GLN A 76 -1.37 10.60 3.66
CA GLN A 76 -1.84 9.68 4.70
C GLN A 76 -2.14 8.28 4.16
N ALA A 77 -1.96 7.33 5.06
CA ALA A 77 -2.20 5.89 4.93
C ALA A 77 -2.64 5.34 6.30
N VAL A 78 -3.77 4.63 6.32
CA VAL A 78 -4.45 4.08 7.50
C VAL A 78 -4.89 2.66 7.17
N LEU A 79 -4.54 1.69 8.00
CA LEU A 79 -4.93 0.31 7.77
C LEU A 79 -6.39 0.06 8.20
N LYS A 80 -7.07 -0.69 7.34
CA LYS A 80 -8.46 -1.14 7.53
C LYS A 80 -8.54 -2.59 8.01
N GLY A 81 -7.61 -3.44 7.58
CA GLY A 81 -7.39 -4.80 8.05
C GLY A 81 -6.82 -5.67 6.93
N MET A 82 -6.72 -6.97 7.20
CA MET A 82 -6.19 -7.96 6.27
C MET A 82 -7.29 -8.59 5.42
N GLY A 83 -7.05 -8.57 4.10
CA GLY A 83 -7.87 -9.18 3.05
C GLY A 83 -7.16 -10.39 2.44
N GLY A 13 7.58 -12.91 10.07
CA GLY A 13 6.70 -12.35 9.06
C GLY A 13 6.49 -13.36 7.92
N THR A 14 5.24 -13.56 7.53
CA THR A 14 4.77 -14.49 6.48
C THR A 14 3.72 -13.86 5.57
N LEU A 15 3.65 -14.33 4.33
CA LEU A 15 2.96 -13.63 3.24
C LEU A 15 1.44 -13.65 3.44
N CYS A 16 0.89 -12.42 3.48
CA CYS A 16 -0.48 -12.03 3.79
C CYS A 16 -0.85 -10.72 3.04
N THR A 17 -2.14 -10.47 2.81
CA THR A 17 -2.62 -9.23 2.13
C THR A 17 -3.11 -8.20 3.15
N LEU A 18 -2.48 -7.03 3.16
CA LEU A 18 -2.91 -5.83 3.89
C LEU A 18 -3.75 -4.94 2.96
N GLU A 19 -4.91 -4.46 3.41
CA GLU A 19 -5.78 -3.52 2.67
C GLU A 19 -5.81 -2.14 3.37
N PHE A 20 -5.00 -1.18 2.87
CA PHE A 20 -4.87 0.15 3.49
C PHE A 20 -5.73 1.20 2.78
N ALA A 21 -6.20 2.16 3.56
CA ALA A 21 -6.84 3.40 3.10
C ALA A 21 -5.82 4.55 2.97
N VAL A 22 -5.75 5.19 1.79
CA VAL A 22 -4.72 6.20 1.47
C VAL A 22 -5.25 7.34 0.58
N GLN A 23 -4.86 8.59 0.87
CA GLN A 23 -5.39 9.77 0.17
C GLN A 23 -4.71 9.99 -1.20
N MET A 24 -5.33 9.49 -2.28
CA MET A 24 -4.96 9.77 -3.68
C MET A 24 -6.17 9.95 -4.61
N THR A 25 -6.01 10.72 -5.70
CA THR A 25 -7.16 11.32 -6.43
C THR A 25 -7.18 11.21 -7.96
N CYS A 26 -6.05 11.10 -8.66
CA CYS A 26 -6.00 10.97 -10.13
C CYS A 26 -4.87 10.02 -10.62
N GLN A 27 -4.86 9.73 -11.93
CA GLN A 27 -4.06 8.67 -12.58
C GLN A 27 -2.53 8.71 -12.31
N SER A 28 -1.96 9.89 -12.08
CA SER A 28 -0.55 10.10 -11.73
C SER A 28 -0.19 9.66 -10.30
N CYS A 29 -1.14 9.73 -9.38
CA CYS A 29 -0.95 9.36 -7.98
C CYS A 29 -0.99 7.82 -7.80
N VAL A 30 -1.84 7.15 -8.58
CA VAL A 30 -1.96 5.69 -8.68
C VAL A 30 -0.61 5.07 -9.01
N ASP A 31 0.06 5.58 -10.06
CA ASP A 31 1.41 5.17 -10.45
C ASP A 31 2.42 5.45 -9.33
N ALA A 32 2.28 6.60 -8.65
CA ALA A 32 3.24 7.03 -7.65
C ALA A 32 3.17 6.21 -6.36
N VAL A 33 1.97 5.84 -5.92
CA VAL A 33 1.76 5.03 -4.73
C VAL A 33 2.03 3.56 -5.04
N ARG A 34 1.71 3.06 -6.26
CA ARG A 34 2.15 1.73 -6.74
C ARG A 34 3.68 1.63 -6.72
N LYS A 35 4.39 2.67 -7.21
CA LYS A 35 5.84 2.61 -7.41
C LYS A 35 6.65 2.75 -6.12
N SER A 36 6.03 3.26 -5.05
CA SER A 36 6.59 3.19 -3.70
C SER A 36 6.68 1.75 -3.16
N LEU A 37 5.77 0.86 -3.59
CA LEU A 37 5.71 -0.56 -3.22
C LEU A 37 6.59 -1.45 -4.12
N GLN A 38 6.66 -1.11 -5.40
CA GLN A 38 7.27 -1.88 -6.45
C GLN A 38 8.81 -1.88 -6.29
N GLY A 39 9.40 -3.06 -6.20
CA GLY A 39 10.81 -3.28 -5.89
C GLY A 39 11.18 -3.26 -4.40
N VAL A 40 10.23 -3.43 -3.47
CA VAL A 40 10.49 -3.59 -2.03
C VAL A 40 10.66 -5.07 -1.71
N ALA A 41 11.70 -5.40 -0.95
CA ALA A 41 11.99 -6.75 -0.50
C ALA A 41 10.95 -7.25 0.53
N GLY A 42 10.29 -8.37 0.22
CA GLY A 42 9.20 -8.94 1.01
C GLY A 42 7.81 -8.45 0.60
N VAL A 43 7.68 -7.71 -0.51
CA VAL A 43 6.41 -7.37 -1.15
C VAL A 43 6.30 -8.17 -2.45
N GLN A 44 5.50 -9.23 -2.44
CA GLN A 44 5.39 -10.19 -3.56
C GLN A 44 4.44 -9.67 -4.66
N ASP A 45 3.31 -9.10 -4.27
CA ASP A 45 2.32 -8.51 -5.18
C ASP A 45 1.61 -7.31 -4.55
N VAL A 46 0.96 -6.53 -5.41
CA VAL A 46 0.19 -5.33 -5.09
C VAL A 46 -1.02 -5.18 -6.01
N GLU A 47 -2.05 -4.48 -5.56
CA GLU A 47 -3.10 -3.93 -6.44
C GLU A 47 -3.71 -2.65 -5.86
N VAL A 48 -3.90 -1.63 -6.69
CA VAL A 48 -4.47 -0.34 -6.28
C VAL A 48 -5.91 -0.19 -6.78
N HIS A 49 -6.74 0.33 -5.89
CA HIS A 49 -8.13 0.72 -6.14
C HIS A 49 -8.33 2.21 -5.85
N LEU A 50 -8.01 3.04 -6.84
CA LEU A 50 -8.20 4.49 -6.82
C LEU A 50 -9.65 4.88 -6.54
N GLU A 51 -10.60 4.13 -7.09
CA GLU A 51 -12.05 4.36 -6.93
C GLU A 51 -12.61 4.05 -5.53
N ASP A 52 -11.88 3.29 -4.71
CA ASP A 52 -12.19 2.99 -3.31
C ASP A 52 -11.18 3.63 -2.33
N GLN A 53 -10.18 4.35 -2.85
CA GLN A 53 -8.96 4.83 -2.17
C GLN A 53 -8.30 3.73 -1.31
N MET A 54 -8.23 2.51 -1.84
CA MET A 54 -7.76 1.31 -1.15
C MET A 54 -6.54 0.72 -1.84
N VAL A 55 -5.59 0.16 -1.08
CA VAL A 55 -4.41 -0.50 -1.63
C VAL A 55 -4.17 -1.87 -1.01
N LEU A 56 -4.11 -2.90 -1.86
CA LEU A 56 -3.69 -4.26 -1.53
C LEU A 56 -2.17 -4.37 -1.63
N VAL A 57 -1.56 -4.90 -0.56
CA VAL A 57 -0.13 -5.16 -0.47
C VAL A 57 0.06 -6.58 0.08
N HIS A 58 0.51 -7.49 -0.78
CA HIS A 58 0.79 -8.89 -0.47
C HIS A 58 2.23 -9.01 0.06
N THR A 59 2.42 -9.08 1.38
CA THR A 59 3.74 -8.88 2.01
C THR A 59 3.95 -9.65 3.32
N THR A 60 5.22 -9.94 3.65
CA THR A 60 5.64 -10.52 4.94
C THR A 60 5.87 -9.48 6.05
N LEU A 61 5.86 -8.18 5.71
CA LEU A 61 6.16 -7.07 6.63
C LEU A 61 5.09 -6.86 7.73
N PRO A 62 5.41 -6.14 8.82
CA PRO A 62 4.43 -5.71 9.82
C PRO A 62 3.67 -4.49 9.29
N SER A 63 2.36 -4.40 9.49
CA SER A 63 1.58 -3.25 9.00
C SER A 63 1.95 -1.92 9.70
N GLN A 64 2.63 -1.97 10.85
CA GLN A 64 3.30 -0.80 11.43
C GLN A 64 4.35 -0.21 10.47
N GLU A 65 5.10 -1.08 9.78
CA GLU A 65 6.20 -0.70 8.89
C GLU A 65 5.66 -0.21 7.53
N VAL A 66 4.72 -0.96 6.94
CA VAL A 66 4.12 -0.63 5.64
C VAL A 66 3.38 0.70 5.71
N GLN A 67 2.73 1.03 6.83
CA GLN A 67 2.17 2.37 7.06
C GLN A 67 3.22 3.48 6.86
N ALA A 68 4.42 3.36 7.43
CA ALA A 68 5.46 4.39 7.28
C ALA A 68 6.12 4.35 5.89
N LEU A 69 6.09 3.21 5.20
CA LEU A 69 6.49 3.08 3.81
C LEU A 69 5.50 3.80 2.87
N LEU A 70 4.21 3.59 3.08
CA LEU A 70 3.08 4.24 2.40
C LEU A 70 3.04 5.75 2.68
N GLU A 71 3.28 6.17 3.91
CA GLU A 71 3.36 7.59 4.32
C GLU A 71 4.47 8.37 3.61
N GLY A 72 5.53 7.68 3.17
CA GLY A 72 6.58 8.21 2.29
C GLY A 72 6.11 8.61 0.88
N THR A 73 4.88 8.25 0.47
CA THR A 73 4.26 8.71 -0.79
C THR A 73 3.75 10.16 -0.73
N GLY A 74 3.92 10.82 0.43
CA GLY A 74 3.51 12.22 0.66
C GLY A 74 2.09 12.36 1.20
N ARG A 75 1.52 11.30 1.78
CA ARG A 75 0.08 11.14 2.00
C ARG A 75 -0.27 10.58 3.39
N GLN A 76 -1.56 10.65 3.69
CA GLN A 76 -2.25 9.87 4.71
C GLN A 76 -2.27 8.38 4.32
N ALA A 77 -2.14 7.53 5.34
CA ALA A 77 -2.23 6.06 5.27
C ALA A 77 -2.71 5.47 6.60
N VAL A 78 -3.85 4.78 6.56
CA VAL A 78 -4.47 4.07 7.69
C VAL A 78 -4.85 2.66 7.24
N LEU A 79 -4.49 1.65 8.03
CA LEU A 79 -4.92 0.29 7.75
C LEU A 79 -6.37 0.04 8.17
N LYS A 80 -7.07 -0.72 7.32
CA LYS A 80 -8.44 -1.16 7.54
C LYS A 80 -8.53 -2.58 8.07
N GLY A 81 -7.68 -3.47 7.54
CA GLY A 81 -7.44 -4.82 8.03
C GLY A 81 -6.68 -5.65 7.00
N MET A 82 -6.67 -6.96 7.19
CA MET A 82 -6.20 -7.93 6.24
C MET A 82 -7.36 -8.40 5.35
N GLY A 83 -7.08 -8.65 4.08
CA GLY A 83 -8.12 -8.65 3.05
C GLY A 83 -7.79 -9.41 1.76
N GLY A 13 8.23 -11.62 8.81
CA GLY A 13 7.03 -12.39 9.20
C GLY A 13 6.57 -13.36 8.11
N THR A 14 5.27 -13.36 7.81
CA THR A 14 4.66 -14.27 6.83
C THR A 14 3.62 -13.58 5.95
N LEU A 15 3.39 -14.15 4.77
CA LEU A 15 2.70 -13.49 3.67
C LEU A 15 1.20 -13.30 3.97
N CYS A 16 0.79 -12.05 3.89
CA CYS A 16 -0.53 -11.53 4.21
C CYS A 16 -0.88 -10.37 3.27
N THR A 17 -2.17 -10.14 3.01
CA THR A 17 -2.67 -9.00 2.22
C THR A 17 -3.08 -7.88 3.17
N LEU A 18 -2.37 -6.75 3.13
CA LEU A 18 -2.73 -5.56 3.88
C LEU A 18 -3.58 -4.64 2.98
N GLU A 19 -4.80 -4.33 3.43
CA GLU A 19 -5.78 -3.50 2.72
C GLU A 19 -5.86 -2.08 3.34
N PHE A 20 -5.07 -1.14 2.81
CA PHE A 20 -4.98 0.22 3.34
C PHE A 20 -5.81 1.23 2.55
N ALA A 21 -6.53 2.07 3.27
CA ALA A 21 -7.20 3.26 2.74
C ALA A 21 -6.24 4.48 2.72
N VAL A 22 -6.21 5.28 1.65
CA VAL A 22 -5.19 6.34 1.43
C VAL A 22 -5.75 7.64 0.85
N GLN A 23 -5.07 8.77 1.06
CA GLN A 23 -5.47 10.05 0.44
C GLN A 23 -4.83 10.21 -0.96
N MET A 24 -5.57 9.86 -2.02
CA MET A 24 -5.26 10.23 -3.41
C MET A 24 -6.52 10.31 -4.29
N THR A 25 -6.60 11.30 -5.19
CA THR A 25 -7.81 11.62 -5.98
C THR A 25 -7.59 11.81 -7.50
N CYS A 26 -6.34 11.77 -7.99
CA CYS A 26 -6.01 11.84 -9.43
C CYS A 26 -4.93 10.79 -9.84
N GLN A 27 -4.86 10.48 -11.14
CA GLN A 27 -4.18 9.30 -11.72
C GLN A 27 -2.66 9.22 -11.44
N SER A 28 -1.99 10.35 -11.19
CA SER A 28 -0.53 10.39 -10.95
C SER A 28 -0.12 9.95 -9.54
N CYS A 29 -1.00 10.06 -8.54
CA CYS A 29 -0.74 9.58 -7.20
C CYS A 29 -0.70 8.03 -7.17
N VAL A 30 -1.62 7.40 -7.88
CA VAL A 30 -1.81 5.95 -8.07
C VAL A 30 -0.51 5.25 -8.44
N ASP A 31 0.14 5.72 -9.50
CA ASP A 31 1.47 5.26 -9.92
C ASP A 31 2.53 5.48 -8.85
N ALA A 32 2.42 6.61 -8.14
CA ALA A 32 3.41 6.98 -7.12
C ALA A 32 3.31 6.06 -5.89
N VAL A 33 2.10 5.64 -5.50
CA VAL A 33 1.93 4.65 -4.45
C VAL A 33 2.46 3.29 -4.88
N ARG A 34 2.14 2.84 -6.11
CA ARG A 34 2.63 1.58 -6.68
C ARG A 34 4.16 1.51 -6.67
N LYS A 35 4.84 2.64 -6.86
CA LYS A 35 6.30 2.72 -6.96
C LYS A 35 7.06 2.78 -5.64
N SER A 36 6.40 3.14 -4.52
CA SER A 36 6.94 2.82 -3.20
C SER A 36 7.02 1.30 -2.97
N LEU A 37 6.04 0.54 -3.49
CA LEU A 37 5.92 -0.91 -3.31
C LEU A 37 6.76 -1.73 -4.30
N GLN A 38 6.91 -1.25 -5.54
CA GLN A 38 7.60 -1.95 -6.63
C GLN A 38 9.10 -2.10 -6.31
N GLY A 39 9.55 -3.35 -6.36
CA GLY A 39 10.90 -3.82 -6.03
C GLY A 39 11.21 -4.08 -4.55
N VAL A 40 10.24 -4.06 -3.63
CA VAL A 40 10.49 -4.17 -2.19
C VAL A 40 10.76 -5.62 -1.78
N ALA A 41 11.94 -5.87 -1.23
CA ALA A 41 12.31 -7.17 -0.66
C ALA A 41 11.32 -7.58 0.47
N GLY A 42 10.56 -8.65 0.24
CA GLY A 42 9.45 -9.11 1.09
C GLY A 42 8.05 -8.78 0.55
N VAL A 43 7.92 -8.24 -0.66
CA VAL A 43 6.64 -8.13 -1.39
C VAL A 43 6.51 -9.32 -2.37
N GLN A 44 5.31 -9.91 -2.46
CA GLN A 44 4.93 -10.82 -3.55
C GLN A 44 4.19 -10.08 -4.66
N ASP A 45 3.15 -9.33 -4.29
CA ASP A 45 2.19 -8.72 -5.19
C ASP A 45 1.61 -7.44 -4.59
N VAL A 46 1.02 -6.61 -5.44
CA VAL A 46 0.40 -5.34 -5.12
C VAL A 46 -0.79 -5.10 -6.05
N GLU A 47 -1.76 -4.29 -5.62
CA GLU A 47 -2.80 -3.72 -6.49
C GLU A 47 -3.35 -2.42 -5.88
N VAL A 48 -3.75 -1.42 -6.67
CA VAL A 48 -4.40 -0.21 -6.17
C VAL A 48 -5.77 -0.02 -6.80
N HIS A 49 -6.77 0.23 -5.95
CA HIS A 49 -8.12 0.61 -6.35
C HIS A 49 -8.38 2.06 -5.95
N LEU A 50 -7.95 2.96 -6.82
CA LEU A 50 -8.22 4.40 -6.80
C LEU A 50 -9.74 4.68 -6.67
N GLU A 51 -10.53 3.85 -7.35
CA GLU A 51 -12.00 3.77 -7.30
C GLU A 51 -12.60 3.50 -5.89
N ASP A 52 -11.83 2.99 -4.93
CA ASP A 52 -12.19 2.93 -3.49
C ASP A 52 -11.23 3.73 -2.60
N GLN A 53 -10.24 4.40 -3.19
CA GLN A 53 -9.02 4.88 -2.51
C GLN A 53 -8.30 3.79 -1.68
N MET A 54 -8.42 2.52 -2.08
CA MET A 54 -7.82 1.37 -1.38
C MET A 54 -6.52 0.90 -2.05
N VAL A 55 -5.60 0.32 -1.28
CA VAL A 55 -4.35 -0.28 -1.73
C VAL A 55 -4.15 -1.66 -1.11
N LEU A 56 -3.81 -2.65 -1.93
CA LEU A 56 -3.49 -4.02 -1.57
C LEU A 56 -1.99 -4.23 -1.66
N VAL A 57 -1.41 -4.78 -0.59
CA VAL A 57 0.01 -5.09 -0.47
C VAL A 57 0.15 -6.51 0.08
N HIS A 58 0.55 -7.45 -0.78
CA HIS A 58 0.77 -8.85 -0.44
C HIS A 58 2.24 -9.04 0.03
N THR A 59 2.50 -9.08 1.34
CA THR A 59 3.87 -8.95 1.91
C THR A 59 4.06 -9.68 3.25
N THR A 60 5.32 -9.94 3.64
CA THR A 60 5.73 -10.49 4.94
C THR A 60 6.04 -9.41 6.00
N LEU A 61 6.06 -8.13 5.63
CA LEU A 61 6.38 -6.98 6.49
C LEU A 61 5.30 -6.69 7.55
N PRO A 62 5.62 -5.98 8.65
CA PRO A 62 4.63 -5.58 9.65
C PRO A 62 3.78 -4.43 9.08
N SER A 63 2.46 -4.39 9.28
CA SER A 63 1.63 -3.31 8.73
C SER A 63 2.02 -1.93 9.29
N GLN A 64 2.51 -1.88 10.53
CA GLN A 64 3.18 -0.76 11.17
C GLN A 64 4.39 -0.21 10.38
N GLU A 65 5.08 -1.05 9.60
CA GLU A 65 6.14 -0.64 8.67
C GLU A 65 5.56 -0.17 7.32
N VAL A 66 4.59 -0.91 6.76
CA VAL A 66 4.01 -0.62 5.45
C VAL A 66 3.26 0.70 5.45
N GLN A 67 2.61 1.09 6.56
CA GLN A 67 2.02 2.42 6.72
C GLN A 67 3.07 3.51 6.46
N ALA A 68 4.27 3.43 7.04
CA ALA A 68 5.27 4.46 6.85
C ALA A 68 5.85 4.41 5.42
N LEU A 69 5.92 3.21 4.83
CA LEU A 69 6.35 3.03 3.44
C LEU A 69 5.37 3.67 2.44
N LEU A 70 4.07 3.50 2.69
CA LEU A 70 2.94 4.16 2.01
C LEU A 70 2.91 5.67 2.29
N GLU A 71 3.20 6.11 3.51
CA GLU A 71 3.23 7.54 3.89
C GLU A 71 4.31 8.32 3.11
N GLY A 72 5.43 7.69 2.76
CA GLY A 72 6.47 8.26 1.87
C GLY A 72 6.02 8.52 0.42
N THR A 73 4.80 8.11 0.06
CA THR A 73 4.17 8.39 -1.25
C THR A 73 3.49 9.78 -1.28
N GLY A 74 3.59 10.55 -0.18
CA GLY A 74 3.24 11.97 -0.10
C GLY A 74 1.83 12.24 0.44
N ARG A 75 1.30 11.30 1.24
CA ARG A 75 -0.10 11.26 1.69
C ARG A 75 -0.27 10.55 3.03
N GLN A 76 -1.50 10.58 3.54
CA GLN A 76 -1.96 9.76 4.65
C GLN A 76 -2.39 8.37 4.18
N ALA A 77 -2.24 7.42 5.10
CA ALA A 77 -2.65 6.01 5.01
C ALA A 77 -3.35 5.59 6.32
N VAL A 78 -4.36 4.73 6.22
CA VAL A 78 -5.13 4.14 7.32
C VAL A 78 -5.48 2.71 6.97
N LEU A 79 -5.03 1.76 7.77
CA LEU A 79 -5.29 0.35 7.54
C LEU A 79 -6.72 -0.06 7.89
N LYS A 80 -7.32 -0.85 6.99
CA LYS A 80 -8.68 -1.37 7.12
C LYS A 80 -8.79 -2.85 7.49
N GLY A 81 -7.73 -3.61 7.22
CA GLY A 81 -7.41 -4.87 7.86
C GLY A 81 -6.51 -5.77 7.00
N MET A 82 -6.41 -7.02 7.43
CA MET A 82 -5.66 -8.09 6.80
C MET A 82 -6.62 -8.99 6.01
N GLY A 83 -6.61 -8.89 4.68
CA GLY A 83 -7.59 -9.51 3.80
C GLY A 83 -9.00 -8.91 3.90
N GLY A 13 8.08 -13.67 9.56
CA GLY A 13 7.15 -13.03 8.63
C GLY A 13 6.69 -14.07 7.61
N THR A 14 5.40 -14.03 7.32
CA THR A 14 4.69 -14.87 6.34
C THR A 14 3.79 -14.05 5.43
N LEU A 15 3.66 -14.49 4.18
CA LEU A 15 3.00 -13.77 3.09
C LEU A 15 1.48 -13.75 3.27
N CYS A 16 0.98 -12.54 3.35
CA CYS A 16 -0.40 -12.15 3.66
C CYS A 16 -0.74 -10.84 2.92
N THR A 17 -2.02 -10.58 2.70
CA THR A 17 -2.50 -9.30 2.17
C THR A 17 -2.79 -8.32 3.31
N LEU A 18 -2.40 -7.07 3.10
CA LEU A 18 -2.79 -5.90 3.90
C LEU A 18 -3.55 -4.90 3.05
N GLU A 19 -4.57 -4.30 3.65
CA GLU A 19 -5.59 -3.49 2.94
C GLU A 19 -5.76 -2.10 3.55
N PHE A 20 -4.98 -1.14 3.03
CA PHE A 20 -4.88 0.22 3.54
C PHE A 20 -5.69 1.22 2.70
N ALA A 21 -6.39 2.11 3.40
CA ALA A 21 -6.94 3.33 2.82
C ALA A 21 -5.84 4.41 2.67
N VAL A 22 -5.90 5.24 1.63
CA VAL A 22 -4.89 6.27 1.31
C VAL A 22 -5.51 7.55 0.75
N GLN A 23 -4.79 8.69 0.73
CA GLN A 23 -5.30 9.93 0.15
C GLN A 23 -4.81 10.12 -1.31
N MET A 24 -5.59 9.65 -2.29
CA MET A 24 -5.39 9.93 -3.73
C MET A 24 -6.67 9.76 -4.56
N THR A 25 -6.74 10.47 -5.69
CA THR A 25 -7.92 10.60 -6.56
C THR A 25 -7.61 10.82 -8.06
N CYS A 26 -6.38 11.20 -8.43
CA CYS A 26 -5.93 11.30 -9.83
C CYS A 26 -4.87 10.24 -10.19
N GLN A 27 -4.77 9.91 -11.49
CA GLN A 27 -3.97 8.80 -12.03
C GLN A 27 -2.46 8.86 -11.76
N SER A 28 -1.88 10.04 -11.50
CA SER A 28 -0.46 10.19 -11.12
C SER A 28 -0.12 9.58 -9.76
N CYS A 29 -1.04 9.64 -8.79
CA CYS A 29 -0.79 9.25 -7.41
C CYS A 29 -0.92 7.72 -7.22
N VAL A 30 -1.82 7.08 -7.98
CA VAL A 30 -1.92 5.63 -8.20
C VAL A 30 -0.55 5.06 -8.58
N ASP A 31 0.08 5.63 -9.61
CA ASP A 31 1.42 5.23 -10.05
C ASP A 31 2.46 5.51 -8.97
N ALA A 32 2.32 6.63 -8.25
CA ALA A 32 3.28 7.05 -7.24
C ALA A 32 3.32 6.05 -6.08
N VAL A 33 2.15 5.66 -5.54
CA VAL A 33 2.09 4.77 -4.40
C VAL A 33 2.45 3.34 -4.81
N ARG A 34 2.02 2.88 -6.01
CA ARG A 34 2.48 1.60 -6.58
C ARG A 34 4.00 1.56 -6.72
N LYS A 35 4.65 2.70 -6.98
CA LYS A 35 6.10 2.83 -7.12
C LYS A 35 6.87 3.05 -5.81
N SER A 36 6.21 3.48 -4.73
CA SER A 36 6.77 3.27 -3.38
C SER A 36 6.72 1.79 -3.00
N LEU A 37 5.69 1.06 -3.46
CA LEU A 37 5.49 -0.37 -3.22
C LEU A 37 6.36 -1.30 -4.09
N GLN A 38 6.58 -0.94 -5.36
CA GLN A 38 7.42 -1.70 -6.30
C GLN A 38 8.87 -1.72 -5.83
N GLY A 39 9.44 -2.92 -5.77
CA GLY A 39 10.78 -3.20 -5.27
C GLY A 39 10.94 -3.24 -3.74
N VAL A 40 9.86 -3.22 -2.93
CA VAL A 40 9.93 -3.33 -1.48
C VAL A 40 10.46 -4.70 -1.09
N ALA A 41 11.42 -4.68 -0.18
CA ALA A 41 12.02 -5.88 0.40
C ALA A 41 11.00 -6.57 1.31
N GLY A 42 10.45 -7.71 0.87
CA GLY A 42 9.35 -8.43 1.51
C GLY A 42 7.97 -8.26 0.85
N VAL A 43 7.88 -7.65 -0.34
CA VAL A 43 6.63 -7.61 -1.14
C VAL A 43 6.65 -8.67 -2.24
N GLN A 44 5.50 -9.28 -2.51
CA GLN A 44 5.26 -10.03 -3.74
C GLN A 44 4.55 -9.14 -4.77
N ASP A 45 3.39 -8.59 -4.40
CA ASP A 45 2.44 -8.01 -5.34
C ASP A 45 1.54 -6.99 -4.64
N VAL A 46 0.79 -6.26 -5.45
CA VAL A 46 -0.14 -5.19 -5.06
C VAL A 46 -1.38 -5.15 -5.95
N GLU A 47 -2.47 -4.58 -5.44
CA GLU A 47 -3.62 -4.15 -6.26
C GLU A 47 -4.20 -2.87 -5.68
N VAL A 48 -4.07 -1.75 -6.40
CA VAL A 48 -4.63 -0.46 -6.00
C VAL A 48 -6.01 -0.25 -6.64
N HIS A 49 -6.96 0.19 -5.83
CA HIS A 49 -8.29 0.62 -6.25
C HIS A 49 -8.45 2.12 -5.97
N LEU A 50 -8.08 2.94 -6.95
CA LEU A 50 -8.22 4.41 -6.93
C LEU A 50 -9.68 4.84 -6.72
N GLU A 51 -10.62 4.09 -7.30
CA GLU A 51 -12.07 4.31 -7.16
C GLU A 51 -12.65 3.98 -5.77
N ASP A 52 -11.85 3.40 -4.88
CA ASP A 52 -12.14 3.14 -3.48
C ASP A 52 -11.12 3.82 -2.53
N GLN A 53 -10.19 4.61 -3.09
CA GLN A 53 -8.99 5.16 -2.43
C GLN A 53 -8.25 4.13 -1.57
N MET A 54 -8.10 2.90 -2.08
CA MET A 54 -7.71 1.71 -1.32
C MET A 54 -6.52 1.00 -1.97
N VAL A 55 -5.70 0.30 -1.17
CA VAL A 55 -4.50 -0.40 -1.62
C VAL A 55 -4.37 -1.78 -0.97
N LEU A 56 -4.32 -2.84 -1.78
CA LEU A 56 -3.94 -4.19 -1.39
C LEU A 56 -2.43 -4.38 -1.55
N VAL A 57 -1.79 -4.96 -0.53
CA VAL A 57 -0.35 -5.20 -0.47
C VAL A 57 -0.08 -6.64 -0.01
N HIS A 58 0.34 -7.50 -0.93
CA HIS A 58 0.74 -8.89 -0.69
C HIS A 58 2.20 -8.93 -0.16
N THR A 59 2.41 -9.08 1.16
CA THR A 59 3.72 -8.89 1.83
C THR A 59 3.93 -9.72 3.11
N THR A 60 5.20 -10.01 3.46
CA THR A 60 5.59 -10.64 4.76
C THR A 60 5.81 -9.61 5.88
N LEU A 61 5.83 -8.32 5.55
CA LEU A 61 6.09 -7.19 6.46
C LEU A 61 4.95 -6.94 7.46
N PRO A 62 5.22 -6.29 8.61
CA PRO A 62 4.20 -5.91 9.58
C PRO A 62 3.50 -4.63 9.12
N SER A 63 2.22 -4.43 9.40
CA SER A 63 1.51 -3.20 8.97
C SER A 63 2.15 -1.90 9.46
N GLN A 64 2.82 -1.89 10.62
CA GLN A 64 3.64 -0.76 11.10
C GLN A 64 4.72 -0.34 10.09
N GLU A 65 5.29 -1.29 9.34
CA GLU A 65 6.32 -1.04 8.33
C GLU A 65 5.70 -0.56 7.01
N VAL A 66 4.60 -1.19 6.58
CA VAL A 66 3.89 -0.87 5.34
C VAL A 66 3.21 0.50 5.43
N GLN A 67 2.64 0.85 6.58
CA GLN A 67 2.13 2.20 6.91
C GLN A 67 3.17 3.27 6.58
N ALA A 68 4.42 3.12 7.02
CA ALA A 68 5.46 4.11 6.78
C ALA A 68 6.05 4.03 5.35
N LEU A 69 5.90 2.89 4.66
CA LEU A 69 6.20 2.75 3.23
C LEU A 69 5.19 3.50 2.34
N LEU A 70 3.90 3.37 2.66
CA LEU A 70 2.77 4.05 2.02
C LEU A 70 2.80 5.56 2.30
N GLU A 71 2.93 5.95 3.57
CA GLU A 71 3.18 7.33 4.03
C GLU A 71 4.42 7.96 3.40
N GLY A 72 5.39 7.14 2.97
CA GLY A 72 6.62 7.54 2.29
C GLY A 72 6.37 8.13 0.90
N THR A 73 5.14 7.99 0.39
CA THR A 73 4.67 8.55 -0.87
C THR A 73 4.07 9.96 -0.72
N GLY A 74 4.26 10.62 0.43
CA GLY A 74 3.94 12.05 0.63
C GLY A 74 2.44 12.35 0.73
N ARG A 75 1.66 11.34 1.10
CA ARG A 75 0.21 11.38 1.36
C ARG A 75 -0.14 10.37 2.44
N GLN A 76 -1.28 10.57 3.07
CA GLN A 76 -1.72 9.75 4.19
C GLN A 76 -2.10 8.34 3.76
N ALA A 77 -1.86 7.43 4.70
CA ALA A 77 -2.28 6.04 4.71
C ALA A 77 -2.91 5.72 6.08
N VAL A 78 -4.02 5.00 6.09
CA VAL A 78 -4.74 4.55 7.28
C VAL A 78 -5.18 3.12 7.04
N LEU A 79 -4.77 2.21 7.91
CA LEU A 79 -5.13 0.81 7.80
C LEU A 79 -6.59 0.55 8.18
N LYS A 80 -7.23 -0.28 7.35
CA LYS A 80 -8.62 -0.71 7.51
C LYS A 80 -8.77 -2.16 7.99
N GLY A 81 -7.84 -3.02 7.59
CA GLY A 81 -7.62 -4.37 8.14
C GLY A 81 -6.72 -5.21 7.23
N MET A 82 -6.58 -6.49 7.55
CA MET A 82 -5.86 -7.47 6.75
C MET A 82 -6.78 -8.11 5.70
N GLY A 83 -6.17 -8.62 4.63
CA GLY A 83 -6.84 -9.25 3.49
C GLY A 83 -7.06 -10.77 3.63
N GLY A 13 9.41 -14.06 8.32
CA GLY A 13 7.97 -13.94 8.25
C GLY A 13 7.41 -14.47 6.95
N THR A 14 6.12 -14.76 6.99
CA THR A 14 5.26 -15.21 5.89
C THR A 14 4.25 -14.16 5.46
N LEU A 15 3.77 -14.33 4.23
CA LEU A 15 3.01 -13.35 3.45
C LEU A 15 1.56 -13.21 3.92
N CYS A 16 1.04 -11.99 3.84
CA CYS A 16 -0.36 -11.65 4.00
C CYS A 16 -0.75 -10.39 3.22
N THR A 17 -2.04 -10.24 2.95
CA THR A 17 -2.64 -9.06 2.31
C THR A 17 -3.02 -8.03 3.35
N LEU A 18 -2.47 -6.82 3.26
CA LEU A 18 -2.90 -5.64 4.03
C LEU A 18 -3.72 -4.70 3.14
N GLU A 19 -4.88 -4.26 3.63
CA GLU A 19 -5.86 -3.43 2.90
C GLU A 19 -5.89 -2.00 3.46
N PHE A 20 -5.09 -1.10 2.88
CA PHE A 20 -4.92 0.26 3.39
C PHE A 20 -5.78 1.29 2.63
N ALA A 21 -6.19 2.34 3.33
CA ALA A 21 -6.86 3.53 2.78
C ALA A 21 -5.94 4.77 2.78
N VAL A 22 -5.85 5.49 1.66
CA VAL A 22 -4.79 6.48 1.39
C VAL A 22 -5.27 7.75 0.67
N GLN A 23 -4.52 8.84 0.75
CA GLN A 23 -4.83 10.10 0.04
C GLN A 23 -4.33 10.11 -1.43
N MET A 24 -5.15 9.68 -2.39
CA MET A 24 -4.95 9.95 -3.82
C MET A 24 -6.26 10.10 -4.63
N THR A 25 -6.18 10.70 -5.83
CA THR A 25 -7.36 11.17 -6.60
C THR A 25 -7.41 10.79 -8.10
N CYS A 26 -6.28 10.76 -8.80
CA CYS A 26 -6.20 10.52 -10.25
C CYS A 26 -4.99 9.65 -10.66
N GLN A 27 -4.95 9.27 -11.96
CA GLN A 27 -4.10 8.21 -12.54
C GLN A 27 -2.58 8.32 -12.27
N SER A 28 -2.05 9.52 -12.07
CA SER A 28 -0.62 9.76 -11.78
C SER A 28 -0.23 9.51 -10.31
N CYS A 29 -1.19 9.56 -9.38
CA CYS A 29 -0.97 9.31 -7.97
C CYS A 29 -0.93 7.78 -7.69
N VAL A 30 -1.84 7.04 -8.33
CA VAL A 30 -1.95 5.57 -8.35
C VAL A 30 -0.59 4.96 -8.72
N ASP A 31 0.01 5.46 -9.81
CA ASP A 31 1.35 5.11 -10.29
C ASP A 31 2.45 5.39 -9.27
N ALA A 32 2.33 6.52 -8.57
CA ALA A 32 3.36 6.98 -7.63
C ALA A 32 3.35 6.11 -6.35
N VAL A 33 2.17 5.90 -5.77
CA VAL A 33 2.04 5.09 -4.56
C VAL A 33 2.36 3.61 -4.86
N ARG A 34 2.00 3.08 -6.04
CA ARG A 34 2.47 1.76 -6.51
C ARG A 34 3.99 1.66 -6.55
N LYS A 35 4.70 2.71 -6.95
CA LYS A 35 6.16 2.68 -7.19
C LYS A 35 7.00 2.89 -5.93
N SER A 36 6.39 3.42 -4.87
CA SER A 36 6.91 3.29 -3.49
C SER A 36 6.74 1.87 -2.89
N LEU A 37 5.94 0.99 -3.52
CA LEU A 37 5.77 -0.43 -3.12
C LEU A 37 6.63 -1.37 -3.99
N GLN A 38 6.77 -1.05 -5.28
CA GLN A 38 7.46 -1.87 -6.27
C GLN A 38 8.97 -1.89 -6.00
N GLY A 39 9.51 -3.11 -5.90
CA GLY A 39 10.91 -3.37 -5.54
C GLY A 39 11.24 -3.37 -4.03
N VAL A 40 10.24 -3.43 -3.13
CA VAL A 40 10.45 -3.56 -1.69
C VAL A 40 10.65 -5.04 -1.36
N ALA A 41 11.70 -5.33 -0.59
CA ALA A 41 12.08 -6.69 -0.20
C ALA A 41 11.06 -7.28 0.78
N GLY A 42 10.40 -8.37 0.38
CA GLY A 42 9.29 -9.01 1.10
C GLY A 42 7.90 -8.68 0.55
N VAL A 43 7.79 -7.97 -0.59
CA VAL A 43 6.54 -7.86 -1.36
C VAL A 43 6.43 -9.01 -2.37
N GLN A 44 5.22 -9.46 -2.66
CA GLN A 44 4.85 -10.31 -3.80
C GLN A 44 4.07 -9.53 -4.86
N ASP A 45 3.02 -8.82 -4.44
CA ASP A 45 2.07 -8.15 -5.32
C ASP A 45 1.42 -6.92 -4.66
N VAL A 46 0.80 -6.12 -5.51
CA VAL A 46 -0.02 -4.94 -5.19
C VAL A 46 -1.32 -5.07 -5.97
N GLU A 47 -2.41 -4.54 -5.41
CA GLU A 47 -3.58 -4.16 -6.19
C GLU A 47 -4.20 -2.88 -5.61
N VAL A 48 -4.09 -1.77 -6.35
CA VAL A 48 -4.71 -0.50 -5.97
C VAL A 48 -6.09 -0.36 -6.62
N HIS A 49 -7.05 0.01 -5.79
CA HIS A 49 -8.39 0.39 -6.17
C HIS A 49 -8.57 1.90 -5.97
N LEU A 50 -8.23 2.67 -7.00
CA LEU A 50 -8.32 4.14 -7.01
C LEU A 50 -9.75 4.62 -6.71
N GLU A 51 -10.74 3.90 -7.22
CA GLU A 51 -12.17 4.23 -7.03
C GLU A 51 -12.69 4.00 -5.60
N ASP A 52 -11.92 3.36 -4.71
CA ASP A 52 -12.16 3.27 -3.26
C ASP A 52 -11.07 3.97 -2.42
N GLN A 53 -10.09 4.61 -3.07
CA GLN A 53 -8.83 5.10 -2.47
C GLN A 53 -8.09 4.03 -1.64
N MET A 54 -8.24 2.76 -2.03
CA MET A 54 -7.76 1.60 -1.28
C MET A 54 -6.58 0.94 -1.99
N VAL A 55 -5.64 0.39 -1.21
CA VAL A 55 -4.47 -0.32 -1.73
C VAL A 55 -4.28 -1.65 -1.00
N LEU A 56 -4.31 -2.75 -1.76
CA LEU A 56 -3.85 -4.07 -1.34
C LEU A 56 -2.35 -4.16 -1.54
N VAL A 57 -1.66 -4.69 -0.54
CA VAL A 57 -0.23 -4.95 -0.51
C VAL A 57 -0.04 -6.37 0.01
N HIS A 58 0.39 -7.27 -0.85
CA HIS A 58 0.63 -8.69 -0.58
C HIS A 58 2.08 -8.87 -0.13
N THR A 59 2.35 -8.96 1.17
CA THR A 59 3.71 -8.85 1.74
C THR A 59 3.91 -9.59 3.07
N THR A 60 5.16 -9.96 3.40
CA THR A 60 5.50 -10.50 4.74
C THR A 60 5.69 -9.38 5.79
N LEU A 61 5.75 -8.11 5.38
CA LEU A 61 6.05 -6.97 6.26
C LEU A 61 4.90 -6.66 7.25
N PRO A 62 5.20 -6.14 8.47
CA PRO A 62 4.17 -5.82 9.46
C PRO A 62 3.54 -4.48 9.11
N SER A 63 2.22 -4.32 9.33
CA SER A 63 1.53 -3.07 8.98
C SER A 63 2.08 -1.83 9.68
N GLN A 64 2.78 -1.96 10.82
CA GLN A 64 3.54 -0.86 11.44
C GLN A 64 4.66 -0.30 10.54
N GLU A 65 5.25 -1.09 9.63
CA GLU A 65 6.17 -0.57 8.61
C GLU A 65 5.43 -0.12 7.38
N VAL A 66 4.46 -0.90 6.90
CA VAL A 66 3.80 -0.61 5.62
C VAL A 66 3.03 0.71 5.72
N GLN A 67 2.41 1.01 6.86
CA GLN A 67 1.84 2.34 7.17
C GLN A 67 2.88 3.46 6.99
N ALA A 68 4.10 3.27 7.50
CA ALA A 68 5.15 4.28 7.41
C ALA A 68 5.76 4.36 5.99
N LEU A 69 5.78 3.23 5.28
CA LEU A 69 6.28 3.10 3.91
C LEU A 69 5.34 3.80 2.90
N LEU A 70 4.04 3.61 3.09
CA LEU A 70 2.94 4.32 2.41
C LEU A 70 2.97 5.82 2.74
N GLU A 71 3.13 6.19 4.02
CA GLU A 71 3.28 7.58 4.47
C GLU A 71 4.49 8.32 3.85
N GLY A 72 5.51 7.58 3.39
CA GLY A 72 6.66 8.12 2.65
C GLY A 72 6.32 8.73 1.28
N THR A 73 5.13 8.44 0.73
CA THR A 73 4.62 8.98 -0.56
C THR A 73 4.08 10.42 -0.43
N GLY A 74 4.15 11.00 0.77
CA GLY A 74 3.68 12.37 1.06
C GLY A 74 2.17 12.47 1.27
N ARG A 75 1.54 11.33 1.57
CA ARG A 75 0.10 11.09 1.63
C ARG A 75 -0.22 10.35 2.93
N GLN A 76 -1.38 10.61 3.51
CA GLN A 76 -1.86 9.81 4.63
C GLN A 76 -2.10 8.37 4.22
N ALA A 77 -1.83 7.48 5.17
CA ALA A 77 -2.21 6.07 5.17
C ALA A 77 -2.92 5.69 6.49
N VAL A 78 -4.00 4.92 6.37
CA VAL A 78 -4.76 4.32 7.48
C VAL A 78 -5.11 2.89 7.08
N LEU A 79 -4.86 1.91 7.95
CA LEU A 79 -5.20 0.53 7.66
C LEU A 79 -6.67 0.23 7.95
N LYS A 80 -7.27 -0.55 7.05
CA LYS A 80 -8.68 -0.96 7.13
C LYS A 80 -8.83 -2.41 7.60
N GLY A 81 -7.88 -3.28 7.27
CA GLY A 81 -7.63 -4.55 7.93
C GLY A 81 -6.76 -5.47 7.08
N MET A 82 -6.82 -6.77 7.38
CA MET A 82 -6.14 -7.83 6.65
C MET A 82 -7.11 -8.52 5.69
N GLY A 83 -6.61 -8.94 4.54
CA GLY A 83 -7.41 -9.35 3.39
C GLY A 83 -8.14 -10.68 3.52
N GLY A 13 6.22 -12.95 10.63
CA GLY A 13 6.98 -12.68 9.41
C GLY A 13 6.66 -13.68 8.29
N THR A 14 5.36 -13.94 8.11
CA THR A 14 4.78 -14.72 7.01
C THR A 14 3.71 -13.91 6.28
N LEU A 15 3.44 -14.29 5.03
CA LEU A 15 2.75 -13.43 4.07
C LEU A 15 1.26 -13.27 4.40
N CYS A 16 0.76 -12.06 4.19
CA CYS A 16 -0.66 -11.73 4.14
C CYS A 16 -0.91 -10.55 3.20
N THR A 17 -2.16 -10.41 2.76
CA THR A 17 -2.65 -9.21 2.08
C THR A 17 -3.05 -8.17 3.13
N LEU A 18 -2.35 -7.04 3.19
CA LEU A 18 -2.77 -5.86 3.96
C LEU A 18 -3.60 -4.94 3.05
N GLU A 19 -4.80 -4.56 3.50
CA GLU A 19 -5.79 -3.77 2.73
C GLU A 19 -5.89 -2.35 3.30
N PHE A 20 -5.08 -1.42 2.79
CA PHE A 20 -4.94 -0.07 3.35
C PHE A 20 -5.77 0.97 2.60
N ALA A 21 -6.26 1.97 3.32
CA ALA A 21 -6.80 3.22 2.77
C ALA A 21 -5.71 4.30 2.67
N VAL A 22 -5.75 5.14 1.64
CA VAL A 22 -4.77 6.23 1.39
C VAL A 22 -5.45 7.50 0.83
N GLN A 23 -4.86 8.67 1.05
CA GLN A 23 -5.43 9.94 0.57
C GLN A 23 -4.93 10.27 -0.86
N MET A 24 -5.65 9.84 -1.90
CA MET A 24 -5.40 10.23 -3.31
C MET A 24 -6.66 10.23 -4.19
N THR A 25 -6.70 11.08 -5.22
CA THR A 25 -7.93 11.39 -6.01
C THR A 25 -7.77 11.41 -7.54
N CYS A 26 -6.53 11.36 -8.07
CA CYS A 26 -6.22 11.35 -9.50
C CYS A 26 -4.95 10.53 -9.85
N GLN A 27 -4.81 10.16 -11.14
CA GLN A 27 -3.89 9.11 -11.64
C GLN A 27 -2.37 9.31 -11.44
N SER A 28 -1.88 10.51 -11.14
CA SER A 28 -0.45 10.74 -10.81
C SER A 28 -0.06 10.32 -9.40
N CYS A 29 -1.01 10.25 -8.46
CA CYS A 29 -0.76 9.76 -7.12
C CYS A 29 -0.56 8.23 -7.14
N VAL A 30 -1.47 7.54 -7.82
CA VAL A 30 -1.60 6.08 -8.01
C VAL A 30 -0.30 5.48 -8.50
N ASP A 31 0.25 5.98 -9.60
CA ASP A 31 1.56 5.57 -10.14
C ASP A 31 2.71 5.80 -9.15
N ALA A 32 2.58 6.83 -8.30
CA ALA A 32 3.59 7.17 -7.30
C ALA A 32 3.53 6.27 -6.06
N VAL A 33 2.33 5.93 -5.55
CA VAL A 33 2.20 5.01 -4.43
C VAL A 33 2.57 3.60 -4.84
N ARG A 34 2.17 3.16 -6.05
CA ARG A 34 2.56 1.86 -6.63
C ARG A 34 4.08 1.70 -6.64
N LYS A 35 4.82 2.75 -7.02
CA LYS A 35 6.27 2.64 -7.24
C LYS A 35 7.09 2.69 -5.95
N SER A 36 6.53 3.21 -4.85
CA SER A 36 7.08 3.00 -3.49
C SER A 36 7.11 1.51 -3.08
N LEU A 37 6.21 0.68 -3.64
CA LEU A 37 6.06 -0.76 -3.32
C LEU A 37 6.75 -1.71 -4.32
N GLN A 38 6.90 -1.26 -5.58
CA GLN A 38 7.20 -2.11 -6.71
C GLN A 38 8.69 -2.50 -6.74
N GLY A 39 8.96 -3.80 -6.67
CA GLY A 39 10.29 -4.37 -6.57
C GLY A 39 10.90 -4.35 -5.15
N VAL A 40 10.10 -4.21 -4.09
CA VAL A 40 10.56 -4.23 -2.69
C VAL A 40 10.61 -5.67 -2.20
N ALA A 41 11.77 -6.08 -1.71
CA ALA A 41 12.01 -7.42 -1.17
C ALA A 41 11.19 -7.65 0.12
N GLY A 42 10.39 -8.72 0.13
CA GLY A 42 9.42 -9.04 1.17
C GLY A 42 7.97 -8.68 0.78
N VAL A 43 7.77 -7.93 -0.30
CA VAL A 43 6.50 -7.82 -1.03
C VAL A 43 6.51 -8.85 -2.16
N GLN A 44 5.39 -9.57 -2.34
CA GLN A 44 5.21 -10.60 -3.38
C GLN A 44 4.26 -10.16 -4.50
N ASP A 45 3.26 -9.35 -4.17
CA ASP A 45 2.38 -8.62 -5.08
C ASP A 45 1.81 -7.36 -4.43
N VAL A 46 1.20 -6.51 -5.25
CA VAL A 46 0.46 -5.29 -4.90
C VAL A 46 -0.71 -5.04 -5.85
N GLU A 47 -1.72 -4.29 -5.41
CA GLU A 47 -2.82 -3.84 -6.26
C GLU A 47 -3.47 -2.56 -5.71
N VAL A 48 -3.56 -1.48 -6.48
CA VAL A 48 -4.20 -0.22 -6.05
C VAL A 48 -5.60 -0.08 -6.65
N HIS A 49 -6.57 0.30 -5.83
CA HIS A 49 -7.95 0.59 -6.22
C HIS A 49 -8.33 2.03 -5.84
N LEU A 50 -8.08 2.98 -6.74
CA LEU A 50 -8.49 4.39 -6.60
C LEU A 50 -9.98 4.54 -6.34
N GLU A 51 -10.79 3.70 -6.97
CA GLU A 51 -12.26 3.72 -6.79
C GLU A 51 -12.75 3.20 -5.42
N ASP A 52 -11.85 2.75 -4.54
CA ASP A 52 -12.06 2.69 -3.08
C ASP A 52 -11.08 3.59 -2.28
N GLN A 53 -10.14 4.27 -2.96
CA GLN A 53 -8.88 4.83 -2.40
C GLN A 53 -8.06 3.79 -1.60
N MET A 54 -8.16 2.51 -1.97
CA MET A 54 -7.47 1.40 -1.32
C MET A 54 -6.17 0.99 -2.00
N VAL A 55 -5.23 0.41 -1.25
CA VAL A 55 -4.01 -0.23 -1.73
C VAL A 55 -3.86 -1.59 -1.03
N LEU A 56 -3.77 -2.67 -1.81
CA LEU A 56 -3.44 -4.02 -1.38
C LEU A 56 -1.93 -4.23 -1.48
N VAL A 57 -1.34 -4.78 -0.42
CA VAL A 57 0.08 -5.12 -0.37
C VAL A 57 0.21 -6.54 0.19
N HIS A 58 0.61 -7.48 -0.67
CA HIS A 58 0.80 -8.89 -0.36
C HIS A 58 2.24 -9.09 0.17
N THR A 59 2.45 -9.13 1.48
CA THR A 59 3.80 -9.01 2.09
C THR A 59 3.94 -9.69 3.47
N THR A 60 5.17 -9.98 3.91
CA THR A 60 5.48 -10.39 5.31
C THR A 60 5.74 -9.21 6.26
N LEU A 61 5.95 -8.01 5.72
CA LEU A 61 6.26 -6.79 6.48
C LEU A 61 5.14 -6.40 7.45
N PRO A 62 5.44 -5.73 8.58
CA PRO A 62 4.45 -5.36 9.59
C PRO A 62 3.70 -4.13 9.09
N SER A 63 2.39 -4.02 9.30
CA SER A 63 1.62 -2.85 8.84
C SER A 63 2.11 -1.52 9.42
N GLN A 64 2.79 -1.53 10.59
CA GLN A 64 3.51 -0.37 11.13
C GLN A 64 4.64 0.16 10.22
N GLU A 65 5.22 -0.72 9.39
CA GLU A 65 6.23 -0.41 8.37
C GLU A 65 5.58 -0.03 7.03
N VAL A 66 4.56 -0.79 6.60
CA VAL A 66 3.91 -0.60 5.30
C VAL A 66 3.08 0.67 5.29
N GLN A 67 2.42 1.05 6.40
CA GLN A 67 1.72 2.34 6.53
C GLN A 67 2.66 3.48 6.12
N ALA A 68 3.89 3.47 6.60
CA ALA A 68 4.82 4.55 6.38
C ALA A 68 5.52 4.46 5.01
N LEU A 69 5.60 3.26 4.43
CA LEU A 69 5.99 3.04 3.03
C LEU A 69 4.95 3.58 2.04
N LEU A 70 3.67 3.43 2.39
CA LEU A 70 2.50 3.94 1.68
C LEU A 70 2.33 5.45 1.87
N GLU A 71 2.53 5.99 3.07
CA GLU A 71 2.25 7.41 3.37
C GLU A 71 3.44 8.34 3.10
N GLY A 72 4.68 7.84 3.19
CA GLY A 72 5.90 8.53 2.75
C GLY A 72 5.94 8.87 1.26
N THR A 73 4.92 8.47 0.51
CA THR A 73 4.61 8.86 -0.88
C THR A 73 4.06 10.30 -0.98
N GLY A 74 3.92 11.00 0.15
CA GLY A 74 3.54 12.43 0.26
C GLY A 74 2.07 12.67 0.62
N ARG A 75 1.44 11.74 1.35
CA ARG A 75 0.03 11.75 1.78
C ARG A 75 -0.15 11.03 3.13
N GLN A 76 -1.38 10.62 3.44
CA GLN A 76 -1.71 9.70 4.53
C GLN A 76 -2.02 8.28 4.06
N ALA A 77 -1.73 7.30 4.92
CA ALA A 77 -2.14 5.89 4.86
C ALA A 77 -2.77 5.44 6.20
N VAL A 78 -3.85 4.66 6.16
CA VAL A 78 -4.54 4.07 7.31
C VAL A 78 -5.00 2.66 6.96
N LEU A 79 -4.61 1.68 7.75
CA LEU A 79 -5.00 0.29 7.51
C LEU A 79 -6.47 0.04 7.88
N LYS A 80 -7.14 -0.74 7.02
CA LYS A 80 -8.54 -1.13 7.20
C LYS A 80 -8.70 -2.56 7.70
N GLY A 81 -7.81 -3.46 7.26
CA GLY A 81 -7.61 -4.81 7.79
C GLY A 81 -6.81 -5.67 6.80
N MET A 82 -7.06 -6.97 6.80
CA MET A 82 -6.38 -7.94 5.94
C MET A 82 -7.35 -8.59 4.94
N GLY A 83 -6.82 -9.08 3.82
CA GLY A 83 -7.58 -9.81 2.80
C GLY A 83 -7.84 -11.27 3.15
N GLY A 13 6.68 -12.64 9.95
CA GLY A 13 7.45 -12.69 8.71
C GLY A 13 6.96 -13.72 7.68
N THR A 14 5.67 -13.68 7.39
CA THR A 14 4.96 -14.62 6.50
C THR A 14 3.83 -13.93 5.73
N LEU A 15 3.50 -14.46 4.55
CA LEU A 15 2.71 -13.79 3.54
C LEU A 15 1.22 -13.67 3.85
N CYS A 16 0.75 -12.42 3.84
CA CYS A 16 -0.64 -11.99 3.93
C CYS A 16 -0.90 -10.83 2.98
N THR A 17 -2.18 -10.56 2.69
CA THR A 17 -2.61 -9.26 2.16
C THR A 17 -2.74 -8.28 3.33
N LEU A 18 -2.30 -7.04 3.14
CA LEU A 18 -2.64 -5.89 3.99
C LEU A 18 -3.28 -4.80 3.14
N GLU A 19 -4.34 -4.20 3.69
CA GLU A 19 -5.40 -3.55 2.92
C GLU A 19 -5.75 -2.18 3.52
N PHE A 20 -5.07 -1.19 2.98
CA PHE A 20 -5.03 0.19 3.47
C PHE A 20 -5.90 1.13 2.64
N ALA A 21 -6.50 2.12 3.30
CA ALA A 21 -7.04 3.32 2.68
C ALA A 21 -5.97 4.44 2.63
N VAL A 22 -5.97 5.30 1.61
CA VAL A 22 -4.95 6.33 1.37
C VAL A 22 -5.55 7.65 0.86
N GLN A 23 -4.85 8.77 1.02
CA GLN A 23 -5.30 10.06 0.45
C GLN A 23 -4.71 10.29 -0.95
N MET A 24 -5.39 9.79 -1.98
CA MET A 24 -5.13 10.10 -3.40
C MET A 24 -6.39 9.93 -4.25
N THR A 25 -6.48 10.63 -5.38
CA THR A 25 -7.69 10.73 -6.20
C THR A 25 -7.45 10.93 -7.71
N CYS A 26 -6.27 11.40 -8.14
CA CYS A 26 -5.92 11.51 -9.57
C CYS A 26 -4.79 10.55 -10.01
N GLN A 27 -4.76 10.24 -11.31
CA GLN A 27 -4.06 9.09 -11.90
C GLN A 27 -2.53 9.05 -11.72
N SER A 28 -1.88 10.19 -11.47
CA SER A 28 -0.44 10.25 -11.21
C SER A 28 -0.05 9.65 -9.86
N CYS A 29 -0.89 9.83 -8.83
CA CYS A 29 -0.63 9.39 -7.47
C CYS A 29 -0.80 7.86 -7.35
N VAL A 30 -1.81 7.29 -7.99
CA VAL A 30 -2.06 5.85 -8.16
C VAL A 30 -0.79 5.11 -8.54
N ASP A 31 -0.16 5.55 -9.64
CA ASP A 31 1.12 5.01 -10.11
C ASP A 31 2.28 5.38 -9.18
N ALA A 32 2.26 6.54 -8.52
CA ALA A 32 3.34 6.91 -7.61
C ALA A 32 3.38 5.98 -6.40
N VAL A 33 2.23 5.71 -5.78
CA VAL A 33 2.14 4.84 -4.61
C VAL A 33 2.40 3.39 -5.03
N ARG A 34 1.87 2.91 -6.16
CA ARG A 34 2.20 1.58 -6.71
C ARG A 34 3.73 1.41 -6.85
N LYS A 35 4.44 2.44 -7.32
CA LYS A 35 5.88 2.36 -7.60
C LYS A 35 6.76 2.59 -6.38
N SER A 36 6.20 3.18 -5.32
CA SER A 36 6.77 3.14 -3.97
C SER A 36 6.88 1.70 -3.42
N LEU A 37 5.91 0.85 -3.75
CA LEU A 37 5.79 -0.56 -3.30
C LEU A 37 6.60 -1.52 -4.19
N GLN A 38 6.62 -1.27 -5.50
CA GLN A 38 7.35 -2.08 -6.47
C GLN A 38 8.84 -2.12 -6.15
N GLY A 39 9.38 -3.33 -6.23
CA GLY A 39 10.77 -3.63 -5.89
C GLY A 39 11.16 -3.41 -4.42
N VAL A 40 10.23 -3.49 -3.46
CA VAL A 40 10.53 -3.43 -2.01
C VAL A 40 10.82 -4.84 -1.50
N ALA A 41 11.85 -4.94 -0.67
CA ALA A 41 12.21 -6.18 0.02
C ALA A 41 11.06 -6.65 0.95
N GLY A 42 10.52 -7.84 0.69
CA GLY A 42 9.43 -8.46 1.45
C GLY A 42 8.05 -8.36 0.80
N VAL A 43 7.94 -7.79 -0.40
CA VAL A 43 6.71 -7.74 -1.21
C VAL A 43 6.71 -8.88 -2.24
N GLN A 44 5.54 -9.48 -2.49
CA GLN A 44 5.31 -10.39 -3.61
C GLN A 44 4.40 -9.77 -4.68
N ASP A 45 3.29 -9.15 -4.30
CA ASP A 45 2.33 -8.52 -5.21
C ASP A 45 1.63 -7.32 -4.56
N VAL A 46 0.98 -6.53 -5.40
CA VAL A 46 0.22 -5.33 -5.04
C VAL A 46 -0.99 -5.14 -5.97
N GLU A 47 -2.00 -4.42 -5.49
CA GLU A 47 -3.13 -3.93 -6.25
C GLU A 47 -3.59 -2.59 -5.67
N VAL A 48 -3.89 -1.59 -6.51
CA VAL A 48 -4.51 -0.34 -6.06
C VAL A 48 -5.93 -0.23 -6.60
N HIS A 49 -6.84 0.26 -5.76
CA HIS A 49 -8.22 0.58 -6.12
C HIS A 49 -8.50 2.07 -5.84
N LEU A 50 -8.17 2.91 -6.82
CA LEU A 50 -8.43 4.35 -6.82
C LEU A 50 -9.92 4.69 -6.60
N GLU A 51 -10.81 3.86 -7.12
CA GLU A 51 -12.27 3.99 -6.97
C GLU A 51 -12.75 3.80 -5.51
N ASP A 52 -11.91 3.28 -4.59
CA ASP A 52 -12.14 3.27 -3.14
C ASP A 52 -11.13 4.11 -2.34
N GLN A 53 -10.13 4.66 -3.04
CA GLN A 53 -8.84 5.09 -2.50
C GLN A 53 -8.15 4.01 -1.62
N MET A 54 -8.26 2.73 -2.02
CA MET A 54 -7.69 1.59 -1.30
C MET A 54 -6.42 1.04 -1.98
N VAL A 55 -5.54 0.40 -1.20
CA VAL A 55 -4.31 -0.27 -1.65
C VAL A 55 -4.15 -1.62 -0.94
N LEU A 56 -3.82 -2.65 -1.72
CA LEU A 56 -3.49 -4.00 -1.26
C LEU A 56 -2.00 -4.25 -1.46
N VAL A 57 -1.38 -4.86 -0.45
CA VAL A 57 0.04 -5.20 -0.43
C VAL A 57 0.16 -6.63 0.06
N HIS A 58 0.54 -7.54 -0.82
CA HIS A 58 0.82 -8.95 -0.53
C HIS A 58 2.29 -9.07 -0.08
N THR A 59 2.51 -9.15 1.24
CA THR A 59 3.83 -8.98 1.87
C THR A 59 3.99 -9.75 3.18
N THR A 60 5.24 -10.10 3.53
CA THR A 60 5.60 -10.61 4.86
C THR A 60 5.76 -9.54 5.95
N LEU A 61 5.81 -8.25 5.59
CA LEU A 61 6.12 -7.12 6.50
C LEU A 61 5.05 -6.87 7.60
N PRO A 62 5.39 -6.11 8.66
CA PRO A 62 4.45 -5.71 9.72
C PRO A 62 3.64 -4.50 9.27
N SER A 63 2.34 -4.41 9.57
CA SER A 63 1.49 -3.31 9.09
C SER A 63 1.98 -1.91 9.51
N GLN A 64 2.69 -1.79 10.64
CA GLN A 64 3.36 -0.55 11.06
C GLN A 64 4.40 -0.08 10.02
N GLU A 65 5.10 -1.02 9.38
CA GLU A 65 6.15 -0.76 8.40
C GLU A 65 5.54 -0.39 7.05
N VAL A 66 4.49 -1.10 6.62
CA VAL A 66 3.75 -0.85 5.39
C VAL A 66 3.04 0.48 5.46
N GLN A 67 2.44 0.86 6.60
CA GLN A 67 1.87 2.19 6.81
C GLN A 67 2.90 3.28 6.50
N ALA A 68 4.14 3.16 6.99
CA ALA A 68 5.17 4.18 6.78
C ALA A 68 5.79 4.06 5.37
N LEU A 69 5.72 2.89 4.73
CA LEU A 69 6.03 2.74 3.31
C LEU A 69 5.04 3.53 2.42
N LEU A 70 3.74 3.39 2.73
CA LEU A 70 2.63 4.09 2.07
C LEU A 70 2.62 5.59 2.39
N GLU A 71 2.87 5.97 3.64
CA GLU A 71 2.96 7.35 4.10
C GLU A 71 4.24 8.07 3.64
N GLY A 72 5.29 7.32 3.32
CA GLY A 72 6.50 7.84 2.68
C GLY A 72 6.32 8.31 1.23
N THR A 73 5.12 8.17 0.66
CA THR A 73 4.79 8.61 -0.71
C THR A 73 4.36 10.09 -0.80
N GLY A 74 4.24 10.80 0.34
CA GLY A 74 3.87 12.23 0.40
C GLY A 74 2.39 12.50 0.75
N ARG A 75 1.71 11.49 1.29
CA ARG A 75 0.30 11.47 1.66
C ARG A 75 0.06 10.61 2.90
N GLN A 76 -1.19 10.44 3.32
CA GLN A 76 -1.59 9.60 4.45
C GLN A 76 -2.07 8.22 4.02
N ALA A 77 -1.94 7.26 4.94
CA ALA A 77 -2.55 5.93 4.92
C ALA A 77 -3.32 5.68 6.23
N VAL A 78 -4.43 4.94 6.15
CA VAL A 78 -5.27 4.48 7.26
C VAL A 78 -5.68 3.04 6.96
N LEU A 79 -5.21 2.12 7.78
CA LEU A 79 -5.48 0.70 7.62
C LEU A 79 -6.94 0.32 7.83
N LYS A 80 -7.43 -0.59 6.98
CA LYS A 80 -8.80 -1.12 7.00
C LYS A 80 -8.89 -2.60 7.39
N GLY A 81 -7.84 -3.38 7.16
CA GLY A 81 -7.55 -4.65 7.82
C GLY A 81 -6.53 -5.48 7.07
N MET A 82 -6.39 -6.74 7.46
CA MET A 82 -5.70 -7.75 6.69
C MET A 82 -6.64 -8.27 5.59
N GLY A 83 -6.17 -8.23 4.34
CA GLY A 83 -7.03 -8.46 3.18
C GLY A 83 -7.43 -9.92 2.96
N GLY A 13 8.92 -12.03 9.04
CA GLY A 13 7.50 -12.34 9.10
C GLY A 13 7.09 -13.37 8.04
N THR A 14 5.83 -13.26 7.61
CA THR A 14 5.15 -14.19 6.71
C THR A 14 4.06 -13.52 5.89
N LEU A 15 3.83 -14.04 4.69
CA LEU A 15 3.00 -13.43 3.65
C LEU A 15 1.53 -13.33 4.03
N CYS A 16 0.98 -12.12 3.83
CA CYS A 16 -0.37 -11.67 4.16
C CYS A 16 -0.79 -10.54 3.19
N THR A 17 -2.10 -10.34 3.00
CA THR A 17 -2.64 -9.16 2.29
C THR A 17 -3.07 -8.11 3.29
N LEU A 18 -2.59 -6.88 3.15
CA LEU A 18 -3.06 -5.70 3.93
C LEU A 18 -3.90 -4.78 3.04
N GLU A 19 -5.07 -4.36 3.53
CA GLU A 19 -6.04 -3.48 2.85
C GLU A 19 -6.08 -2.07 3.46
N PHE A 20 -5.30 -1.13 2.90
CA PHE A 20 -5.18 0.22 3.44
C PHE A 20 -6.06 1.24 2.71
N ALA A 21 -6.62 2.17 3.49
CA ALA A 21 -7.17 3.43 2.98
C ALA A 21 -6.07 4.51 2.87
N VAL A 22 -6.02 5.27 1.78
CA VAL A 22 -4.95 6.24 1.47
C VAL A 22 -5.49 7.51 0.80
N GLN A 23 -4.71 8.60 0.82
CA GLN A 23 -5.15 9.84 0.17
C GLN A 23 -4.64 9.92 -1.28
N MET A 24 -5.45 9.41 -2.22
CA MET A 24 -5.34 9.69 -3.66
C MET A 24 -6.69 9.57 -4.38
N THR A 25 -6.94 10.44 -5.37
CA THR A 25 -8.17 10.45 -6.19
C THR A 25 -7.94 10.89 -7.65
N CYS A 26 -6.67 11.04 -8.06
CA CYS A 26 -6.24 11.24 -9.45
C CYS A 26 -5.07 10.30 -9.86
N GLN A 27 -4.88 10.14 -11.17
CA GLN A 27 -4.13 9.04 -11.79
C GLN A 27 -2.59 9.12 -11.59
N SER A 28 -2.04 10.32 -11.36
CA SER A 28 -0.60 10.51 -11.07
C SER A 28 -0.16 9.95 -9.71
N CYS A 29 -1.07 9.87 -8.74
CA CYS A 29 -0.80 9.35 -7.41
C CYS A 29 -0.73 7.80 -7.42
N VAL A 30 -1.64 7.17 -8.16
CA VAL A 30 -1.80 5.72 -8.33
C VAL A 30 -0.48 5.07 -8.75
N ASP A 31 0.11 5.58 -9.84
CA ASP A 31 1.41 5.14 -10.34
C ASP A 31 2.51 5.39 -9.30
N ALA A 32 2.44 6.52 -8.60
CA ALA A 32 3.48 6.89 -7.66
C ALA A 32 3.52 5.96 -6.46
N VAL A 33 2.35 5.66 -5.87
CA VAL A 33 2.28 4.79 -4.72
C VAL A 33 2.54 3.35 -5.13
N ARG A 34 1.97 2.87 -6.24
CA ARG A 34 2.25 1.54 -6.82
C ARG A 34 3.75 1.34 -7.02
N LYS A 35 4.48 2.36 -7.50
CA LYS A 35 5.90 2.20 -7.84
C LYS A 35 6.86 2.39 -6.66
N SER A 36 6.45 3.06 -5.60
CA SER A 36 7.14 2.95 -4.30
C SER A 36 7.02 1.53 -3.72
N LEU A 37 5.83 0.92 -3.85
CA LEU A 37 5.54 -0.43 -3.35
C LEU A 37 6.23 -1.55 -4.15
N GLN A 38 6.29 -1.42 -5.49
CA GLN A 38 6.73 -2.47 -6.38
C GLN A 38 8.25 -2.62 -6.30
N GLY A 39 8.72 -3.87 -6.25
CA GLY A 39 10.13 -4.22 -6.16
C GLY A 39 10.82 -3.92 -4.82
N VAL A 40 10.08 -3.55 -3.76
CA VAL A 40 10.64 -3.35 -2.42
C VAL A 40 10.88 -4.70 -1.76
N ALA A 41 11.90 -4.74 -0.92
CA ALA A 41 12.21 -5.87 -0.06
C ALA A 41 11.02 -6.15 0.90
N GLY A 42 10.40 -7.32 0.76
CA GLY A 42 9.30 -7.80 1.60
C GLY A 42 7.91 -7.69 0.94
N VAL A 43 7.72 -6.93 -0.14
CA VAL A 43 6.54 -7.06 -1.01
C VAL A 43 6.72 -8.20 -2.01
N GLN A 44 5.64 -8.91 -2.32
CA GLN A 44 5.54 -9.87 -3.41
C GLN A 44 4.62 -9.39 -4.55
N ASP A 45 3.49 -8.74 -4.24
CA ASP A 45 2.56 -8.16 -5.20
C ASP A 45 1.73 -7.03 -4.58
N VAL A 46 1.04 -6.32 -5.46
CA VAL A 46 0.13 -5.21 -5.16
C VAL A 46 -1.07 -5.19 -6.09
N GLU A 47 -2.18 -4.62 -5.62
CA GLU A 47 -3.27 -4.11 -6.42
C GLU A 47 -3.73 -2.77 -5.83
N VAL A 48 -4.07 -1.80 -6.69
CA VAL A 48 -4.59 -0.49 -6.26
C VAL A 48 -5.99 -0.28 -6.79
N HIS A 49 -6.83 0.29 -5.95
CA HIS A 49 -8.18 0.73 -6.29
C HIS A 49 -8.35 2.23 -6.02
N LEU A 50 -8.01 3.05 -7.02
CA LEU A 50 -8.14 4.51 -6.94
C LEU A 50 -9.59 4.96 -6.73
N GLU A 51 -10.54 4.23 -7.30
CA GLU A 51 -11.97 4.54 -7.14
C GLU A 51 -12.50 4.22 -5.74
N ASP A 52 -11.84 3.37 -4.96
CA ASP A 52 -12.09 3.15 -3.54
C ASP A 52 -11.12 3.93 -2.62
N GLN A 53 -10.11 4.62 -3.17
CA GLN A 53 -8.93 5.12 -2.45
C GLN A 53 -8.25 4.05 -1.57
N MET A 54 -8.23 2.80 -2.05
CA MET A 54 -7.80 1.63 -1.31
C MET A 54 -6.62 0.93 -1.99
N VAL A 55 -5.76 0.28 -1.19
CA VAL A 55 -4.57 -0.42 -1.66
C VAL A 55 -4.43 -1.79 -1.03
N LEU A 56 -4.12 -2.80 -1.85
CA LEU A 56 -3.75 -4.15 -1.45
C LEU A 56 -2.25 -4.33 -1.60
N VAL A 57 -1.63 -4.88 -0.58
CA VAL A 57 -0.20 -5.15 -0.49
C VAL A 57 -0.01 -6.57 0.03
N HIS A 58 0.46 -7.47 -0.83
CA HIS A 58 0.85 -8.84 -0.51
C HIS A 58 2.31 -8.83 -0.01
N THR A 59 2.53 -8.98 1.29
CA THR A 59 3.85 -8.75 1.94
C THR A 59 4.05 -9.59 3.21
N THR A 60 5.32 -9.84 3.57
CA THR A 60 5.70 -10.38 4.90
C THR A 60 5.77 -9.34 6.02
N LEU A 61 5.84 -8.05 5.70
CA LEU A 61 6.14 -6.94 6.62
C LEU A 61 5.00 -6.69 7.62
N PRO A 62 5.28 -6.11 8.81
CA PRO A 62 4.24 -5.75 9.77
C PRO A 62 3.44 -4.56 9.23
N SER A 63 2.13 -4.47 9.47
CA SER A 63 1.34 -3.37 8.89
C SER A 63 1.78 -1.98 9.37
N GLN A 64 2.40 -1.88 10.56
CA GLN A 64 3.05 -0.67 11.07
C GLN A 64 4.21 -0.20 10.18
N GLU A 65 4.88 -1.13 9.50
CA GLU A 65 5.96 -0.86 8.53
C GLU A 65 5.42 -0.51 7.15
N VAL A 66 4.39 -1.20 6.66
CA VAL A 66 3.75 -0.90 5.39
C VAL A 66 3.04 0.46 5.45
N GLN A 67 2.40 0.80 6.58
CA GLN A 67 1.94 2.16 6.84
C GLN A 67 3.08 3.17 6.69
N ALA A 68 4.27 2.90 7.24
CA ALA A 68 5.37 3.84 7.16
C ALA A 68 5.99 3.90 5.75
N LEU A 69 5.84 2.83 4.97
CA LEU A 69 6.21 2.76 3.56
C LEU A 69 5.24 3.57 2.67
N LEU A 70 3.94 3.43 2.91
CA LEU A 70 2.85 4.19 2.28
C LEU A 70 2.90 5.68 2.66
N GLU A 71 3.09 5.99 3.94
CA GLU A 71 3.43 7.33 4.46
C GLU A 71 4.71 7.88 3.80
N GLY A 72 5.67 7.00 3.50
CA GLY A 72 6.88 7.27 2.72
C GLY A 72 6.65 7.64 1.25
N THR A 73 5.40 7.69 0.76
CA THR A 73 5.03 8.26 -0.56
C THR A 73 4.56 9.73 -0.48
N GLY A 74 4.65 10.37 0.70
CA GLY A 74 4.41 11.81 0.88
C GLY A 74 2.95 12.21 1.16
N ARG A 75 2.09 11.25 1.54
CA ARG A 75 0.64 11.37 1.77
C ARG A 75 0.21 10.53 2.98
N GLN A 76 -1.09 10.57 3.31
CA GLN A 76 -1.67 9.76 4.38
C GLN A 76 -2.13 8.36 3.95
N ALA A 77 -2.09 7.47 4.94
CA ALA A 77 -2.33 6.01 4.88
C ALA A 77 -2.82 5.49 6.25
N VAL A 78 -3.94 4.77 6.26
CA VAL A 78 -4.64 4.24 7.44
C VAL A 78 -5.16 2.83 7.13
N LEU A 79 -4.87 1.86 7.98
CA LEU A 79 -5.27 0.48 7.74
C LEU A 79 -6.74 0.19 8.11
N LYS A 80 -7.38 -0.61 7.25
CA LYS A 80 -8.77 -1.05 7.36
C LYS A 80 -8.92 -2.53 7.72
N GLY A 81 -7.97 -3.37 7.32
CA GLY A 81 -7.73 -4.71 7.87
C GLY A 81 -6.93 -5.59 6.91
N MET A 82 -7.06 -6.90 7.08
CA MET A 82 -6.28 -7.91 6.37
C MET A 82 -7.14 -8.66 5.34
N GLY A 83 -6.72 -8.59 4.07
CA GLY A 83 -7.41 -9.18 2.92
C GLY A 83 -7.23 -10.70 2.83
N GLY A 13 7.89 -11.97 8.95
CA GLY A 13 6.60 -12.62 9.15
C GLY A 13 6.34 -13.68 8.06
N THR A 14 5.08 -13.81 7.69
CA THR A 14 4.60 -14.67 6.60
C THR A 14 3.52 -13.96 5.77
N LEU A 15 3.16 -14.53 4.63
CA LEU A 15 2.46 -13.85 3.56
C LEU A 15 0.96 -13.69 3.79
N CYS A 16 0.49 -12.46 3.59
CA CYS A 16 -0.91 -12.07 3.53
C CYS A 16 -1.07 -10.80 2.69
N THR A 17 -2.28 -10.55 2.21
CA THR A 17 -2.70 -9.22 1.77
C THR A 17 -3.01 -8.33 2.97
N LEU A 18 -2.55 -7.08 2.97
CA LEU A 18 -3.13 -6.02 3.78
C LEU A 18 -3.78 -4.94 2.92
N GLU A 19 -4.78 -4.29 3.51
CA GLU A 19 -5.68 -3.32 2.89
C GLU A 19 -5.60 -1.95 3.58
N PHE A 20 -5.04 -0.94 2.93
CA PHE A 20 -4.90 0.42 3.46
C PHE A 20 -5.81 1.42 2.72
N ALA A 21 -6.24 2.46 3.42
CA ALA A 21 -6.96 3.61 2.89
C ALA A 21 -6.05 4.85 2.92
N VAL A 22 -6.00 5.62 1.81
CA VAL A 22 -4.96 6.64 1.56
C VAL A 22 -5.52 7.86 0.82
N GLN A 23 -4.86 9.01 0.94
CA GLN A 23 -5.26 10.22 0.21
C GLN A 23 -4.70 10.22 -1.23
N MET A 24 -5.48 9.68 -2.16
CA MET A 24 -5.40 9.95 -3.60
C MET A 24 -6.79 9.89 -4.29
N THR A 25 -6.92 10.46 -5.47
CA THR A 25 -8.18 10.53 -6.26
C THR A 25 -7.98 10.60 -7.80
N CYS A 26 -6.77 10.91 -8.30
CA CYS A 26 -6.48 10.99 -9.74
C CYS A 26 -5.25 10.14 -10.20
N GLN A 27 -5.08 9.98 -11.52
CA GLN A 27 -4.30 8.89 -12.15
C GLN A 27 -2.77 8.93 -11.92
N SER A 28 -2.19 10.09 -11.62
CA SER A 28 -0.74 10.21 -11.37
C SER A 28 -0.32 9.63 -10.03
N CYS A 29 -1.22 9.69 -9.05
CA CYS A 29 -0.98 9.30 -7.68
C CYS A 29 -1.04 7.77 -7.51
N VAL A 30 -1.94 7.12 -8.24
CA VAL A 30 -2.04 5.66 -8.44
C VAL A 30 -0.68 5.06 -8.75
N ASP A 31 -0.05 5.53 -9.83
CA ASP A 31 1.27 5.09 -10.28
C ASP A 31 2.35 5.39 -9.26
N ALA A 32 2.26 6.56 -8.62
CA ALA A 32 3.29 7.00 -7.69
C ALA A 32 3.28 6.16 -6.41
N VAL A 33 2.10 5.90 -5.86
CA VAL A 33 1.91 5.12 -4.65
C VAL A 33 2.19 3.64 -4.92
N ARG A 34 1.79 3.11 -6.09
CA ARG A 34 2.19 1.76 -6.55
C ARG A 34 3.71 1.59 -6.54
N LYS A 35 4.46 2.61 -7.00
CA LYS A 35 5.91 2.52 -7.22
C LYS A 35 6.77 2.67 -5.96
N SER A 36 6.22 3.24 -4.89
CA SER A 36 6.81 3.09 -3.54
C SER A 36 6.88 1.63 -3.11
N LEU A 37 5.79 0.88 -3.34
CA LEU A 37 5.63 -0.52 -2.93
C LEU A 37 6.43 -1.48 -3.81
N GLN A 38 6.51 -1.21 -5.11
CA GLN A 38 6.93 -2.17 -6.11
C GLN A 38 8.42 -2.46 -5.98
N GLY A 39 8.77 -3.74 -5.85
CA GLY A 39 10.15 -4.19 -5.64
C GLY A 39 10.73 -4.00 -4.23
N VAL A 40 9.89 -3.72 -3.21
CA VAL A 40 10.27 -3.66 -1.80
C VAL A 40 10.69 -5.05 -1.29
N ALA A 41 11.70 -5.06 -0.46
CA ALA A 41 12.18 -6.24 0.25
C ALA A 41 11.10 -6.77 1.23
N GLY A 42 10.51 -7.93 0.91
CA GLY A 42 9.39 -8.58 1.61
C GLY A 42 8.01 -8.45 0.94
N VAL A 43 7.92 -7.91 -0.28
CA VAL A 43 6.66 -7.81 -1.06
C VAL A 43 6.64 -8.85 -2.20
N GLN A 44 5.51 -9.50 -2.39
CA GLN A 44 5.29 -10.50 -3.45
C GLN A 44 4.42 -9.99 -4.59
N ASP A 45 3.33 -9.29 -4.26
CA ASP A 45 2.44 -8.63 -5.21
C ASP A 45 1.79 -7.40 -4.56
N VAL A 46 1.22 -6.53 -5.40
CA VAL A 46 0.53 -5.30 -5.01
C VAL A 46 -0.61 -4.99 -5.98
N GLU A 47 -1.58 -4.22 -5.51
CA GLU A 47 -2.61 -3.59 -6.31
C GLU A 47 -2.96 -2.23 -5.70
N VAL A 48 -3.34 -1.26 -6.54
CA VAL A 48 -4.06 -0.07 -6.09
C VAL A 48 -5.51 -0.13 -6.53
N HIS A 49 -6.38 0.36 -5.66
CA HIS A 49 -7.80 0.58 -5.91
C HIS A 49 -8.13 2.06 -5.75
N LEU A 50 -7.79 2.85 -6.76
CA LEU A 50 -8.06 4.29 -6.81
C LEU A 50 -9.55 4.59 -6.60
N GLU A 51 -10.41 3.69 -7.08
CA GLU A 51 -11.88 3.75 -6.99
C GLU A 51 -12.41 3.59 -5.55
N ASP A 52 -11.61 3.04 -4.64
CA ASP A 52 -11.87 2.96 -3.20
C ASP A 52 -10.89 3.84 -2.38
N GLN A 53 -10.00 4.58 -3.06
CA GLN A 53 -8.81 5.26 -2.50
C GLN A 53 -7.99 4.32 -1.60
N MET A 54 -7.88 3.06 -2.02
CA MET A 54 -7.33 1.94 -1.25
C MET A 54 -6.06 1.37 -1.92
N VAL A 55 -5.22 0.71 -1.12
CA VAL A 55 -4.01 0.02 -1.55
C VAL A 55 -3.95 -1.38 -0.96
N LEU A 56 -3.65 -2.38 -1.78
CA LEU A 56 -3.43 -3.78 -1.40
C LEU A 56 -1.96 -4.15 -1.56
N VAL A 57 -1.40 -4.78 -0.53
CA VAL A 57 0.01 -5.15 -0.43
C VAL A 57 0.10 -6.60 0.05
N HIS A 58 0.49 -7.51 -0.83
CA HIS A 58 0.76 -8.93 -0.54
C HIS A 58 2.21 -9.08 -0.04
N THR A 59 2.41 -9.22 1.26
CA THR A 59 3.72 -9.06 1.93
C THR A 59 3.87 -9.87 3.22
N THR A 60 5.12 -10.15 3.62
CA THR A 60 5.49 -10.62 4.97
C THR A 60 5.73 -9.51 6.01
N LEU A 61 5.83 -8.25 5.59
CA LEU A 61 6.10 -7.08 6.44
C LEU A 61 4.96 -6.79 7.43
N PRO A 62 5.23 -6.16 8.60
CA PRO A 62 4.19 -5.79 9.56
C PRO A 62 3.50 -4.50 9.07
N SER A 63 2.20 -4.34 9.29
CA SER A 63 1.49 -3.15 8.77
C SER A 63 2.01 -1.80 9.28
N GLN A 64 2.71 -1.74 10.42
CA GLN A 64 3.41 -0.54 10.89
C GLN A 64 4.56 -0.12 9.96
N GLU A 65 5.18 -1.08 9.28
CA GLU A 65 6.27 -0.85 8.31
C GLU A 65 5.70 -0.44 6.95
N VAL A 66 4.61 -1.09 6.52
CA VAL A 66 3.88 -0.80 5.28
C VAL A 66 3.19 0.56 5.36
N GLN A 67 2.63 0.95 6.52
CA GLN A 67 2.08 2.29 6.73
C GLN A 67 3.12 3.38 6.43
N ALA A 68 4.38 3.22 6.84
CA ALA A 68 5.41 4.22 6.59
C ALA A 68 5.95 4.13 5.15
N LEU A 69 5.89 2.94 4.54
CA LEU A 69 6.15 2.75 3.10
C LEU A 69 5.12 3.49 2.23
N LEU A 70 3.87 3.52 2.69
CA LEU A 70 2.76 4.30 2.14
C LEU A 70 2.88 5.80 2.46
N GLU A 71 3.12 6.20 3.71
CA GLU A 71 3.28 7.62 4.12
C GLU A 71 4.48 8.31 3.43
N GLY A 72 5.52 7.57 3.04
CA GLY A 72 6.63 8.06 2.21
C GLY A 72 6.25 8.56 0.81
N THR A 73 4.99 8.34 0.37
CA THR A 73 4.42 8.84 -0.90
C THR A 73 3.88 10.28 -0.79
N GLY A 74 4.00 10.89 0.40
CA GLY A 74 3.55 12.27 0.69
C GLY A 74 2.06 12.37 1.04
N ARG A 75 1.49 11.31 1.62
CA ARG A 75 0.05 11.10 1.83
C ARG A 75 -0.26 10.51 3.21
N GLN A 76 -1.48 10.77 3.67
CA GLN A 76 -2.10 10.04 4.76
C GLN A 76 -2.35 8.57 4.36
N ALA A 77 -2.24 7.70 5.35
CA ALA A 77 -2.36 6.24 5.27
C ALA A 77 -2.87 5.62 6.58
N VAL A 78 -3.99 4.89 6.50
CA VAL A 78 -4.63 4.14 7.58
C VAL A 78 -4.79 2.69 7.15
N LEU A 79 -4.41 1.73 8.01
CA LEU A 79 -4.68 0.31 7.76
C LEU A 79 -6.11 -0.05 8.19
N LYS A 80 -6.79 -0.76 7.30
CA LYS A 80 -8.18 -1.23 7.45
C LYS A 80 -8.24 -2.66 8.02
N GLY A 81 -7.30 -3.52 7.61
CA GLY A 81 -7.13 -4.91 8.03
C GLY A 81 -6.50 -5.76 6.91
N MET A 82 -6.70 -7.07 7.00
CA MET A 82 -6.17 -8.08 6.09
C MET A 82 -7.15 -8.39 4.96
N GLY A 83 -6.60 -8.64 3.78
CA GLY A 83 -7.36 -8.89 2.54
C GLY A 83 -7.25 -10.32 2.00
N GLY A 13 8.91 -12.52 8.43
CA GLY A 13 7.58 -12.97 8.86
C GLY A 13 6.94 -13.95 7.89
N THR A 14 5.66 -13.75 7.62
CA THR A 14 4.85 -14.56 6.69
C THR A 14 3.85 -13.74 5.91
N LEU A 15 3.62 -14.14 4.66
CA LEU A 15 2.92 -13.29 3.71
C LEU A 15 1.45 -13.14 4.09
N CYS A 16 0.96 -11.90 4.01
CA CYS A 16 -0.39 -11.47 4.33
C CYS A 16 -0.81 -10.35 3.36
N THR A 17 -2.08 -10.31 2.95
CA THR A 17 -2.66 -9.20 2.18
C THR A 17 -3.21 -8.15 3.14
N LEU A 18 -2.64 -6.94 3.11
CA LEU A 18 -3.08 -5.79 3.89
C LEU A 18 -3.87 -4.81 3.01
N GLU A 19 -5.08 -4.46 3.44
CA GLU A 19 -5.97 -3.44 2.83
C GLU A 19 -5.81 -2.07 3.53
N PHE A 20 -5.18 -1.10 2.87
CA PHE A 20 -4.99 0.27 3.38
C PHE A 20 -5.88 1.29 2.66
N ALA A 21 -6.51 2.20 3.40
CA ALA A 21 -7.14 3.41 2.89
C ALA A 21 -6.14 4.58 2.88
N VAL A 22 -5.98 5.26 1.76
CA VAL A 22 -4.90 6.23 1.51
C VAL A 22 -5.43 7.52 0.88
N GLN A 23 -4.70 8.63 1.05
CA GLN A 23 -5.12 9.93 0.53
C GLN A 23 -4.57 10.14 -0.89
N MET A 24 -5.32 9.75 -1.91
CA MET A 24 -5.10 10.06 -3.32
C MET A 24 -6.41 9.97 -4.11
N THR A 25 -6.61 10.83 -5.12
CA THR A 25 -7.89 11.03 -5.81
C THR A 25 -7.78 11.26 -7.33
N CYS A 26 -6.54 11.38 -7.85
CA CYS A 26 -6.26 11.38 -9.28
C CYS A 26 -5.20 10.30 -9.67
N GLN A 27 -5.26 9.88 -10.93
CA GLN A 27 -4.60 8.69 -11.48
C GLN A 27 -3.05 8.74 -11.40
N SER A 28 -2.43 9.91 -11.55
CA SER A 28 -0.96 10.07 -11.45
C SER A 28 -0.38 9.71 -10.08
N CYS A 29 -1.14 9.91 -8.99
CA CYS A 29 -0.75 9.49 -7.65
C CYS A 29 -0.89 7.95 -7.49
N VAL A 30 -1.86 7.34 -8.16
CA VAL A 30 -2.02 5.87 -8.20
C VAL A 30 -0.90 5.16 -8.94
N ASP A 31 -0.49 5.73 -10.08
CA ASP A 31 0.76 5.37 -10.76
C ASP A 31 2.00 5.60 -9.87
N ALA A 32 1.90 6.50 -8.89
CA ALA A 32 3.02 6.87 -8.00
C ALA A 32 3.17 5.91 -6.82
N VAL A 33 2.09 5.61 -6.08
CA VAL A 33 2.17 4.70 -4.94
C VAL A 33 2.54 3.30 -5.40
N ARG A 34 2.05 2.85 -6.59
CA ARG A 34 2.44 1.59 -7.23
C ARG A 34 3.96 1.43 -7.38
N LYS A 35 4.67 2.52 -7.68
CA LYS A 35 6.13 2.51 -7.90
C LYS A 35 6.98 2.76 -6.64
N SER A 36 6.38 3.31 -5.59
CA SER A 36 6.89 3.15 -4.23
C SER A 36 6.83 1.67 -3.78
N LEU A 37 5.73 0.99 -4.08
CA LEU A 37 5.45 -0.41 -3.74
C LEU A 37 6.28 -1.43 -4.54
N GLN A 38 6.68 -1.08 -5.76
CA GLN A 38 7.56 -1.88 -6.61
C GLN A 38 8.99 -1.86 -6.07
N GLY A 39 9.56 -3.06 -5.94
CA GLY A 39 10.89 -3.32 -5.37
C GLY A 39 10.95 -3.36 -3.83
N VAL A 40 9.83 -3.49 -3.10
CA VAL A 40 9.83 -3.48 -1.64
C VAL A 40 10.37 -4.80 -1.07
N ALA A 41 11.29 -4.67 -0.13
CA ALA A 41 11.83 -5.78 0.66
C ALA A 41 10.72 -6.37 1.56
N GLY A 42 10.30 -7.60 1.25
CA GLY A 42 9.20 -8.32 1.91
C GLY A 42 7.88 -8.31 1.16
N VAL A 43 7.79 -7.73 -0.05
CA VAL A 43 6.58 -7.78 -0.90
C VAL A 43 6.62 -8.98 -1.84
N GLN A 44 5.46 -9.52 -2.21
CA GLN A 44 5.29 -10.36 -3.40
C GLN A 44 4.52 -9.63 -4.51
N ASP A 45 3.38 -9.01 -4.17
CA ASP A 45 2.40 -8.48 -5.12
C ASP A 45 1.60 -7.32 -4.50
N VAL A 46 0.87 -6.61 -5.35
CA VAL A 46 -0.04 -5.50 -4.99
C VAL A 46 -1.30 -5.48 -5.85
N GLU A 47 -2.29 -4.68 -5.46
CA GLU A 47 -3.29 -4.08 -6.32
C GLU A 47 -3.57 -2.65 -5.80
N VAL A 48 -3.87 -1.70 -6.69
CA VAL A 48 -4.19 -0.32 -6.28
C VAL A 48 -5.53 0.12 -6.85
N HIS A 49 -6.36 0.63 -5.95
CA HIS A 49 -7.74 0.98 -6.20
C HIS A 49 -7.93 2.50 -6.13
N LEU A 50 -7.88 3.15 -7.29
CA LEU A 50 -8.15 4.58 -7.45
C LEU A 50 -9.59 4.92 -7.03
N GLU A 51 -10.53 4.04 -7.38
CA GLU A 51 -11.97 4.29 -7.19
C GLU A 51 -12.48 4.00 -5.76
N ASP A 52 -11.66 3.36 -4.92
CA ASP A 52 -11.86 3.20 -3.48
C ASP A 52 -10.86 3.97 -2.62
N GLN A 53 -9.90 4.69 -3.24
CA GLN A 53 -8.72 5.30 -2.60
C GLN A 53 -8.00 4.32 -1.67
N MET A 54 -7.77 3.11 -2.18
CA MET A 54 -7.31 1.95 -1.41
C MET A 54 -6.10 1.28 -2.05
N VAL A 55 -5.34 0.55 -1.23
CA VAL A 55 -4.17 -0.23 -1.64
C VAL A 55 -4.25 -1.63 -1.03
N LEU A 56 -3.96 -2.67 -1.83
CA LEU A 56 -3.68 -4.03 -1.37
C LEU A 56 -2.19 -4.28 -1.49
N VAL A 57 -1.60 -4.83 -0.43
CA VAL A 57 -0.17 -5.13 -0.36
C VAL A 57 0.00 -6.55 0.17
N HIS A 58 0.45 -7.46 -0.69
CA HIS A 58 0.72 -8.87 -0.39
C HIS A 58 2.16 -8.99 0.14
N THR A 59 2.36 -9.06 1.46
CA THR A 59 3.70 -8.88 2.08
C THR A 59 3.92 -9.61 3.41
N THR A 60 5.18 -9.93 3.75
CA THR A 60 5.60 -10.54 5.03
C THR A 60 5.86 -9.52 6.17
N LEU A 61 5.76 -8.22 5.87
CA LEU A 61 6.05 -7.13 6.82
C LEU A 61 4.95 -6.93 7.88
N PRO A 62 5.25 -6.24 9.01
CA PRO A 62 4.23 -5.79 9.96
C PRO A 62 3.48 -4.59 9.35
N SER A 63 2.17 -4.44 9.58
CA SER A 63 1.41 -3.32 8.98
C SER A 63 1.94 -1.94 9.39
N GLN A 64 2.56 -1.85 10.57
CA GLN A 64 3.31 -0.68 11.07
C GLN A 64 4.42 -0.23 10.10
N GLU A 65 5.11 -1.18 9.46
CA GLU A 65 6.22 -0.95 8.53
C GLU A 65 5.71 -0.52 7.15
N VAL A 66 4.63 -1.15 6.68
CA VAL A 66 3.98 -0.84 5.41
C VAL A 66 3.30 0.53 5.47
N GLN A 67 2.69 0.90 6.59
CA GLN A 67 2.17 2.24 6.84
C GLN A 67 3.26 3.30 6.61
N ALA A 68 4.48 3.12 7.13
CA ALA A 68 5.53 4.12 6.96
C ALA A 68 6.11 4.08 5.52
N LEU A 69 6.05 2.92 4.84
CA LEU A 69 6.39 2.79 3.43
C LEU A 69 5.42 3.58 2.54
N LEU A 70 4.12 3.44 2.80
CA LEU A 70 3.01 4.13 2.14
C LEU A 70 3.01 5.64 2.46
N GLU A 71 3.19 6.02 3.71
CA GLU A 71 3.34 7.40 4.18
C GLU A 71 4.50 8.14 3.49
N GLY A 72 5.58 7.43 3.16
CA GLY A 72 6.70 7.92 2.36
C GLY A 72 6.38 8.29 0.91
N THR A 73 5.15 8.02 0.43
CA THR A 73 4.61 8.55 -0.86
C THR A 73 4.06 9.98 -0.73
N GLY A 74 4.24 10.62 0.44
CA GLY A 74 3.93 12.05 0.65
C GLY A 74 2.48 12.35 0.98
N ARG A 75 1.74 11.36 1.49
CA ARG A 75 0.30 11.37 1.74
C ARG A 75 -0.07 10.52 2.96
N GLN A 76 -1.36 10.51 3.32
CA GLN A 76 -1.90 9.71 4.42
C GLN A 76 -2.13 8.25 4.01
N ALA A 77 -2.04 7.38 5.01
CA ALA A 77 -2.28 5.93 4.92
C ALA A 77 -2.76 5.34 6.25
N VAL A 78 -3.87 4.59 6.22
CA VAL A 78 -4.53 3.97 7.38
C VAL A 78 -4.91 2.54 7.04
N LEU A 79 -4.53 1.57 7.87
CA LEU A 79 -4.87 0.16 7.66
C LEU A 79 -6.29 -0.15 8.13
N LYS A 80 -7.01 -0.81 7.23
CA LYS A 80 -8.41 -1.24 7.41
C LYS A 80 -8.55 -2.70 7.85
N GLY A 81 -7.57 -3.53 7.49
CA GLY A 81 -7.47 -4.92 7.88
C GLY A 81 -6.84 -5.74 6.76
N MET A 82 -7.26 -6.99 6.61
CA MET A 82 -6.61 -7.98 5.77
C MET A 82 -7.55 -8.63 4.75
N GLY A 83 -6.97 -9.38 3.81
CA GLY A 83 -7.69 -10.17 2.80
C GLY A 83 -8.60 -11.27 3.33
N GLY A 13 7.18 -11.32 9.24
CA GLY A 13 6.20 -12.37 9.49
C GLY A 13 6.11 -13.36 8.33
N THR A 14 4.88 -13.80 8.06
CA THR A 14 4.47 -14.63 6.91
C THR A 14 3.56 -13.84 5.98
N LEU A 15 3.44 -14.30 4.74
CA LEU A 15 2.75 -13.59 3.67
C LEU A 15 1.25 -13.49 3.94
N CYS A 16 0.75 -12.27 3.82
CA CYS A 16 -0.63 -11.85 4.02
C CYS A 16 -0.95 -10.66 3.11
N THR A 17 -2.23 -10.47 2.76
CA THR A 17 -2.73 -9.24 2.13
C THR A 17 -3.06 -8.21 3.22
N LEU A 18 -2.51 -7.01 3.11
CA LEU A 18 -2.90 -5.84 3.91
C LEU A 18 -3.75 -4.90 3.03
N GLU A 19 -4.94 -4.55 3.51
CA GLU A 19 -5.93 -3.71 2.81
C GLU A 19 -5.96 -2.28 3.39
N PHE A 20 -5.18 -1.36 2.81
CA PHE A 20 -5.01 0.01 3.33
C PHE A 20 -5.87 1.04 2.58
N ALA A 21 -6.29 2.07 3.31
CA ALA A 21 -6.95 3.26 2.78
C ALA A 21 -6.01 4.49 2.77
N VAL A 22 -5.89 5.20 1.65
CA VAL A 22 -4.87 6.25 1.40
C VAL A 22 -5.47 7.47 0.71
N GLN A 23 -4.83 8.65 0.78
CA GLN A 23 -5.35 9.86 0.11
C GLN A 23 -4.75 10.06 -1.30
N MET A 24 -5.43 9.57 -2.34
CA MET A 24 -5.16 9.84 -3.76
C MET A 24 -6.42 9.62 -4.64
N THR A 25 -6.65 10.44 -5.68
CA THR A 25 -7.88 10.40 -6.51
C THR A 25 -7.71 10.73 -8.01
N CYS A 26 -6.55 11.19 -8.48
CA CYS A 26 -6.22 11.35 -9.91
C CYS A 26 -4.96 10.54 -10.37
N GLN A 27 -4.90 10.18 -11.66
CA GLN A 27 -4.03 9.12 -12.22
C GLN A 27 -2.52 9.20 -11.91
N SER A 28 -1.98 10.40 -11.65
CA SER A 28 -0.55 10.58 -11.27
C SER A 28 -0.20 9.97 -9.90
N CYS A 29 -1.13 10.05 -8.94
CA CYS A 29 -0.88 9.68 -7.56
C CYS A 29 -0.93 8.14 -7.39
N VAL A 30 -1.88 7.50 -8.09
CA VAL A 30 -2.06 6.06 -8.27
C VAL A 30 -0.73 5.42 -8.69
N ASP A 31 -0.08 5.98 -9.73
CA ASP A 31 1.23 5.54 -10.22
C ASP A 31 2.34 5.76 -9.19
N ALA A 32 2.30 6.91 -8.50
CA ALA A 32 3.34 7.29 -7.56
C ALA A 32 3.34 6.40 -6.31
N VAL A 33 2.16 6.04 -5.80
CA VAL A 33 2.02 5.20 -4.63
C VAL A 33 2.26 3.72 -4.97
N ARG A 34 1.88 3.25 -6.16
CA ARG A 34 2.33 1.95 -6.71
C ARG A 34 3.86 1.84 -6.73
N LYS A 35 4.56 2.93 -7.07
CA LYS A 35 6.02 2.93 -7.26
C LYS A 35 6.85 3.02 -5.99
N SER A 36 6.28 3.49 -4.88
CA SER A 36 6.86 3.22 -3.54
C SER A 36 6.79 1.72 -3.17
N LEU A 37 5.80 0.97 -3.66
CA LEU A 37 5.65 -0.48 -3.42
C LEU A 37 6.54 -1.32 -4.36
N GLN A 38 6.89 -0.79 -5.53
CA GLN A 38 7.67 -1.49 -6.55
C GLN A 38 9.15 -1.59 -6.15
N GLY A 39 9.56 -2.84 -5.98
CA GLY A 39 10.88 -3.27 -5.47
C GLY A 39 10.99 -3.42 -3.93
N VAL A 40 9.88 -3.58 -3.19
CA VAL A 40 9.90 -3.66 -1.72
C VAL A 40 10.32 -5.05 -1.25
N ALA A 41 11.40 -5.10 -0.49
CA ALA A 41 11.87 -6.33 0.14
C ALA A 41 10.82 -6.86 1.13
N GLY A 42 10.28 -8.04 0.85
CA GLY A 42 9.17 -8.69 1.55
C GLY A 42 7.82 -8.60 0.83
N VAL A 43 7.73 -8.02 -0.38
CA VAL A 43 6.50 -8.03 -1.20
C VAL A 43 6.47 -9.24 -2.15
N GLN A 44 5.28 -9.82 -2.35
CA GLN A 44 4.99 -10.71 -3.48
C GLN A 44 4.24 -9.98 -4.59
N ASP A 45 3.17 -9.27 -4.25
CA ASP A 45 2.19 -8.68 -5.16
C ASP A 45 1.55 -7.43 -4.55
N VAL A 46 0.97 -6.60 -5.40
CA VAL A 46 0.19 -5.41 -5.05
C VAL A 46 -0.96 -5.18 -6.03
N GLU A 47 -2.01 -4.50 -5.59
CA GLU A 47 -3.06 -3.98 -6.43
C GLU A 47 -3.55 -2.63 -5.86
N VAL A 48 -3.68 -1.61 -6.71
CA VAL A 48 -4.29 -0.33 -6.33
C VAL A 48 -5.74 -0.26 -6.83
N HIS A 49 -6.61 0.27 -5.97
CA HIS A 49 -8.02 0.55 -6.25
C HIS A 49 -8.30 2.03 -6.06
N LEU A 50 -8.04 2.79 -7.11
CA LEU A 50 -8.28 4.24 -7.23
C LEU A 50 -9.74 4.62 -6.88
N GLU A 51 -10.69 3.76 -7.24
CA GLU A 51 -12.13 4.02 -7.06
C GLU A 51 -12.58 3.98 -5.59
N ASP A 52 -11.81 3.35 -4.71
CA ASP A 52 -12.00 3.38 -3.25
C ASP A 52 -10.95 4.24 -2.54
N GLN A 53 -9.92 4.72 -3.25
CA GLN A 53 -8.63 5.16 -2.69
C GLN A 53 -8.00 4.10 -1.76
N MET A 54 -8.06 2.83 -2.18
CA MET A 54 -7.56 1.67 -1.43
C MET A 54 -6.34 1.03 -2.10
N VAL A 55 -5.48 0.37 -1.32
CA VAL A 55 -4.30 -0.35 -1.78
C VAL A 55 -4.19 -1.72 -1.09
N LEU A 56 -3.96 -2.76 -1.90
CA LEU A 56 -3.69 -4.12 -1.47
C LEU A 56 -2.20 -4.38 -1.60
N VAL A 57 -1.59 -4.91 -0.54
CA VAL A 57 -0.17 -5.23 -0.48
C VAL A 57 -0.02 -6.64 0.09
N HIS A 58 0.33 -7.59 -0.78
CA HIS A 58 0.61 -8.98 -0.45
C HIS A 58 2.07 -9.09 0.03
N THR A 59 2.30 -9.12 1.35
CA THR A 59 3.64 -8.96 1.96
C THR A 59 3.79 -9.66 3.31
N THR A 60 5.03 -10.05 3.65
CA THR A 60 5.42 -10.58 4.95
C THR A 60 5.72 -9.48 5.99
N LEU A 61 5.90 -8.24 5.55
CA LEU A 61 6.26 -7.09 6.39
C LEU A 61 5.22 -6.78 7.47
N PRO A 62 5.61 -6.10 8.57
CA PRO A 62 4.67 -5.66 9.59
C PRO A 62 3.87 -4.48 9.01
N SER A 63 2.56 -4.40 9.24
CA SER A 63 1.75 -3.29 8.68
C SER A 63 2.19 -1.91 9.17
N GLN A 64 2.96 -1.83 10.26
CA GLN A 64 3.71 -0.65 10.70
C GLN A 64 4.71 -0.15 9.63
N GLU A 65 5.47 -1.08 9.03
CA GLU A 65 6.48 -0.80 7.99
C GLU A 65 5.80 -0.42 6.67
N VAL A 66 4.75 -1.14 6.29
CA VAL A 66 3.99 -0.89 5.05
C VAL A 66 3.27 0.45 5.14
N GLN A 67 2.71 0.82 6.31
CA GLN A 67 2.18 2.16 6.52
C GLN A 67 3.26 3.21 6.31
N ALA A 68 4.49 3.00 6.76
CA ALA A 68 5.56 3.98 6.58
C ALA A 68 6.06 4.01 5.11
N LEU A 69 5.96 2.88 4.40
CA LEU A 69 6.21 2.79 2.97
C LEU A 69 5.17 3.57 2.14
N LEU A 70 3.92 3.51 2.58
CA LEU A 70 2.78 4.28 2.05
C LEU A 70 2.87 5.76 2.46
N GLU A 71 3.27 6.08 3.69
CA GLU A 71 3.44 7.45 4.21
C GLU A 71 4.61 8.20 3.56
N GLY A 72 5.68 7.48 3.15
CA GLY A 72 6.79 8.04 2.36
C GLY A 72 6.40 8.59 0.99
N THR A 73 5.17 8.36 0.54
CA THR A 73 4.58 8.94 -0.68
C THR A 73 4.07 10.39 -0.48
N GLY A 74 4.18 10.93 0.74
CA GLY A 74 3.78 12.29 1.12
C GLY A 74 2.33 12.43 1.59
N ARG A 75 1.69 11.31 2.00
CA ARG A 75 0.25 11.15 2.16
C ARG A 75 -0.13 10.52 3.50
N GLN A 76 -1.43 10.53 3.79
CA GLN A 76 -2.04 9.69 4.82
C GLN A 76 -2.29 8.27 4.31
N ALA A 77 -2.14 7.32 5.22
CA ALA A 77 -2.29 5.87 5.04
C ALA A 77 -2.83 5.21 6.31
N VAL A 78 -4.00 4.58 6.23
CA VAL A 78 -4.73 3.97 7.34
C VAL A 78 -5.16 2.56 6.98
N LEU A 79 -4.72 1.59 7.76
CA LEU A 79 -5.10 0.20 7.55
C LEU A 79 -6.54 -0.12 7.96
N LYS A 80 -7.18 -0.93 7.12
CA LYS A 80 -8.58 -1.39 7.27
C LYS A 80 -8.69 -2.84 7.75
N GLY A 81 -7.72 -3.67 7.36
CA GLY A 81 -7.36 -4.91 8.04
C GLY A 81 -6.46 -5.82 7.21
N MET A 82 -6.24 -7.01 7.74
CA MET A 82 -5.55 -8.14 7.12
C MET A 82 -6.56 -9.01 6.40
N GLY A 83 -6.29 -9.40 5.16
CA GLY A 83 -7.30 -9.96 4.26
C GLY A 83 -8.49 -9.01 4.06
N GLY A 13 8.01 -10.57 8.69
CA GLY A 13 6.92 -11.46 9.11
C GLY A 13 6.63 -12.55 8.06
N THR A 14 5.37 -12.79 7.74
CA THR A 14 4.91 -13.79 6.74
C THR A 14 3.85 -13.22 5.82
N LEU A 15 3.70 -13.81 4.62
CA LEU A 15 2.95 -13.24 3.51
C LEU A 15 1.46 -13.18 3.85
N CYS A 16 0.91 -11.98 3.72
CA CYS A 16 -0.44 -11.57 4.10
C CYS A 16 -0.92 -10.44 3.16
N THR A 17 -2.23 -10.27 2.99
CA THR A 17 -2.84 -9.19 2.20
C THR A 17 -3.24 -8.04 3.12
N LEU A 18 -2.51 -6.93 3.12
CA LEU A 18 -2.80 -5.76 3.94
C LEU A 18 -3.62 -4.74 3.13
N GLU A 19 -4.86 -4.49 3.53
CA GLU A 19 -5.82 -3.67 2.78
C GLU A 19 -5.93 -2.23 3.40
N PHE A 20 -5.15 -1.31 2.85
CA PHE A 20 -4.93 0.03 3.41
C PHE A 20 -5.77 1.10 2.71
N ALA A 21 -6.20 2.11 3.46
CA ALA A 21 -6.83 3.34 2.95
C ALA A 21 -5.81 4.50 2.86
N VAL A 22 -5.68 5.12 1.68
CA VAL A 22 -4.62 6.10 1.35
C VAL A 22 -5.08 7.21 0.40
N GLN A 23 -4.82 8.48 0.74
CA GLN A 23 -5.40 9.63 0.02
C GLN A 23 -4.65 9.99 -1.28
N MET A 24 -5.25 9.66 -2.44
CA MET A 24 -4.80 10.02 -3.80
C MET A 24 -6.00 10.28 -4.74
N THR A 25 -5.80 11.02 -5.85
CA THR A 25 -6.92 11.55 -6.68
C THR A 25 -6.84 11.41 -8.21
N CYS A 26 -5.67 11.27 -8.83
CA CYS A 26 -5.53 11.13 -10.30
C CYS A 26 -4.50 10.05 -10.73
N GLN A 27 -4.46 9.75 -12.04
CA GLN A 27 -3.74 8.60 -12.61
C GLN A 27 -2.20 8.58 -12.40
N SER A 28 -1.59 9.71 -12.04
CA SER A 28 -0.16 9.75 -11.70
C SER A 28 0.14 9.35 -10.25
N CYS A 29 -0.82 9.51 -9.32
CA CYS A 29 -0.64 9.20 -7.91
C CYS A 29 -0.74 7.68 -7.68
N VAL A 30 -1.64 7.03 -8.39
CA VAL A 30 -1.84 5.57 -8.47
C VAL A 30 -0.49 4.90 -8.77
N ASP A 31 0.20 5.39 -9.79
CA ASP A 31 1.54 4.96 -10.18
C ASP A 31 2.59 5.25 -9.10
N ALA A 32 2.53 6.43 -8.47
CA ALA A 32 3.51 6.86 -7.49
C ALA A 32 3.42 6.02 -6.21
N VAL A 33 2.20 5.72 -5.73
CA VAL A 33 1.98 4.92 -4.54
C VAL A 33 2.28 3.44 -4.83
N ARG A 34 1.95 2.92 -6.02
CA ARG A 34 2.42 1.58 -6.47
C ARG A 34 3.95 1.49 -6.44
N LYS A 35 4.64 2.55 -6.88
CA LYS A 35 6.10 2.56 -7.02
C LYS A 35 6.88 2.71 -5.72
N SER A 36 6.25 3.17 -4.63
CA SER A 36 6.81 2.97 -3.28
C SER A 36 6.79 1.48 -2.85
N LEU A 37 5.87 0.67 -3.37
CA LEU A 37 5.72 -0.76 -3.08
C LEU A 37 6.55 -1.65 -4.02
N GLN A 38 6.67 -1.27 -5.29
CA GLN A 38 7.38 -2.01 -6.32
C GLN A 38 8.89 -2.03 -6.08
N GLY A 39 9.46 -3.23 -6.21
CA GLY A 39 10.88 -3.53 -5.98
C GLY A 39 11.30 -3.67 -4.51
N VAL A 40 10.39 -3.63 -3.54
CA VAL A 40 10.70 -3.67 -2.11
C VAL A 40 10.98 -5.10 -1.66
N ALA A 41 11.86 -5.22 -0.68
CA ALA A 41 12.15 -6.45 0.04
C ALA A 41 10.92 -6.95 0.83
N GLY A 42 10.34 -8.07 0.41
CA GLY A 42 9.21 -8.71 1.10
C GLY A 42 7.85 -8.44 0.45
N VAL A 43 7.80 -7.86 -0.76
CA VAL A 43 6.57 -7.73 -1.55
C VAL A 43 6.43 -8.91 -2.53
N GLN A 44 5.22 -9.43 -2.71
CA GLN A 44 4.87 -10.35 -3.81
C GLN A 44 3.98 -9.67 -4.87
N ASP A 45 2.91 -9.01 -4.43
CA ASP A 45 1.85 -8.47 -5.28
C ASP A 45 1.22 -7.24 -4.62
N VAL A 46 0.50 -6.44 -5.41
CA VAL A 46 -0.22 -5.23 -5.01
C VAL A 46 -1.50 -5.08 -5.84
N GLU A 47 -2.51 -4.39 -5.32
CA GLU A 47 -3.72 -4.05 -6.07
C GLU A 47 -4.31 -2.72 -5.57
N VAL A 48 -4.27 -1.67 -6.39
CA VAL A 48 -4.83 -0.36 -6.06
C VAL A 48 -6.23 -0.17 -6.64
N HIS A 49 -7.10 0.36 -5.78
CA HIS A 49 -8.44 0.82 -6.10
C HIS A 49 -8.57 2.31 -5.74
N LEU A 50 -8.22 3.20 -6.67
CA LEU A 50 -8.47 4.64 -6.56
C LEU A 50 -9.96 4.94 -6.35
N GLU A 51 -10.80 4.16 -6.99
CA GLU A 51 -12.26 4.25 -6.84
C GLU A 51 -12.78 3.86 -5.44
N ASP A 52 -11.92 3.40 -4.53
CA ASP A 52 -12.16 3.37 -3.08
C ASP A 52 -11.12 4.17 -2.25
N GLN A 53 -10.12 4.79 -2.90
CA GLN A 53 -8.83 5.23 -2.33
C GLN A 53 -8.17 4.15 -1.45
N MET A 54 -8.30 2.88 -1.87
CA MET A 54 -7.78 1.71 -1.17
C MET A 54 -6.58 1.09 -1.92
N VAL A 55 -5.62 0.54 -1.19
CA VAL A 55 -4.50 -0.23 -1.76
C VAL A 55 -4.27 -1.53 -0.96
N LEU A 56 -4.36 -2.67 -1.65
CA LEU A 56 -3.99 -3.99 -1.15
C LEU A 56 -2.49 -4.21 -1.38
N VAL A 57 -1.81 -4.77 -0.39
CA VAL A 57 -0.37 -5.02 -0.40
C VAL A 57 -0.12 -6.45 0.09
N HIS A 58 0.24 -7.34 -0.82
CA HIS A 58 0.59 -8.74 -0.52
C HIS A 58 2.08 -8.82 -0.12
N THR A 59 2.36 -8.87 1.19
CA THR A 59 3.72 -8.65 1.73
C THR A 59 3.99 -9.39 3.04
N THR A 60 5.26 -9.72 3.28
CA THR A 60 5.79 -10.22 4.57
C THR A 60 6.07 -9.10 5.58
N LEU A 61 6.01 -7.83 5.16
CA LEU A 61 6.26 -6.67 6.03
C LEU A 61 5.14 -6.51 7.07
N PRO A 62 5.42 -6.03 8.30
CA PRO A 62 4.38 -5.66 9.26
C PRO A 62 3.70 -4.39 8.78
N SER A 63 2.38 -4.27 8.95
CA SER A 63 1.66 -3.03 8.57
C SER A 63 2.18 -1.77 9.26
N GLN A 64 2.89 -1.88 10.38
CA GLN A 64 3.60 -0.77 11.03
C GLN A 64 4.73 -0.18 10.15
N GLU A 65 5.38 -1.00 9.31
CA GLU A 65 6.29 -0.50 8.26
C GLU A 65 5.52 -0.04 7.03
N VAL A 66 4.54 -0.82 6.55
CA VAL A 66 3.86 -0.53 5.30
C VAL A 66 3.08 0.77 5.40
N GLN A 67 2.44 1.05 6.54
CA GLN A 67 1.88 2.37 6.88
C GLN A 67 2.92 3.48 6.72
N ALA A 68 4.15 3.26 7.18
CA ALA A 68 5.21 4.25 7.11
C ALA A 68 5.79 4.39 5.68
N LEU A 69 5.77 3.29 4.92
CA LEU A 69 6.24 3.21 3.53
C LEU A 69 5.27 3.87 2.54
N LEU A 70 3.97 3.71 2.83
CA LEU A 70 2.84 4.45 2.26
C LEU A 70 2.89 5.93 2.67
N GLU A 71 3.19 6.26 3.92
CA GLU A 71 3.45 7.64 4.38
C GLU A 71 4.68 8.28 3.72
N GLY A 72 5.63 7.46 3.23
CA GLY A 72 6.73 7.83 2.34
C GLY A 72 6.31 8.28 0.93
N THR A 73 5.03 8.15 0.59
CA THR A 73 4.39 8.69 -0.63
C THR A 73 3.77 10.07 -0.39
N GLY A 74 3.91 10.62 0.83
CA GLY A 74 3.43 11.95 1.26
C GLY A 74 1.96 12.01 1.70
N ARG A 75 1.34 10.85 1.95
CA ARG A 75 -0.11 10.66 2.11
C ARG A 75 -0.42 9.96 3.43
N GLN A 76 -1.58 10.27 3.99
CA GLN A 76 -2.18 9.52 5.11
C GLN A 76 -2.40 8.08 4.69
N ALA A 77 -2.06 7.19 5.60
CA ALA A 77 -2.26 5.75 5.48
C ALA A 77 -2.91 5.19 6.76
N VAL A 78 -4.05 4.52 6.60
CA VAL A 78 -4.81 3.86 7.69
C VAL A 78 -5.19 2.47 7.23
N LEU A 79 -4.81 1.45 7.97
CA LEU A 79 -5.11 0.07 7.65
C LEU A 79 -6.53 -0.31 8.03
N LYS A 80 -7.18 -1.03 7.11
CA LYS A 80 -8.57 -1.46 7.24
C LYS A 80 -8.69 -2.95 7.62
N GLY A 81 -7.78 -3.79 7.13
CA GLY A 81 -7.52 -5.11 7.72
C GLY A 81 -6.71 -6.04 6.82
N MET A 82 -6.84 -7.32 7.08
CA MET A 82 -6.02 -8.40 6.55
C MET A 82 -6.86 -9.42 5.77
N GLY A 83 -6.53 -9.65 4.50
CA GLY A 83 -7.08 -10.71 3.65
C GLY A 83 -7.97 -10.21 2.50
N GLY A 13 7.04 -12.66 10.04
CA GLY A 13 6.47 -12.22 8.77
C GLY A 13 5.48 -13.23 8.17
N THR A 14 5.95 -13.93 7.15
CA THR A 14 5.20 -14.73 6.15
C THR A 14 4.08 -13.97 5.42
N LEU A 15 3.80 -14.42 4.19
CA LEU A 15 3.02 -13.66 3.21
C LEU A 15 1.53 -13.65 3.60
N CYS A 16 0.97 -12.45 3.56
CA CYS A 16 -0.44 -12.11 3.72
C CYS A 16 -0.72 -10.78 2.99
N THR A 17 -1.98 -10.53 2.61
CA THR A 17 -2.40 -9.20 2.14
C THR A 17 -2.63 -8.23 3.32
N LEU A 18 -2.28 -6.97 3.12
CA LEU A 18 -2.71 -5.81 3.91
C LEU A 18 -3.47 -4.81 3.03
N GLU A 19 -4.45 -4.13 3.61
CA GLU A 19 -5.58 -3.47 2.90
C GLU A 19 -5.87 -2.08 3.48
N PHE A 20 -5.02 -1.18 3.05
CA PHE A 20 -4.99 0.20 3.54
C PHE A 20 -5.84 1.15 2.69
N ALA A 21 -6.39 2.17 3.33
CA ALA A 21 -6.99 3.36 2.73
C ALA A 21 -5.97 4.52 2.67
N VAL A 22 -6.01 5.35 1.63
CA VAL A 22 -5.01 6.42 1.38
C VAL A 22 -5.65 7.70 0.84
N GLN A 23 -4.97 8.85 1.01
CA GLN A 23 -5.40 10.11 0.40
C GLN A 23 -4.78 10.30 -1.00
N MET A 24 -5.45 9.81 -2.04
CA MET A 24 -5.22 10.20 -3.43
C MET A 24 -6.53 10.24 -4.24
N THR A 25 -6.55 11.05 -5.30
CA THR A 25 -7.74 11.49 -6.04
C THR A 25 -7.58 11.42 -7.57
N CYS A 26 -6.33 11.40 -8.09
CA CYS A 26 -6.03 11.35 -9.52
C CYS A 26 -5.06 10.20 -9.89
N GLN A 27 -5.09 9.83 -11.18
CA GLN A 27 -4.41 8.65 -11.74
C GLN A 27 -2.87 8.67 -11.63
N SER A 28 -2.27 9.84 -11.40
CA SER A 28 -0.82 10.03 -11.23
C SER A 28 -0.29 9.68 -9.84
N CYS A 29 -1.13 9.74 -8.80
CA CYS A 29 -0.71 9.37 -7.46
C CYS A 29 -0.64 7.83 -7.33
N VAL A 30 -1.63 7.12 -7.90
CA VAL A 30 -1.75 5.66 -8.07
C VAL A 30 -0.46 5.06 -8.64
N ASP A 31 -0.01 5.61 -9.78
CA ASP A 31 1.25 5.29 -10.47
C ASP A 31 2.45 5.42 -9.52
N ALA A 32 2.42 6.45 -8.67
CA ALA A 32 3.54 6.74 -7.78
C ALA A 32 3.55 5.85 -6.53
N VAL A 33 2.40 5.57 -5.91
CA VAL A 33 2.35 4.64 -4.80
C VAL A 33 2.74 3.24 -5.28
N ARG A 34 2.25 2.81 -6.45
CA ARG A 34 2.60 1.53 -7.10
C ARG A 34 4.11 1.39 -7.29
N LYS A 35 4.81 2.47 -7.64
CA LYS A 35 6.27 2.48 -7.88
C LYS A 35 7.14 2.72 -6.64
N SER A 36 6.57 3.29 -5.57
CA SER A 36 7.15 3.17 -4.22
C SER A 36 7.05 1.74 -3.68
N LEU A 37 5.99 1.01 -4.03
CA LEU A 37 5.75 -0.39 -3.65
C LEU A 37 6.59 -1.40 -4.48
N GLN A 38 6.76 -1.13 -5.77
CA GLN A 38 7.52 -1.98 -6.69
C GLN A 38 9.00 -2.03 -6.33
N GLY A 39 9.53 -3.25 -6.21
CA GLY A 39 10.91 -3.52 -5.81
C GLY A 39 11.18 -3.50 -4.29
N VAL A 40 10.17 -3.57 -3.42
CA VAL A 40 10.33 -3.70 -1.96
C VAL A 40 10.66 -5.15 -1.61
N ALA A 41 11.72 -5.34 -0.83
CA ALA A 41 12.14 -6.64 -0.32
C ALA A 41 11.09 -7.20 0.67
N GLY A 42 10.43 -8.30 0.29
CA GLY A 42 9.33 -8.90 1.06
C GLY A 42 7.93 -8.57 0.51
N VAL A 43 7.83 -7.91 -0.65
CA VAL A 43 6.57 -7.80 -1.42
C VAL A 43 6.51 -8.93 -2.46
N GLN A 44 5.32 -9.50 -2.67
CA GLN A 44 5.01 -10.40 -3.79
C GLN A 44 4.12 -9.73 -4.85
N ASP A 45 3.16 -8.91 -4.44
CA ASP A 45 2.26 -8.18 -5.34
C ASP A 45 1.58 -7.02 -4.62
N VAL A 46 0.89 -6.22 -5.41
CA VAL A 46 0.04 -5.12 -5.00
C VAL A 46 -1.17 -5.02 -5.92
N GLU A 47 -2.28 -4.50 -5.40
CA GLU A 47 -3.50 -4.22 -6.16
C GLU A 47 -4.05 -2.87 -5.69
N VAL A 48 -4.06 -1.86 -6.58
CA VAL A 48 -4.24 -0.44 -6.23
C VAL A 48 -5.55 0.07 -6.83
N HIS A 49 -6.40 0.54 -5.92
CA HIS A 49 -7.80 0.85 -6.14
C HIS A 49 -8.09 2.32 -5.82
N LEU A 50 -7.83 3.23 -6.75
CA LEU A 50 -8.39 4.59 -6.67
C LEU A 50 -9.93 4.56 -6.52
N GLU A 51 -10.54 3.56 -7.14
CA GLU A 51 -11.99 3.30 -7.10
C GLU A 51 -12.51 2.75 -5.75
N ASP A 52 -11.63 2.55 -4.76
CA ASP A 52 -11.97 2.53 -3.32
C ASP A 52 -11.14 3.54 -2.47
N GLN A 53 -10.21 4.27 -3.09
CA GLN A 53 -8.99 4.86 -2.49
C GLN A 53 -8.21 3.86 -1.60
N MET A 54 -8.15 2.60 -2.01
CA MET A 54 -7.52 1.48 -1.30
C MET A 54 -6.21 1.05 -1.96
N VAL A 55 -5.30 0.51 -1.15
CA VAL A 55 -4.03 -0.11 -1.57
C VAL A 55 -3.94 -1.47 -0.88
N LEU A 56 -4.09 -2.55 -1.63
CA LEU A 56 -3.79 -3.89 -1.15
C LEU A 56 -2.30 -4.17 -1.41
N VAL A 57 -1.65 -4.81 -0.45
CA VAL A 57 -0.22 -5.10 -0.45
C VAL A 57 0.01 -6.54 0.04
N HIS A 58 0.35 -7.43 -0.88
CA HIS A 58 0.71 -8.84 -0.59
C HIS A 58 2.18 -8.92 -0.11
N THR A 59 2.43 -9.03 1.19
CA THR A 59 3.77 -8.87 1.79
C THR A 59 4.00 -9.64 3.10
N THR A 60 5.27 -9.92 3.45
CA THR A 60 5.70 -10.44 4.76
C THR A 60 5.93 -9.34 5.82
N LEU A 61 5.79 -8.07 5.45
CA LEU A 61 5.99 -6.93 6.35
C LEU A 61 4.76 -6.69 7.26
N PRO A 62 4.92 -6.12 8.48
CA PRO A 62 3.81 -5.85 9.41
C PRO A 62 3.18 -4.49 9.08
N SER A 63 1.89 -4.28 9.35
CA SER A 63 1.24 -2.99 9.03
C SER A 63 1.86 -1.78 9.74
N GLN A 64 2.52 -1.96 10.89
CA GLN A 64 3.31 -0.90 11.56
C GLN A 64 4.46 -0.38 10.67
N GLU A 65 4.98 -1.23 9.78
CA GLU A 65 6.01 -0.92 8.79
C GLU A 65 5.38 -0.38 7.49
N VAL A 66 4.33 -1.03 6.98
CA VAL A 66 3.71 -0.68 5.70
C VAL A 66 3.00 0.66 5.78
N GLN A 67 2.37 1.01 6.92
CA GLN A 67 1.79 2.34 7.12
C GLN A 67 2.84 3.43 6.87
N ALA A 68 4.03 3.31 7.44
CA ALA A 68 5.08 4.33 7.32
C ALA A 68 5.75 4.29 5.94
N LEU A 69 5.76 3.12 5.28
CA LEU A 69 6.22 2.96 3.90
C LEU A 69 5.29 3.63 2.87
N LEU A 70 3.97 3.51 3.09
CA LEU A 70 2.91 4.17 2.32
C LEU A 70 2.89 5.68 2.57
N GLU A 71 2.99 6.11 3.83
CA GLU A 71 3.10 7.51 4.27
C GLU A 71 4.28 8.25 3.60
N GLY A 72 5.41 7.55 3.38
CA GLY A 72 6.58 8.07 2.68
C GLY A 72 6.34 8.50 1.22
N THR A 73 5.23 8.08 0.61
CA THR A 73 4.82 8.54 -0.74
C THR A 73 4.28 9.98 -0.74
N GLY A 74 4.16 10.62 0.43
CA GLY A 74 3.80 12.05 0.56
C GLY A 74 2.30 12.32 0.74
N ARG A 75 1.56 11.33 1.25
CA ARG A 75 0.12 11.36 1.54
C ARG A 75 -0.17 10.50 2.76
N GLN A 76 -1.38 10.63 3.32
CA GLN A 76 -1.82 9.81 4.46
C GLN A 76 -2.18 8.39 4.01
N ALA A 77 -1.88 7.45 4.90
CA ALA A 77 -2.29 6.04 4.88
C ALA A 77 -2.96 5.64 6.21
N VAL A 78 -4.11 4.97 6.14
CA VAL A 78 -4.94 4.53 7.28
C VAL A 78 -5.38 3.09 7.01
N LEU A 79 -5.12 2.18 7.93
CA LEU A 79 -5.46 0.79 7.73
C LEU A 79 -6.92 0.47 8.01
N LYS A 80 -7.49 -0.40 7.16
CA LYS A 80 -8.86 -0.89 7.27
C LYS A 80 -8.97 -2.35 7.74
N GLY A 81 -8.00 -3.20 7.39
CA GLY A 81 -7.81 -4.51 8.03
C GLY A 81 -6.69 -5.37 7.46
N MET A 82 -6.89 -6.69 7.42
CA MET A 82 -5.93 -7.71 7.04
C MET A 82 -6.57 -8.77 6.12
N GLY A 83 -5.88 -9.09 5.02
CA GLY A 83 -6.41 -9.88 3.91
C GLY A 83 -6.92 -9.03 2.74
N GLY A 13 7.62 -13.24 9.73
CA GLY A 13 6.83 -12.44 8.79
C GLY A 13 5.67 -13.21 8.17
N THR A 14 5.99 -13.98 7.11
CA THR A 14 5.13 -14.82 6.24
C THR A 14 3.97 -14.10 5.52
N LEU A 15 3.59 -14.60 4.35
CA LEU A 15 2.79 -13.88 3.38
C LEU A 15 1.33 -13.63 3.80
N CYS A 16 0.93 -12.36 3.66
CA CYS A 16 -0.38 -11.82 3.98
C CYS A 16 -0.77 -10.73 2.96
N THR A 17 -2.07 -10.47 2.82
CA THR A 17 -2.56 -9.23 2.18
C THR A 17 -2.81 -8.17 3.24
N LEU A 18 -2.45 -6.94 2.94
CA LEU A 18 -2.79 -5.75 3.74
C LEU A 18 -3.52 -4.72 2.91
N GLU A 19 -4.54 -4.15 3.52
CA GLU A 19 -5.61 -3.36 2.85
C GLU A 19 -5.76 -1.95 3.45
N PHE A 20 -5.03 -0.98 2.90
CA PHE A 20 -4.97 0.39 3.42
C PHE A 20 -5.84 1.37 2.64
N ALA A 21 -6.45 2.31 3.35
CA ALA A 21 -7.02 3.53 2.75
C ALA A 21 -5.97 4.67 2.67
N VAL A 22 -5.96 5.46 1.59
CA VAL A 22 -4.94 6.50 1.31
C VAL A 22 -5.51 7.71 0.57
N GLN A 23 -4.87 8.88 0.70
CA GLN A 23 -5.28 10.11 0.01
C GLN A 23 -4.69 10.24 -1.40
N MET A 24 -5.46 9.88 -2.43
CA MET A 24 -5.13 10.16 -3.85
C MET A 24 -6.37 10.42 -4.74
N THR A 25 -6.15 11.05 -5.90
CA THR A 25 -7.24 11.70 -6.69
C THR A 25 -7.22 11.50 -8.21
N CYS A 26 -6.10 11.14 -8.86
CA CYS A 26 -6.07 10.70 -10.27
C CYS A 26 -5.12 9.50 -10.54
N GLN A 27 -5.18 8.94 -11.76
CA GLN A 27 -4.45 7.74 -12.20
C GLN A 27 -2.90 7.81 -12.06
N SER A 28 -2.31 9.01 -11.95
CA SER A 28 -0.86 9.16 -11.74
C SER A 28 -0.41 9.06 -10.27
N CYS A 29 -1.32 9.24 -9.31
CA CYS A 29 -1.01 9.13 -7.89
C CYS A 29 -0.99 7.64 -7.44
N VAL A 30 -1.89 6.84 -8.02
CA VAL A 30 -1.96 5.36 -7.94
C VAL A 30 -0.60 4.78 -8.30
N ASP A 31 -0.04 5.21 -9.43
CA ASP A 31 1.29 4.82 -9.92
C ASP A 31 2.41 5.19 -8.95
N ALA A 32 2.29 6.35 -8.31
CA ALA A 32 3.29 6.85 -7.38
C ALA A 32 3.28 6.05 -6.07
N VAL A 33 2.10 5.86 -5.48
CA VAL A 33 1.95 5.14 -4.23
C VAL A 33 2.16 3.63 -4.41
N ARG A 34 1.91 3.08 -5.61
CA ARG A 34 2.38 1.73 -6.00
C ARG A 34 3.90 1.63 -5.94
N LYS A 35 4.64 2.62 -6.46
CA LYS A 35 6.09 2.53 -6.70
C LYS A 35 6.97 2.74 -5.46
N SER A 36 6.41 3.32 -4.41
CA SER A 36 6.94 3.20 -3.04
C SER A 36 6.92 1.76 -2.49
N LEU A 37 6.04 0.88 -3.00
CA LEU A 37 5.89 -0.53 -2.59
C LEU A 37 6.59 -1.52 -3.53
N GLN A 38 6.55 -1.24 -4.83
CA GLN A 38 6.87 -2.17 -5.90
C GLN A 38 8.37 -2.33 -6.06
N GLY A 39 8.87 -3.54 -5.82
CA GLY A 39 10.30 -3.83 -5.70
C GLY A 39 10.90 -3.62 -4.31
N VAL A 40 10.09 -3.42 -3.26
CA VAL A 40 10.52 -3.46 -1.86
C VAL A 40 10.71 -4.91 -1.42
N ALA A 41 11.86 -5.17 -0.81
CA ALA A 41 12.22 -6.47 -0.24
C ALA A 41 11.16 -6.99 0.76
N GLY A 42 10.45 -8.06 0.36
CA GLY A 42 9.33 -8.67 1.09
C GLY A 42 7.92 -8.36 0.53
N VAL A 43 7.80 -7.59 -0.57
CA VAL A 43 6.54 -7.34 -1.30
C VAL A 43 6.50 -8.19 -2.59
N GLN A 44 5.41 -8.94 -2.78
CA GLN A 44 5.25 -9.95 -3.83
C GLN A 44 4.27 -9.55 -4.95
N ASP A 45 3.18 -8.88 -4.59
CA ASP A 45 2.23 -8.20 -5.50
C ASP A 45 1.62 -6.98 -4.81
N VAL A 46 1.01 -6.14 -5.63
CA VAL A 46 0.16 -5.00 -5.25
C VAL A 46 -1.06 -4.92 -6.16
N GLU A 47 -2.17 -4.40 -5.64
CA GLU A 47 -3.40 -4.15 -6.40
C GLU A 47 -4.03 -2.86 -5.84
N VAL A 48 -4.18 -1.83 -6.67
CA VAL A 48 -4.42 -0.46 -6.18
C VAL A 48 -5.68 0.13 -6.78
N HIS A 49 -6.56 0.57 -5.89
CA HIS A 49 -7.96 0.88 -6.15
C HIS A 49 -8.26 2.32 -5.81
N LEU A 50 -7.97 3.24 -6.74
CA LEU A 50 -8.41 4.62 -6.61
C LEU A 50 -9.94 4.72 -6.45
N GLU A 51 -10.64 3.79 -7.08
CA GLU A 51 -12.10 3.72 -7.03
C GLU A 51 -12.66 3.30 -5.65
N ASP A 52 -11.80 2.91 -4.70
CA ASP A 52 -12.12 2.87 -3.25
C ASP A 52 -11.17 3.76 -2.41
N GLN A 53 -10.27 4.50 -3.05
CA GLN A 53 -9.08 5.13 -2.48
C GLN A 53 -8.22 4.17 -1.62
N MET A 54 -8.18 2.89 -2.03
CA MET A 54 -7.59 1.78 -1.30
C MET A 54 -6.34 1.18 -1.98
N VAL A 55 -5.50 0.51 -1.20
CA VAL A 55 -4.25 -0.13 -1.62
C VAL A 55 -4.15 -1.53 -1.02
N LEU A 56 -3.95 -2.56 -1.86
CA LEU A 56 -3.63 -3.91 -1.45
C LEU A 56 -2.14 -4.18 -1.65
N VAL A 57 -1.54 -4.83 -0.65
CA VAL A 57 -0.11 -5.13 -0.60
C VAL A 57 0.04 -6.58 -0.14
N HIS A 58 0.41 -7.47 -1.05
CA HIS A 58 0.71 -8.88 -0.78
C HIS A 58 2.18 -9.01 -0.33
N THR A 59 2.42 -9.24 0.97
CA THR A 59 3.75 -9.05 1.61
C THR A 59 3.98 -9.92 2.85
N THR A 60 5.26 -10.16 3.19
CA THR A 60 5.70 -10.68 4.51
C THR A 60 5.99 -9.60 5.57
N LEU A 61 5.86 -8.30 5.24
CA LEU A 61 6.15 -7.17 6.13
C LEU A 61 5.07 -6.95 7.21
N PRO A 62 5.37 -6.32 8.36
CA PRO A 62 4.37 -5.92 9.35
C PRO A 62 3.60 -4.69 8.86
N SER A 63 2.31 -4.55 9.19
CA SER A 63 1.56 -3.34 8.77
C SER A 63 2.13 -2.03 9.31
N GLN A 64 2.83 -2.08 10.45
CA GLN A 64 3.62 -0.96 11.01
C GLN A 64 4.69 -0.44 10.01
N GLU A 65 5.24 -1.33 9.20
CA GLU A 65 6.28 -1.04 8.21
C GLU A 65 5.68 -0.55 6.89
N VAL A 66 4.61 -1.20 6.40
CA VAL A 66 3.91 -0.84 5.17
C VAL A 66 3.22 0.51 5.31
N GLN A 67 2.62 0.81 6.48
CA GLN A 67 2.11 2.14 6.76
C GLN A 67 3.19 3.21 6.57
N ALA A 68 4.41 3.02 7.05
CA ALA A 68 5.45 4.04 6.92
C ALA A 68 6.02 4.08 5.48
N LEU A 69 5.90 2.97 4.73
CA LEU A 69 6.20 2.91 3.30
C LEU A 69 5.18 3.70 2.45
N LEU A 70 3.90 3.60 2.81
CA LEU A 70 2.78 4.35 2.26
C LEU A 70 2.84 5.84 2.66
N GLU A 71 3.09 6.14 3.94
CA GLU A 71 3.27 7.49 4.49
C GLU A 71 4.45 8.24 3.85
N GLY A 72 5.52 7.51 3.49
CA GLY A 72 6.68 8.02 2.74
C GLY A 72 6.39 8.52 1.32
N THR A 73 5.14 8.39 0.83
CA THR A 73 4.64 9.00 -0.42
C THR A 73 4.19 10.46 -0.23
N GLY A 74 4.21 10.96 1.01
CA GLY A 74 3.80 12.33 1.38
C GLY A 74 2.29 12.49 1.59
N ARG A 75 1.56 11.38 1.82
CA ARG A 75 0.11 11.28 1.87
C ARG A 75 -0.34 10.56 3.14
N GLN A 76 -1.54 10.87 3.60
CA GLN A 76 -2.21 10.10 4.63
C GLN A 76 -2.48 8.66 4.17
N ALA A 77 -2.26 7.76 5.12
CA ALA A 77 -2.50 6.31 5.04
C ALA A 77 -3.14 5.84 6.35
N VAL A 78 -4.27 5.15 6.25
CA VAL A 78 -5.04 4.59 7.36
C VAL A 78 -5.41 3.16 7.00
N LEU A 79 -4.93 2.22 7.80
CA LEU A 79 -5.24 0.81 7.59
C LEU A 79 -6.70 0.49 7.87
N LYS A 80 -7.25 -0.41 7.06
CA LYS A 80 -8.61 -0.95 7.23
C LYS A 80 -8.62 -2.37 7.79
N GLY A 81 -7.68 -3.21 7.39
CA GLY A 81 -7.39 -4.50 8.01
C GLY A 81 -6.44 -5.33 7.14
N MET A 82 -6.25 -6.59 7.54
CA MET A 82 -5.61 -7.62 6.75
C MET A 82 -6.63 -8.24 5.79
N GLY A 83 -6.18 -8.55 4.57
CA GLY A 83 -7.00 -8.96 3.43
C GLY A 83 -7.40 -10.43 3.40
#